data_3M7W
#
_entry.id   3M7W
#
_cell.length_a   184.334
_cell.length_b   66.576
_cell.length_c   128.230
_cell.angle_alpha   90.00
_cell.angle_beta   119.08
_cell.angle_gamma   90.00
#
_symmetry.space_group_name_H-M   'C 1 2 1'
#
loop_
_entity.id
_entity.type
_entity.pdbx_description
1 polymer '3-dehydroquinate dehydratase'
2 non-polymer '1,3,4-TRIHYDROXY-5-OXO-CYCLOHEXANECARBOXYLIC ACID'
3 non-polymer GLYCEROL
4 water water
#
_entity_poly.entity_id   1
_entity_poly.type   'polypeptide(L)'
_entity_poly.pdbx_seq_one_letter_code
;SNAMKTVTVRDLVVGEGAPKIIVSLMGKTITDVKSEALAYREADFDILEWRVDHFANVTTAESVLEAAGAIREIITDKPL
LFTFRSAKEGGEQALTTGQYIDLNRAAVDSGLVDMIDLELFTGDDEVKATVGYAHQHNVAVIMSNHDFHKTPAAEEIVQR
LRKMQELGADIPKIAVMPQTKADVLTLLTATVEMQERYADRPIITMSMSKTGVISRLAGEVFGSAATFGAVKKASAPGQI
SVADLRTVLTILHQA
;
_entity_poly.pdbx_strand_id   A,B,C,D,E,F
#
loop_
_chem_comp.id
_chem_comp.type
_chem_comp.name
_chem_comp.formula
DQA non-polymer '1,3,4-TRIHYDROXY-5-OXO-CYCLOHEXANECARBOXYLIC ACID' 'C7 H10 O6'
GOL non-polymer GLYCEROL 'C3 H8 O3'
#
# COMPACT_ATOMS: atom_id res chain seq x y z
N LYS A 5 -47.34 -21.43 1.93
CA LYS A 5 -48.41 -21.72 0.91
C LYS A 5 -49.27 -20.46 0.67
N THR A 6 -49.88 -20.40 -0.52
CA THR A 6 -50.69 -19.26 -0.93
C THR A 6 -52.12 -19.65 -1.25
N VAL A 7 -52.97 -18.63 -1.39
CA VAL A 7 -54.36 -18.83 -1.72
C VAL A 7 -54.65 -18.01 -2.96
N THR A 8 -55.14 -18.67 -4.01
CA THR A 8 -55.45 -17.97 -5.26
C THR A 8 -56.95 -17.79 -5.41
N VAL A 9 -57.38 -16.55 -5.64
CA VAL A 9 -58.78 -16.21 -5.81
C VAL A 9 -58.90 -15.37 -7.09
N ARG A 10 -59.69 -15.83 -8.07
CA ARG A 10 -59.82 -15.10 -9.37
C ARG A 10 -58.50 -14.53 -9.91
N ASP A 11 -57.47 -15.36 -9.95
CA ASP A 11 -56.16 -14.96 -10.47
C ASP A 11 -55.34 -14.06 -9.56
N LEU A 12 -55.84 -13.73 -8.37
CA LEU A 12 -55.08 -12.93 -7.42
C LEU A 12 -54.43 -13.91 -6.46
N VAL A 13 -53.10 -13.84 -6.33
CA VAL A 13 -52.37 -14.79 -5.49
C VAL A 13 -52.08 -14.17 -4.14
N VAL A 14 -52.85 -14.57 -3.15
CA VAL A 14 -52.70 -14.02 -1.82
C VAL A 14 -51.58 -14.78 -1.11
N GLY A 15 -50.65 -14.02 -0.51
CA GLY A 15 -49.51 -14.57 0.22
C GLY A 15 -48.20 -14.48 -0.56
N GLU A 16 -48.22 -13.73 -1.65
CA GLU A 16 -47.08 -13.57 -2.53
C GLU A 16 -47.00 -12.10 -2.93
N GLY A 17 -45.78 -11.58 -3.08
CA GLY A 17 -45.58 -10.21 -3.45
C GLY A 17 -46.07 -9.25 -2.38
N ALA A 18 -46.56 -8.10 -2.81
CA ALA A 18 -47.01 -7.05 -1.87
C ALA A 18 -48.36 -7.42 -1.28
N PRO A 19 -48.61 -6.98 -0.03
CA PRO A 19 -49.90 -7.24 0.61
C PRO A 19 -51.01 -6.74 -0.27
N LYS A 20 -52.12 -7.48 -0.31
CA LYS A 20 -53.23 -7.09 -1.17
C LYS A 20 -54.17 -6.11 -0.46
N ILE A 21 -54.62 -5.09 -1.18
CA ILE A 21 -55.53 -4.10 -0.63
C ILE A 21 -56.98 -4.59 -0.71
N ILE A 22 -57.66 -4.55 0.43
CA ILE A 22 -59.07 -4.89 0.52
C ILE A 22 -59.76 -3.59 0.95
N VAL A 23 -60.93 -3.32 0.36
CA VAL A 23 -61.76 -2.15 0.71
C VAL A 23 -63.14 -2.72 1.01
N SER A 24 -63.82 -2.15 2.00
CA SER A 24 -65.12 -2.65 2.39
C SER A 24 -66.21 -1.79 1.76
N LEU A 25 -67.19 -2.44 1.15
CA LEU A 25 -68.31 -1.73 0.56
C LEU A 25 -69.40 -1.81 1.62
N MET A 26 -69.97 -0.66 1.95
CA MET A 26 -70.97 -0.56 2.97
C MET A 26 -72.16 0.19 2.39
N GLY A 27 -73.13 -0.53 1.86
CA GLY A 27 -74.32 0.07 1.32
C GLY A 27 -75.48 -0.44 2.15
N LYS A 28 -76.44 0.44 2.44
CA LYS A 28 -77.61 0.05 3.23
C LYS A 28 -78.70 -0.58 2.35
N THR A 29 -78.87 -0.06 1.15
CA THR A 29 -79.88 -0.54 0.20
C THR A 29 -79.26 -0.97 -1.13
N ILE A 30 -80.07 -1.59 -1.99
CA ILE A 30 -79.59 -2.03 -3.30
C ILE A 30 -79.07 -0.82 -4.07
N THR A 31 -79.77 0.31 -3.97
CA THR A 31 -79.37 1.54 -4.65
C THR A 31 -78.02 2.03 -4.18
N ASP A 32 -77.80 2.03 -2.87
CA ASP A 32 -76.55 2.47 -2.30
C ASP A 32 -75.45 1.47 -2.68
N VAL A 33 -75.78 0.18 -2.66
CA VAL A 33 -74.80 -0.85 -3.04
C VAL A 33 -74.36 -0.61 -4.48
N LYS A 34 -75.30 -0.38 -5.39
CA LYS A 34 -74.95 -0.09 -6.80
C LYS A 34 -74.09 1.17 -6.96
N SER A 35 -74.49 2.28 -6.34
CA SER A 35 -73.72 3.51 -6.49
C SER A 35 -72.34 3.42 -5.85
N GLU A 36 -72.25 2.74 -4.72
CA GLU A 36 -70.96 2.55 -4.08
C GLU A 36 -70.03 1.71 -4.95
N ALA A 37 -70.57 0.61 -5.48
CA ALA A 37 -69.82 -0.28 -6.36
C ALA A 37 -69.27 0.49 -7.56
N LEU A 38 -70.14 1.27 -8.22
CA LEU A 38 -69.72 2.07 -9.36
C LEU A 38 -68.61 3.02 -8.97
N ALA A 39 -68.78 3.69 -7.84
CA ALA A 39 -67.77 4.64 -7.35
C ALA A 39 -66.45 3.96 -6.99
N TYR A 40 -66.52 2.72 -6.50
CA TYR A 40 -65.31 1.97 -6.11
C TYR A 40 -64.41 1.54 -7.27
N ARG A 41 -64.95 1.52 -8.50
CA ARG A 41 -64.15 1.14 -9.67
C ARG A 41 -62.97 2.07 -9.91
N GLU A 42 -63.07 3.29 -9.40
CA GLU A 42 -62.00 4.27 -9.54
C GLU A 42 -60.81 3.96 -8.61
N ALA A 43 -61.08 3.32 -7.48
CA ALA A 43 -60.04 3.03 -6.49
C ALA A 43 -59.17 1.84 -6.89
N ASP A 44 -57.90 1.90 -6.51
CA ASP A 44 -56.94 0.86 -6.83
C ASP A 44 -56.88 -0.20 -5.73
N PHE A 45 -57.86 -1.10 -5.67
CA PHE A 45 -57.89 -2.17 -4.66
C PHE A 45 -57.75 -3.54 -5.34
N ASP A 46 -57.43 -4.56 -4.56
CA ASP A 46 -57.25 -5.93 -5.06
C ASP A 46 -58.44 -6.84 -4.76
N ILE A 47 -59.04 -6.68 -3.57
CA ILE A 47 -60.20 -7.45 -3.16
C ILE A 47 -61.29 -6.53 -2.61
N LEU A 48 -62.52 -6.82 -2.99
CA LEU A 48 -63.65 -6.07 -2.52
C LEU A 48 -64.38 -6.88 -1.45
N GLU A 49 -64.46 -6.32 -0.24
CA GLU A 49 -65.21 -6.95 0.85
C GLU A 49 -66.56 -6.28 0.91
N TRP A 50 -67.62 -7.09 0.84
CA TRP A 50 -68.96 -6.56 1.01
C TRP A 50 -69.33 -6.76 2.48
N ARG A 51 -69.44 -5.65 3.21
CA ARG A 51 -69.84 -5.72 4.60
C ARG A 51 -71.36 -5.82 4.65
N VAL A 52 -71.81 -7.06 4.64
CA VAL A 52 -73.20 -7.40 4.64
C VAL A 52 -73.98 -6.91 5.88
N ASP A 53 -73.32 -6.83 7.03
CA ASP A 53 -73.98 -6.34 8.25
C ASP A 53 -74.46 -4.88 8.13
N HIS A 54 -73.88 -4.13 7.20
CA HIS A 54 -74.29 -2.72 6.93
C HIS A 54 -75.52 -2.66 6.06
N PHE A 55 -75.83 -3.79 5.43
CA PHE A 55 -76.96 -3.91 4.53
C PHE A 55 -78.19 -3.99 5.43
N ALA A 56 -79.27 -3.31 5.05
CA ALA A 56 -80.49 -3.26 5.86
C ALA A 56 -81.35 -4.52 5.75
N ASN A 57 -81.50 -5.07 4.56
CA ASN A 57 -82.33 -6.28 4.36
C ASN A 57 -81.54 -7.58 4.36
N VAL A 58 -80.80 -7.86 5.43
CA VAL A 58 -79.97 -9.08 5.49
C VAL A 58 -80.76 -10.38 5.65
N THR A 59 -81.93 -10.32 6.27
CA THR A 59 -82.72 -11.52 6.46
C THR A 59 -83.61 -11.90 5.26
N THR A 60 -83.64 -11.07 4.21
CA THR A 60 -84.40 -11.38 2.99
C THR A 60 -83.43 -11.91 1.92
N ALA A 61 -83.36 -13.23 1.78
CA ALA A 61 -82.41 -13.90 0.87
C ALA A 61 -82.39 -13.28 -0.53
N GLU A 62 -83.58 -13.14 -1.11
CA GLU A 62 -83.73 -12.55 -2.45
C GLU A 62 -83.07 -11.17 -2.54
N SER A 63 -83.13 -10.38 -1.46
CA SER A 63 -82.52 -9.05 -1.46
C SER A 63 -80.99 -9.14 -1.42
N VAL A 64 -80.48 -9.97 -0.50
CA VAL A 64 -79.04 -10.19 -0.38
C VAL A 64 -78.47 -10.64 -1.73
N LEU A 65 -79.12 -11.62 -2.35
CA LEU A 65 -78.73 -12.16 -3.66
C LEU A 65 -78.71 -11.11 -4.76
N GLU A 66 -79.73 -10.25 -4.79
CA GLU A 66 -79.82 -9.19 -5.79
C GLU A 66 -78.63 -8.21 -5.62
N ALA A 67 -78.33 -7.84 -4.38
CA ALA A 67 -77.20 -6.93 -4.11
C ALA A 67 -75.86 -7.59 -4.52
N ALA A 68 -75.65 -8.84 -4.13
CA ALA A 68 -74.40 -9.55 -4.50
C ALA A 68 -74.23 -9.57 -6.01
N GLY A 69 -75.34 -9.83 -6.70
CA GLY A 69 -75.34 -9.88 -8.16
C GLY A 69 -75.00 -8.55 -8.76
N ALA A 70 -75.50 -7.48 -8.14
CA ALA A 70 -75.22 -6.12 -8.63
C ALA A 70 -73.73 -5.81 -8.53
N ILE A 71 -73.15 -6.13 -7.38
CA ILE A 71 -71.72 -5.90 -7.13
C ILE A 71 -70.88 -6.69 -8.14
N ARG A 72 -71.22 -7.97 -8.29
CA ARG A 72 -70.50 -8.88 -9.21
C ARG A 72 -70.52 -8.35 -10.65
N GLU A 73 -71.63 -7.73 -11.04
CA GLU A 73 -71.81 -7.18 -12.39
C GLU A 73 -71.01 -5.91 -12.61
N ILE A 74 -70.86 -5.10 -11.57
CA ILE A 74 -70.11 -3.84 -11.66
C ILE A 74 -68.60 -4.07 -11.48
N ILE A 75 -68.26 -4.93 -10.51
CA ILE A 75 -66.87 -5.25 -10.22
C ILE A 75 -66.59 -6.66 -10.73
N THR A 76 -66.30 -6.76 -12.02
CA THR A 76 -66.11 -8.05 -12.67
C THR A 76 -64.70 -8.62 -12.57
N ASP A 77 -63.71 -7.80 -12.28
N ASP A 77 -63.74 -7.71 -12.39
CA ASP A 77 -62.35 -8.33 -12.20
CA ASP A 77 -62.31 -8.06 -12.38
C ASP A 77 -62.02 -8.95 -10.82
C ASP A 77 -61.64 -8.17 -11.00
N LYS A 78 -62.13 -8.10 -9.81
N LYS A 78 -62.41 -8.50 -9.96
CA LYS A 78 -61.75 -8.40 -8.43
CA LYS A 78 -61.83 -8.59 -8.62
C LYS A 78 -62.49 -9.52 -7.70
C LYS A 78 -62.52 -9.63 -7.76
N PRO A 79 -61.77 -10.24 -6.83
CA PRO A 79 -62.36 -11.20 -5.92
C PRO A 79 -63.34 -10.47 -5.01
N LEU A 80 -64.46 -11.11 -4.70
CA LEU A 80 -65.47 -10.56 -3.84
C LEU A 80 -65.54 -11.41 -2.58
N LEU A 81 -65.33 -10.73 -1.44
CA LEU A 81 -65.39 -11.32 -0.11
C LEU A 81 -66.72 -10.94 0.55
N PHE A 82 -67.48 -11.95 0.96
CA PHE A 82 -68.78 -11.78 1.61
C PHE A 82 -68.55 -11.84 3.11
N THR A 83 -68.80 -10.73 3.80
CA THR A 83 -68.59 -10.63 5.25
C THR A 83 -69.72 -10.03 6.03
N PHE A 84 -70.35 -10.87 6.84
CA PHE A 84 -71.33 -10.40 7.78
C PHE A 84 -70.56 -10.33 9.08
N ARG A 85 -70.23 -9.12 9.52
CA ARG A 85 -69.51 -8.96 10.76
C ARG A 85 -70.57 -8.86 11.85
N SER A 86 -70.53 -9.77 12.82
CA SER A 86 -71.55 -9.79 13.89
C SER A 86 -71.37 -8.62 14.86
N ALA A 87 -72.48 -8.16 15.44
CA ALA A 87 -72.44 -7.03 16.39
C ALA A 87 -71.45 -7.32 17.49
N LYS A 88 -71.41 -8.59 17.88
CA LYS A 88 -70.55 -9.12 18.93
C LYS A 88 -69.07 -8.81 18.69
N GLU A 89 -68.65 -8.74 17.44
CA GLU A 89 -67.26 -8.45 17.10
C GLU A 89 -67.09 -7.17 16.30
N GLY A 90 -67.87 -6.15 16.68
CA GLY A 90 -67.78 -4.84 16.05
C GLY A 90 -68.74 -4.54 14.91
N GLY A 91 -69.58 -5.50 14.53
CA GLY A 91 -70.50 -5.31 13.41
C GLY A 91 -71.71 -4.45 13.72
N GLU A 92 -72.51 -4.20 12.69
CA GLU A 92 -73.69 -3.32 12.79
C GLU A 92 -74.96 -3.94 13.34
N GLN A 93 -75.11 -5.26 13.21
CA GLN A 93 -76.31 -5.96 13.68
C GLN A 93 -76.03 -7.42 14.08
N ALA A 94 -77.02 -8.05 14.70
CA ALA A 94 -76.87 -9.40 15.15
C ALA A 94 -77.86 -10.29 14.44
N LEU A 95 -77.48 -11.56 14.37
CA LEU A 95 -78.29 -12.59 13.81
C LEU A 95 -78.08 -13.77 14.72
N THR A 96 -79.00 -14.72 14.65
CA THR A 96 -78.86 -15.95 15.39
C THR A 96 -77.77 -16.74 14.68
N THR A 97 -77.20 -17.71 15.36
CA THR A 97 -76.18 -18.56 14.77
C THR A 97 -76.72 -19.19 13.47
N GLY A 98 -77.94 -19.70 13.54
CA GLY A 98 -78.59 -20.35 12.42
C GLY A 98 -78.73 -19.43 11.24
N GLN A 99 -79.21 -18.21 11.49
CA GLN A 99 -79.36 -17.19 10.46
C GLN A 99 -78.03 -16.87 9.77
N TYR A 100 -77.01 -16.69 10.59
CA TYR A 100 -75.65 -16.38 10.15
C TYR A 100 -75.10 -17.49 9.25
N ILE A 101 -75.30 -18.74 9.66
CA ILE A 101 -74.83 -19.89 8.87
C ILE A 101 -75.61 -19.97 7.55
N ASP A 102 -76.93 -19.92 7.60
CA ASP A 102 -77.75 -19.94 6.38
C ASP A 102 -77.39 -18.80 5.40
N LEU A 103 -77.10 -17.62 5.94
CA LEU A 103 -76.71 -16.48 5.13
C LEU A 103 -75.45 -16.80 4.33
N ASN A 104 -74.42 -17.24 5.05
CA ASN A 104 -73.14 -17.60 4.43
C ASN A 104 -73.24 -18.77 3.47
N ARG A 105 -74.05 -19.77 3.81
CA ARG A 105 -74.27 -20.91 2.91
C ARG A 105 -74.96 -20.46 1.64
N ALA A 106 -75.88 -19.51 1.76
CA ALA A 106 -76.58 -18.97 0.60
C ALA A 106 -75.61 -18.19 -0.30
N ALA A 107 -74.68 -17.48 0.32
CA ALA A 107 -73.68 -16.75 -0.44
C ALA A 107 -72.80 -17.76 -1.19
N VAL A 108 -72.35 -18.79 -0.49
CA VAL A 108 -71.54 -19.83 -1.11
C VAL A 108 -72.24 -20.48 -2.29
N ASP A 109 -73.51 -20.83 -2.12
CA ASP A 109 -74.30 -21.52 -3.14
C ASP A 109 -74.61 -20.65 -4.37
N SER A 110 -74.65 -19.33 -4.21
CA SER A 110 -74.99 -18.40 -5.30
C SER A 110 -73.97 -18.34 -6.45
N GLY A 111 -72.71 -18.63 -6.15
CA GLY A 111 -71.65 -18.57 -7.16
C GLY A 111 -71.19 -17.15 -7.41
N LEU A 112 -71.75 -16.21 -6.65
CA LEU A 112 -71.43 -14.81 -6.80
C LEU A 112 -70.24 -14.35 -6.00
N VAL A 113 -69.80 -15.13 -5.01
CA VAL A 113 -68.71 -14.71 -4.15
C VAL A 113 -67.55 -15.71 -4.16
N ASP A 114 -66.35 -15.16 -4.10
CA ASP A 114 -65.13 -15.95 -4.15
C ASP A 114 -64.66 -16.40 -2.78
N MET A 115 -65.06 -15.64 -1.76
N MET A 115 -65.06 -15.64 -1.76
CA MET A 115 -64.66 -15.91 -0.40
CA MET A 115 -64.63 -15.88 -0.41
C MET A 115 -65.75 -15.50 0.57
C MET A 115 -65.72 -15.49 0.58
N ILE A 116 -65.73 -16.12 1.75
CA ILE A 116 -66.64 -15.76 2.83
C ILE A 116 -65.82 -15.57 4.09
N ASP A 117 -66.30 -14.68 4.96
CA ASP A 117 -65.67 -14.50 6.28
C ASP A 117 -66.54 -15.25 7.29
N LEU A 118 -65.92 -16.09 8.11
CA LEU A 118 -66.58 -16.83 9.17
C LEU A 118 -65.85 -16.50 10.45
N GLU A 119 -66.58 -16.04 11.45
CA GLU A 119 -65.97 -15.70 12.74
C GLU A 119 -65.61 -16.97 13.53
N LEU A 120 -64.38 -17.01 14.03
CA LEU A 120 -63.89 -18.12 14.79
C LEU A 120 -64.84 -18.47 15.95
N PHE A 121 -65.34 -17.46 16.66
CA PHE A 121 -66.19 -17.76 17.82
C PHE A 121 -67.67 -18.15 17.54
N THR A 122 -67.99 -18.47 16.29
CA THR A 122 -69.33 -18.89 15.92
C THR A 122 -69.71 -20.25 16.53
N GLY A 123 -68.72 -21.12 16.72
CA GLY A 123 -68.92 -22.48 17.24
C GLY A 123 -68.19 -23.47 16.33
N ASP A 124 -67.41 -24.37 16.91
CA ASP A 124 -66.62 -25.29 16.09
C ASP A 124 -67.44 -26.15 15.14
N ASP A 125 -68.53 -26.72 15.62
CA ASP A 125 -69.40 -27.53 14.78
C ASP A 125 -69.87 -26.76 13.56
N GLU A 126 -70.41 -25.57 13.80
CA GLU A 126 -70.93 -24.71 12.75
C GLU A 126 -69.84 -24.22 11.77
N VAL A 127 -68.69 -23.83 12.29
CA VAL A 127 -67.58 -23.36 11.47
C VAL A 127 -67.08 -24.49 10.58
N LYS A 128 -66.79 -25.64 11.18
N LYS A 128 -66.78 -25.63 11.18
CA LYS A 128 -66.33 -26.83 10.44
CA LYS A 128 -66.29 -26.80 10.43
C LYS A 128 -67.25 -27.15 9.28
C LYS A 128 -67.24 -27.21 9.29
N ALA A 129 -68.54 -27.25 9.58
CA ALA A 129 -69.53 -27.59 8.58
C ALA A 129 -69.57 -26.57 7.44
N THR A 130 -69.51 -25.30 7.77
CA THR A 130 -69.59 -24.24 6.75
C THR A 130 -68.29 -24.11 5.96
N VAL A 131 -67.15 -24.35 6.60
CA VAL A 131 -65.89 -24.37 5.90
C VAL A 131 -65.95 -25.51 4.88
N GLY A 132 -66.44 -26.67 5.31
CA GLY A 132 -66.57 -27.82 4.43
C GLY A 132 -67.45 -27.50 3.24
N TYR A 133 -68.57 -26.85 3.54
CA TYR A 133 -69.52 -26.50 2.50
C TYR A 133 -68.90 -25.53 1.51
N ALA A 134 -68.23 -24.49 2.02
CA ALA A 134 -67.59 -23.51 1.19
C ALA A 134 -66.59 -24.17 0.23
N HIS A 135 -65.74 -25.05 0.78
CA HIS A 135 -64.74 -25.71 -0.01
C HIS A 135 -65.32 -26.65 -1.08
N GLN A 136 -66.52 -27.18 -0.83
CA GLN A 136 -67.20 -28.03 -1.81
C GLN A 136 -67.73 -27.22 -3.00
N HIS A 137 -67.81 -25.89 -2.85
CA HIS A 137 -68.27 -25.00 -3.92
C HIS A 137 -67.17 -24.04 -4.33
N ASN A 138 -65.93 -24.43 -4.10
CA ASN A 138 -64.74 -23.62 -4.48
C ASN A 138 -64.76 -22.20 -3.92
N VAL A 139 -65.22 -22.04 -2.69
CA VAL A 139 -65.21 -20.73 -2.04
C VAL A 139 -64.21 -20.75 -0.90
N ALA A 140 -63.29 -19.79 -0.90
CA ALA A 140 -62.25 -19.68 0.11
C ALA A 140 -62.81 -19.06 1.38
N VAL A 141 -62.23 -19.39 2.52
CA VAL A 141 -62.73 -18.88 3.77
C VAL A 141 -61.69 -18.09 4.53
N ILE A 142 -62.01 -16.84 4.82
CA ILE A 142 -61.22 -16.06 5.74
C ILE A 142 -61.91 -16.32 7.09
N MET A 143 -61.19 -16.85 8.06
CA MET A 143 -61.77 -17.07 9.39
C MET A 143 -61.26 -15.92 10.26
N SER A 144 -62.17 -15.23 10.94
CA SER A 144 -61.79 -14.03 11.65
C SER A 144 -62.15 -13.91 13.15
N ASN A 145 -61.46 -12.99 13.77
CA ASN A 145 -61.66 -12.65 15.18
C ASN A 145 -61.28 -11.19 15.33
N HIS A 146 -62.10 -10.47 16.06
CA HIS A 146 -61.87 -9.08 16.33
C HIS A 146 -62.01 -8.78 17.81
N ASP A 147 -61.13 -7.92 18.32
CA ASP A 147 -61.26 -7.40 19.68
C ASP A 147 -61.10 -5.89 19.59
N PHE A 148 -62.22 -5.18 19.73
CA PHE A 148 -62.24 -3.71 19.63
C PHE A 148 -61.89 -2.97 20.91
N HIS A 149 -61.69 -3.72 21.98
CA HIS A 149 -61.38 -3.14 23.28
C HIS A 149 -59.88 -3.23 23.65
N LYS A 150 -59.28 -4.40 23.43
CA LYS A 150 -57.89 -4.62 23.84
C LYS A 150 -57.12 -5.55 22.91
N THR A 151 -55.84 -5.75 23.27
CA THR A 151 -54.92 -6.62 22.55
C THR A 151 -54.55 -7.78 23.46
N PRO A 152 -54.91 -9.01 23.09
CA PRO A 152 -54.53 -10.10 24.00
C PRO A 152 -53.05 -10.37 23.91
N ALA A 153 -52.54 -11.16 24.85
CA ALA A 153 -51.15 -11.55 24.82
C ALA A 153 -50.84 -12.25 23.50
N ALA A 154 -49.60 -12.11 23.03
CA ALA A 154 -49.16 -12.72 21.77
C ALA A 154 -49.51 -14.20 21.75
N GLU A 155 -49.24 -14.89 22.86
CA GLU A 155 -49.54 -16.31 22.94
C GLU A 155 -51.02 -16.60 22.66
N GLU A 156 -51.92 -15.75 23.14
CA GLU A 156 -53.36 -15.97 22.92
C GLU A 156 -53.71 -15.62 21.46
N ILE A 157 -53.07 -14.60 20.90
CA ILE A 157 -53.29 -14.24 19.51
C ILE A 157 -52.88 -15.42 18.61
N VAL A 158 -51.72 -16.00 18.88
CA VAL A 158 -51.23 -17.15 18.10
C VAL A 158 -52.14 -18.35 18.30
N GLN A 159 -52.63 -18.54 19.52
CA GLN A 159 -53.52 -19.65 19.81
C GLN A 159 -54.76 -19.53 18.92
N ARG A 160 -55.34 -18.33 18.84
CA ARG A 160 -56.53 -18.12 17.99
C ARG A 160 -56.22 -18.42 16.54
N LEU A 161 -55.12 -17.87 16.04
CA LEU A 161 -54.69 -18.07 14.66
C LEU A 161 -54.46 -19.54 14.28
N ARG A 162 -53.88 -20.32 15.19
CA ARG A 162 -53.66 -21.75 14.91
C ARG A 162 -54.98 -22.51 14.97
N LYS A 163 -55.87 -22.14 15.89
CA LYS A 163 -57.17 -22.80 15.95
C LYS A 163 -57.89 -22.57 14.63
N MET A 164 -57.71 -21.38 14.07
CA MET A 164 -58.32 -21.06 12.76
C MET A 164 -57.79 -21.99 11.66
N GLN A 165 -56.47 -22.22 11.65
CA GLN A 165 -55.89 -23.15 10.66
C GLN A 165 -56.46 -24.56 10.84
N GLU A 166 -56.55 -24.94 12.11
CA GLU A 166 -57.06 -26.23 12.54
C GLU A 166 -58.50 -26.47 12.09
N LEU A 167 -59.32 -25.44 12.11
CA LEU A 167 -60.70 -25.52 11.65
C LEU A 167 -60.84 -25.46 10.11
N GLY A 168 -59.71 -25.35 9.40
CA GLY A 168 -59.69 -25.36 7.93
C GLY A 168 -59.71 -24.02 7.19
N ALA A 169 -59.51 -22.92 7.92
CA ALA A 169 -59.47 -21.58 7.31
C ALA A 169 -58.45 -21.53 6.19
N ASP A 170 -58.81 -20.89 5.09
CA ASP A 170 -57.86 -20.69 4.03
C ASP A 170 -56.95 -19.54 4.46
N ILE A 171 -57.53 -18.53 5.08
CA ILE A 171 -56.78 -17.36 5.57
C ILE A 171 -57.23 -16.95 6.99
N PRO A 172 -56.43 -17.27 8.02
CA PRO A 172 -56.76 -16.78 9.35
C PRO A 172 -56.61 -15.26 9.39
N LYS A 173 -57.49 -14.59 10.12
CA LYS A 173 -57.48 -13.14 10.24
C LYS A 173 -57.80 -12.72 11.68
N ILE A 174 -57.02 -11.79 12.22
CA ILE A 174 -57.28 -11.28 13.55
C ILE A 174 -57.01 -9.78 13.61
N ALA A 175 -57.95 -9.04 14.18
CA ALA A 175 -57.89 -7.61 14.31
C ALA A 175 -58.03 -7.29 15.80
N VAL A 176 -57.08 -6.57 16.38
CA VAL A 176 -57.10 -6.22 17.81
C VAL A 176 -56.88 -4.73 18.02
N MET A 177 -57.34 -4.24 19.15
CA MET A 177 -57.24 -2.81 19.48
C MET A 177 -56.13 -2.53 20.49
N PRO A 178 -55.17 -1.66 20.14
CA PRO A 178 -54.16 -1.40 21.15
C PRO A 178 -54.63 -0.35 22.16
N GLN A 179 -54.20 -0.50 23.41
N GLN A 179 -54.19 -0.50 23.40
CA GLN A 179 -54.46 0.47 24.48
CA GLN A 179 -54.45 0.49 24.46
C GLN A 179 -53.15 1.24 24.75
C GLN A 179 -53.14 1.23 24.76
N THR A 180 -52.03 0.67 24.29
CA THR A 180 -50.71 1.26 24.46
C THR A 180 -49.90 1.03 23.18
N LYS A 181 -48.75 1.69 23.08
N LYS A 181 -48.75 1.69 23.09
CA LYS A 181 -47.90 1.53 21.92
CA LYS A 181 -47.87 1.56 21.94
C LYS A 181 -47.34 0.10 21.88
C LYS A 181 -47.34 0.11 21.89
N ALA A 182 -47.00 -0.45 23.05
CA ALA A 182 -46.49 -1.82 23.15
C ALA A 182 -47.49 -2.84 22.57
N ASP A 183 -48.79 -2.55 22.66
CA ASP A 183 -49.83 -3.45 22.13
C ASP A 183 -49.72 -3.63 20.62
N VAL A 184 -49.26 -2.60 19.94
CA VAL A 184 -49.08 -2.66 18.49
C VAL A 184 -48.02 -3.70 18.20
N LEU A 185 -46.94 -3.61 18.96
CA LEU A 185 -45.81 -4.49 18.83
C LEU A 185 -46.13 -5.94 19.20
N THR A 186 -47.02 -6.14 20.18
CA THR A 186 -47.48 -7.47 20.55
C THR A 186 -48.21 -8.11 19.37
N LEU A 187 -49.05 -7.32 18.70
CA LEU A 187 -49.77 -7.83 17.53
C LEU A 187 -48.78 -8.21 16.43
N LEU A 188 -47.74 -7.39 16.22
CA LEU A 188 -46.73 -7.67 15.21
C LEU A 188 -45.88 -8.91 15.56
N THR A 189 -45.52 -9.05 16.83
CA THR A 189 -44.77 -10.22 17.30
C THR A 189 -45.59 -11.50 17.09
N ALA A 190 -46.86 -11.46 17.39
CA ALA A 190 -47.73 -12.64 17.19
C ALA A 190 -47.79 -12.97 15.69
N THR A 191 -47.84 -11.94 14.88
CA THR A 191 -47.89 -12.11 13.42
C THR A 191 -46.63 -12.80 12.90
N VAL A 192 -45.48 -12.32 13.34
CA VAL A 192 -44.21 -12.92 12.93
C VAL A 192 -44.06 -14.37 13.43
N GLU A 193 -44.39 -14.61 14.70
CA GLU A 193 -44.28 -15.98 15.24
C GLU A 193 -45.21 -16.95 14.50
N MET A 194 -46.42 -16.51 14.19
CA MET A 194 -47.37 -17.32 13.46
C MET A 194 -46.87 -17.64 12.04
N GLN A 195 -46.53 -16.59 11.30
CA GLN A 195 -46.10 -16.74 9.93
C GLN A 195 -44.82 -17.55 9.81
N GLU A 196 -43.86 -17.35 10.71
CA GLU A 196 -42.59 -18.06 10.62
C GLU A 196 -42.60 -19.49 11.15
N ARG A 197 -43.32 -19.74 12.24
CA ARG A 197 -43.30 -21.05 12.89
C ARG A 197 -44.47 -21.96 12.65
N TYR A 198 -45.68 -21.43 12.52
CA TYR A 198 -46.87 -22.29 12.46
C TYR A 198 -47.75 -22.24 11.22
N ALA A 199 -47.74 -21.14 10.49
CA ALA A 199 -48.62 -21.00 9.34
C ALA A 199 -48.16 -21.79 8.12
N ASP A 200 -49.12 -22.44 7.47
CA ASP A 200 -48.85 -23.11 6.20
C ASP A 200 -49.80 -22.51 5.18
N ARG A 201 -50.23 -21.28 5.47
CA ARG A 201 -51.13 -20.54 4.60
C ARG A 201 -51.00 -19.06 4.94
N PRO A 202 -51.58 -18.18 4.11
CA PRO A 202 -51.46 -16.77 4.43
C PRO A 202 -52.30 -16.38 5.63
N ILE A 203 -51.86 -15.34 6.33
CA ILE A 203 -52.61 -14.80 7.46
C ILE A 203 -52.77 -13.29 7.26
N ILE A 204 -53.84 -12.75 7.82
CA ILE A 204 -54.12 -11.30 7.80
C ILE A 204 -54.20 -10.82 9.25
N THR A 205 -53.46 -9.79 9.59
CA THR A 205 -53.50 -9.25 10.94
C THR A 205 -53.42 -7.74 10.93
N MET A 206 -54.04 -7.14 11.93
CA MET A 206 -53.97 -5.70 12.08
C MET A 206 -54.14 -5.31 13.54
N SER A 207 -53.45 -4.23 13.90
CA SER A 207 -53.65 -3.55 15.17
C SER A 207 -54.44 -2.33 14.72
N MET A 208 -55.66 -2.19 15.22
CA MET A 208 -56.56 -1.10 14.82
C MET A 208 -56.20 0.27 15.43
N SER A 209 -56.93 1.27 15.00
CA SER A 209 -56.77 2.70 15.41
C SER A 209 -55.52 3.32 14.79
N LYS A 210 -55.48 4.64 14.85
CA LYS A 210 -54.37 5.42 14.33
C LYS A 210 -53.03 4.92 14.85
N THR A 211 -53.02 4.56 16.14
CA THR A 211 -51.82 4.05 16.82
C THR A 211 -51.23 2.78 16.20
N GLY A 212 -52.09 1.87 15.74
CA GLY A 212 -51.62 0.63 15.13
C GLY A 212 -51.51 0.67 13.62
N VAL A 213 -51.65 1.86 13.01
CA VAL A 213 -51.67 1.97 11.56
C VAL A 213 -50.44 1.37 10.89
N ILE A 214 -49.32 1.35 11.59
CA ILE A 214 -48.13 0.79 11.02
C ILE A 214 -48.31 -0.71 10.69
N SER A 215 -49.21 -1.38 11.41
CA SER A 215 -49.46 -2.80 11.19
C SER A 215 -50.21 -3.02 9.88
N ARG A 216 -50.86 -1.97 9.39
CA ARG A 216 -51.57 -2.04 8.13
C ARG A 216 -50.67 -1.74 6.94
N LEU A 217 -49.45 -1.27 7.24
CA LEU A 217 -48.51 -0.86 6.19
C LEU A 217 -47.36 -1.79 5.93
N ALA A 218 -46.87 -2.47 6.97
CA ALA A 218 -45.67 -3.27 6.85
C ALA A 218 -45.85 -4.78 6.76
N GLY A 219 -46.97 -5.23 6.20
CA GLY A 219 -47.23 -6.64 6.06
C GLY A 219 -46.24 -7.37 5.18
N GLU A 220 -45.64 -6.67 4.24
CA GLU A 220 -44.72 -7.35 3.33
C GLU A 220 -43.55 -7.93 4.12
N VAL A 221 -43.05 -7.18 5.11
CA VAL A 221 -41.97 -7.69 5.93
C VAL A 221 -42.46 -8.62 7.03
N PHE A 222 -43.47 -8.18 7.79
CA PHE A 222 -43.91 -8.92 8.98
C PHE A 222 -44.83 -10.12 8.83
N GLY A 223 -45.46 -10.27 7.67
CA GLY A 223 -46.26 -11.45 7.43
C GLY A 223 -47.73 -11.32 7.12
N SER A 224 -48.34 -10.16 7.29
CA SER A 224 -49.77 -10.03 6.97
C SER A 224 -49.92 -9.96 5.46
N ALA A 225 -50.74 -10.85 4.91
CA ALA A 225 -50.93 -10.97 3.46
C ALA A 225 -51.88 -9.96 2.84
N ALA A 226 -52.66 -9.26 3.65
CA ALA A 226 -53.59 -8.27 3.12
C ALA A 226 -53.86 -7.19 4.14
N THR A 227 -54.33 -6.06 3.65
CA THR A 227 -54.54 -4.92 4.50
C THR A 227 -55.70 -4.12 3.97
N PHE A 228 -56.47 -3.53 4.87
CA PHE A 228 -57.66 -2.76 4.50
C PHE A 228 -57.42 -1.28 4.40
N GLY A 229 -57.99 -0.69 3.35
CA GLY A 229 -57.94 0.72 3.13
C GLY A 229 -59.37 1.22 3.00
N ALA A 230 -59.54 2.55 3.07
CA ALA A 230 -60.85 3.18 2.96
C ALA A 230 -60.99 3.98 1.67
N VAL A 231 -62.14 3.85 1.03
CA VAL A 231 -62.38 4.59 -0.21
C VAL A 231 -62.81 5.98 0.23
N LYS A 232 -63.98 6.09 0.85
CA LYS A 232 -64.44 7.36 1.40
C LYS A 232 -64.66 7.22 2.90
N LYS A 233 -65.14 6.05 3.32
CA LYS A 233 -65.48 5.75 4.71
C LYS A 233 -64.70 4.56 5.25
N ALA A 234 -64.19 4.67 6.47
CA ALA A 234 -63.48 3.56 7.09
C ALA A 234 -64.47 2.49 7.55
N SER A 235 -64.11 1.22 7.38
CA SER A 235 -64.92 0.12 7.90
C SER A 235 -64.34 -0.36 9.23
N ALA A 236 -63.27 0.28 9.67
CA ALA A 236 -62.64 0.01 10.94
C ALA A 236 -61.73 1.16 11.28
N PRO A 237 -61.52 1.43 12.57
CA PRO A 237 -60.63 2.52 12.90
C PRO A 237 -59.18 2.26 12.48
N GLY A 238 -58.48 3.29 12.04
CA GLY A 238 -57.09 3.19 11.65
C GLY A 238 -56.83 3.05 10.17
N GLN A 239 -57.86 2.70 9.40
CA GLN A 239 -57.69 2.57 7.96
C GLN A 239 -57.42 3.94 7.36
N ILE A 240 -56.46 4.01 6.46
CA ILE A 240 -56.16 5.26 5.77
C ILE A 240 -56.77 5.12 4.36
N SER A 241 -56.75 6.19 3.57
CA SER A 241 -57.34 6.13 2.24
C SER A 241 -56.61 5.11 1.37
N VAL A 242 -57.32 4.53 0.40
CA VAL A 242 -56.77 3.53 -0.47
C VAL A 242 -55.60 4.08 -1.31
N ALA A 243 -55.68 5.34 -1.72
CA ALA A 243 -54.60 5.96 -2.49
C ALA A 243 -53.33 6.07 -1.63
N ASP A 244 -53.49 6.48 -0.38
CA ASP A 244 -52.33 6.60 0.53
C ASP A 244 -51.74 5.22 0.85
N LEU A 245 -52.61 4.25 1.07
CA LEU A 245 -52.21 2.89 1.39
C LEU A 245 -51.40 2.31 0.26
N ARG A 246 -51.87 2.51 -0.97
CA ARG A 246 -51.17 2.04 -2.17
C ARG A 246 -49.81 2.69 -2.33
N THR A 247 -49.76 4.00 -2.09
CA THR A 247 -48.51 4.76 -2.13
C THR A 247 -47.47 4.17 -1.18
N VAL A 248 -47.87 3.92 0.08
CA VAL A 248 -46.94 3.38 1.08
C VAL A 248 -46.53 1.95 0.76
N LEU A 249 -47.48 1.10 0.39
CA LEU A 249 -47.14 -0.29 0.05
C LEU A 249 -46.17 -0.33 -1.13
N THR A 250 -46.40 0.55 -2.12
CA THR A 250 -45.56 0.63 -3.31
C THR A 250 -44.14 1.05 -2.92
N ILE A 251 -44.01 2.07 -2.07
CA ILE A 251 -42.71 2.52 -1.59
C ILE A 251 -41.98 1.36 -0.89
N LEU A 252 -42.67 0.68 0.02
CA LEU A 252 -42.06 -0.44 0.73
C LEU A 252 -41.74 -1.63 -0.19
N HIS A 253 -42.57 -1.86 -1.20
CA HIS A 253 -42.36 -2.98 -2.14
C HIS A 253 -41.17 -2.73 -3.08
N GLN A 254 -40.83 -1.47 -3.32
CA GLN A 254 -39.75 -1.11 -4.22
C GLN A 254 -38.53 -0.50 -3.54
N ALA A 255 -38.61 -0.26 -2.24
CA ALA A 255 -37.54 0.40 -1.47
C ALA A 255 -36.21 -0.35 -1.44
N LYS B 5 -3.07 -22.83 -7.69
CA LYS B 5 -4.20 -23.13 -8.62
C LYS B 5 -5.02 -21.85 -8.93
N THR B 6 -5.77 -21.87 -10.04
CA THR B 6 -6.55 -20.72 -10.50
C THR B 6 -8.03 -21.02 -10.72
N VAL B 7 -8.82 -19.98 -10.96
CA VAL B 7 -10.26 -20.09 -11.21
C VAL B 7 -10.59 -19.28 -12.47
N THR B 8 -11.02 -19.97 -13.52
CA THR B 8 -11.34 -19.30 -14.75
C THR B 8 -12.84 -19.08 -14.87
N VAL B 9 -13.25 -17.83 -15.05
CA VAL B 9 -14.64 -17.45 -15.20
C VAL B 9 -14.71 -16.68 -16.50
N ARG B 10 -15.59 -17.13 -17.40
CA ARG B 10 -15.67 -16.59 -18.75
C ARG B 10 -14.22 -16.77 -19.24
N ASP B 11 -13.59 -15.72 -19.76
CA ASP B 11 -12.22 -15.89 -20.22
C ASP B 11 -11.21 -15.28 -19.22
N LEU B 12 -11.66 -15.02 -18.00
CA LEU B 12 -10.78 -14.40 -16.99
C LEU B 12 -10.15 -15.41 -16.05
N VAL B 13 -8.83 -15.39 -15.96
CA VAL B 13 -8.14 -16.32 -15.05
C VAL B 13 -7.82 -15.63 -13.74
N VAL B 14 -8.59 -15.95 -12.70
CA VAL B 14 -8.43 -15.35 -11.38
C VAL B 14 -7.35 -16.12 -10.64
N GLY B 15 -6.38 -15.38 -10.08
CA GLY B 15 -5.24 -15.97 -9.38
C GLY B 15 -3.95 -15.86 -10.18
N GLU B 16 -4.02 -15.30 -11.39
CA GLU B 16 -2.84 -15.04 -12.25
C GLU B 16 -2.78 -13.57 -12.63
N GLY B 17 -1.57 -13.06 -12.84
CA GLY B 17 -1.34 -11.67 -13.20
C GLY B 17 -1.75 -10.71 -12.11
N ALA B 18 -2.21 -9.53 -12.52
CA ALA B 18 -2.64 -8.50 -11.59
C ALA B 18 -4.00 -8.86 -10.99
N PRO B 19 -4.26 -8.37 -9.76
CA PRO B 19 -5.54 -8.67 -9.15
C PRO B 19 -6.65 -8.14 -10.04
N LYS B 20 -7.77 -8.86 -10.06
CA LYS B 20 -8.88 -8.48 -10.94
C LYS B 20 -9.79 -7.47 -10.24
N ILE B 21 -10.24 -6.47 -10.98
CA ILE B 21 -11.13 -5.46 -10.42
C ILE B 21 -12.57 -5.89 -10.49
N ILE B 22 -13.25 -5.85 -9.33
CA ILE B 22 -14.65 -6.15 -9.25
C ILE B 22 -15.36 -4.86 -8.86
N VAL B 23 -16.52 -4.59 -9.46
CA VAL B 23 -17.38 -3.47 -9.10
C VAL B 23 -18.76 -4.07 -8.77
N SER B 24 -19.50 -3.41 -7.88
CA SER B 24 -20.80 -3.84 -7.45
C SER B 24 -21.91 -2.98 -8.07
N LEU B 25 -22.89 -3.66 -8.69
CA LEU B 25 -24.05 -3.01 -9.25
C LEU B 25 -25.11 -3.08 -8.16
N MET B 26 -25.74 -1.96 -7.87
CA MET B 26 -26.73 -1.89 -6.79
C MET B 26 -27.97 -1.22 -7.34
N GLY B 27 -29.04 -1.96 -7.45
CA GLY B 27 -30.27 -1.44 -8.00
C GLY B 27 -31.43 -1.99 -7.25
N LYS B 28 -32.41 -1.14 -6.98
CA LYS B 28 -33.62 -1.52 -6.27
C LYS B 28 -34.67 -2.21 -7.12
N THR B 29 -34.89 -1.69 -8.32
CA THR B 29 -35.88 -2.24 -9.22
C THR B 29 -35.25 -2.59 -10.55
N ILE B 30 -36.00 -3.26 -11.42
CA ILE B 30 -35.47 -3.60 -12.74
C ILE B 30 -35.00 -2.36 -13.50
N THR B 31 -35.76 -1.27 -13.38
CA THR B 31 -35.40 -0.01 -14.07
C THR B 31 -34.03 0.48 -13.61
N ASP B 32 -33.84 0.50 -12.30
CA ASP B 32 -32.58 0.84 -11.66
C ASP B 32 -31.44 -0.03 -12.14
N VAL B 33 -31.67 -1.33 -12.15
CA VAL B 33 -30.67 -2.32 -12.58
C VAL B 33 -30.25 -2.04 -14.02
N LYS B 34 -31.22 -1.82 -14.91
CA LYS B 34 -30.89 -1.51 -16.31
C LYS B 34 -30.09 -0.24 -16.47
N SER B 35 -30.48 0.84 -15.77
CA SER B 35 -29.76 2.11 -15.93
C SER B 35 -28.34 2.01 -15.37
N GLU B 36 -28.18 1.36 -14.22
CA GLU B 36 -26.84 1.18 -13.67
C GLU B 36 -25.97 0.32 -14.56
N ALA B 37 -26.53 -0.75 -15.14
CA ALA B 37 -25.74 -1.62 -16.01
C ALA B 37 -25.21 -0.82 -17.20
N LEU B 38 -26.06 0.00 -17.81
CA LEU B 38 -25.63 0.84 -18.94
C LEU B 38 -24.51 1.81 -18.53
N ALA B 39 -24.65 2.42 -17.34
CA ALA B 39 -23.66 3.37 -16.85
C ALA B 39 -22.32 2.68 -16.57
N TYR B 40 -22.40 1.42 -16.13
CA TYR B 40 -21.19 0.62 -15.83
C TYR B 40 -20.43 0.15 -17.10
N ARG B 41 -21.07 0.18 -18.27
CA ARG B 41 -20.37 -0.22 -19.51
C ARG B 41 -19.16 0.64 -19.81
N GLU B 42 -19.18 1.87 -19.31
CA GLU B 42 -18.09 2.80 -19.54
C GLU B 42 -16.90 2.54 -18.60
N ALA B 43 -17.10 1.78 -17.53
CA ALA B 43 -16.04 1.56 -16.52
C ALA B 43 -15.09 0.41 -16.84
N ASP B 44 -13.86 0.52 -16.35
CA ASP B 44 -12.80 -0.46 -16.59
C ASP B 44 -12.65 -1.44 -15.43
N PHE B 45 -13.51 -2.44 -15.42
CA PHE B 45 -13.48 -3.51 -14.41
C PHE B 45 -13.42 -4.88 -15.08
N ASP B 46 -13.05 -5.89 -14.30
CA ASP B 46 -12.90 -7.25 -14.81
C ASP B 46 -14.08 -8.16 -14.47
N ILE B 47 -14.67 -7.99 -13.28
CA ILE B 47 -15.83 -8.79 -12.85
C ILE B 47 -16.95 -7.88 -12.33
N LEU B 48 -18.19 -8.21 -12.70
CA LEU B 48 -19.32 -7.47 -12.24
C LEU B 48 -20.03 -8.23 -11.17
N GLU B 49 -20.09 -7.66 -9.97
CA GLU B 49 -20.84 -8.28 -8.88
C GLU B 49 -22.21 -7.62 -8.84
N TRP B 50 -23.27 -8.40 -8.88
CA TRP B 50 -24.59 -7.85 -8.70
C TRP B 50 -24.90 -8.02 -7.22
N ARG B 51 -25.11 -6.90 -6.50
CA ARG B 51 -25.47 -6.96 -5.08
C ARG B 51 -26.98 -7.08 -5.00
N VAL B 52 -27.40 -8.33 -5.02
CA VAL B 52 -28.79 -8.72 -5.03
C VAL B 52 -29.57 -8.22 -3.79
N ASP B 53 -28.88 -8.12 -2.66
CA ASP B 53 -29.56 -7.65 -1.44
C ASP B 53 -30.10 -6.23 -1.60
N HIS B 54 -29.53 -5.43 -2.52
CA HIS B 54 -30.07 -4.08 -2.79
C HIS B 54 -31.36 -4.14 -3.58
N PHE B 55 -31.62 -5.28 -4.21
CA PHE B 55 -32.80 -5.49 -5.04
C PHE B 55 -34.02 -5.68 -4.13
N ALA B 56 -35.07 -4.90 -4.38
CA ALA B 56 -36.25 -4.93 -3.53
C ALA B 56 -37.09 -6.22 -3.58
N ASN B 57 -37.18 -6.89 -4.70
CA ASN B 57 -38.06 -8.09 -4.79
C ASN B 57 -37.32 -9.40 -4.90
N VAL B 58 -36.38 -9.64 -3.99
CA VAL B 58 -35.57 -10.85 -4.05
C VAL B 58 -36.36 -12.15 -3.90
N THR B 59 -37.49 -12.15 -3.20
CA THR B 59 -38.23 -13.40 -3.01
C THR B 59 -39.20 -13.72 -4.16
N THR B 60 -39.25 -12.87 -5.19
CA THR B 60 -40.07 -13.13 -6.35
C THR B 60 -39.06 -13.56 -7.44
N ALA B 61 -38.98 -14.87 -7.65
CA ALA B 61 -37.99 -15.45 -8.57
C ALA B 61 -38.04 -14.88 -10.00
N GLU B 62 -39.23 -14.57 -10.49
CA GLU B 62 -39.41 -14.00 -11.82
C GLU B 62 -38.74 -12.61 -11.92
N SER B 63 -38.81 -11.82 -10.85
CA SER B 63 -38.20 -10.51 -10.85
C SER B 63 -36.66 -10.60 -10.86
N VAL B 64 -36.12 -11.45 -10.01
CA VAL B 64 -34.67 -11.63 -9.93
C VAL B 64 -34.10 -12.09 -11.31
N LEU B 65 -34.72 -13.10 -11.90
CA LEU B 65 -34.30 -13.61 -13.22
C LEU B 65 -34.35 -12.55 -14.31
N GLU B 66 -35.41 -11.74 -14.31
CA GLU B 66 -35.55 -10.69 -15.29
C GLU B 66 -34.38 -9.68 -15.17
N ALA B 67 -34.09 -9.29 -13.93
CA ALA B 67 -33.00 -8.34 -13.65
C ALA B 67 -31.65 -8.94 -14.05
N ALA B 68 -31.39 -10.18 -13.62
CA ALA B 68 -30.14 -10.84 -13.97
C ALA B 68 -29.99 -10.95 -15.50
N GLY B 69 -31.10 -11.23 -16.20
CA GLY B 69 -31.11 -11.31 -17.66
C GLY B 69 -30.79 -9.97 -18.33
N ALA B 70 -31.33 -8.89 -17.76
CA ALA B 70 -31.09 -7.54 -18.25
C ALA B 70 -29.61 -7.17 -18.11
N ILE B 71 -29.01 -7.55 -16.97
CA ILE B 71 -27.59 -7.28 -16.75
C ILE B 71 -26.74 -8.01 -17.82
N ARG B 72 -27.04 -9.29 -18.03
N ARG B 72 -27.03 -9.29 -18.03
CA ARG B 72 -26.35 -10.10 -19.04
CA ARG B 72 -26.32 -10.10 -19.02
C ARG B 72 -26.46 -9.55 -20.43
C ARG B 72 -26.49 -9.63 -20.46
N GLU B 73 -27.63 -9.03 -20.77
CA GLU B 73 -27.87 -8.50 -22.09
C GLU B 73 -27.07 -7.22 -22.32
N ILE B 74 -26.86 -6.46 -21.25
CA ILE B 74 -26.16 -5.18 -21.35
C ILE B 74 -24.65 -5.32 -21.24
N ILE B 75 -24.20 -6.19 -20.35
CA ILE B 75 -22.78 -6.40 -20.14
C ILE B 75 -22.54 -7.85 -20.51
N THR B 76 -22.07 -8.04 -21.73
CA THR B 76 -21.92 -9.36 -22.30
C THR B 76 -20.52 -9.91 -22.27
N ASP B 77 -19.55 -9.04 -21.97
N ASP B 77 -19.53 -9.09 -21.92
CA ASP B 77 -18.15 -9.44 -21.98
CA ASP B 77 -18.16 -9.56 -21.90
C ASP B 77 -17.49 -9.51 -20.61
C ASP B 77 -17.68 -10.12 -20.56
N LYS B 78 -18.28 -9.74 -19.55
N LYS B 78 -17.92 -9.38 -19.49
CA LYS B 78 -17.73 -9.78 -18.20
CA LYS B 78 -17.42 -9.74 -18.17
C LYS B 78 -18.36 -10.89 -17.37
C LYS B 78 -18.23 -10.83 -17.43
N PRO B 79 -17.56 -11.56 -16.53
CA PRO B 79 -18.18 -12.54 -15.66
C PRO B 79 -19.12 -11.83 -14.68
N LEU B 80 -20.20 -12.51 -14.29
CA LEU B 80 -21.20 -11.97 -13.39
C LEU B 80 -21.23 -12.79 -12.10
N LEU B 81 -21.01 -12.10 -10.97
CA LEU B 81 -21.04 -12.68 -9.64
C LEU B 81 -22.33 -12.23 -8.99
N PHE B 82 -23.11 -13.20 -8.53
CA PHE B 82 -24.38 -13.02 -7.87
C PHE B 82 -24.13 -13.06 -6.36
N THR B 83 -24.34 -11.93 -5.69
CA THR B 83 -24.09 -11.80 -4.25
C THR B 83 -25.25 -11.20 -3.48
N PHE B 84 -25.90 -12.03 -2.67
CA PHE B 84 -26.91 -11.57 -1.76
C PHE B 84 -26.15 -11.43 -0.46
N ARG B 85 -25.87 -10.19 -0.06
CA ARG B 85 -25.19 -9.92 1.20
C ARG B 85 -26.26 -9.75 2.26
N SER B 86 -26.31 -10.69 3.22
CA SER B 86 -27.30 -10.68 4.30
C SER B 86 -27.12 -9.50 5.24
N ALA B 87 -28.24 -9.04 5.81
CA ALA B 87 -28.23 -7.95 6.75
C ALA B 87 -27.25 -8.25 7.90
N LYS B 88 -27.23 -9.48 8.36
CA LYS B 88 -26.33 -9.87 9.48
C LYS B 88 -24.86 -9.79 9.14
N GLU B 89 -24.53 -9.65 7.86
CA GLU B 89 -23.17 -9.52 7.37
C GLU B 89 -22.98 -8.12 6.80
N GLY B 90 -23.83 -7.18 7.23
CA GLY B 90 -23.74 -5.78 6.78
C GLY B 90 -24.48 -5.42 5.50
N GLY B 91 -25.27 -6.36 4.99
CA GLY B 91 -26.03 -6.17 3.75
C GLY B 91 -27.33 -5.40 3.89
N GLU B 92 -28.08 -5.33 2.79
CA GLU B 92 -29.30 -4.52 2.71
C GLU B 92 -30.63 -5.14 3.13
N GLN B 93 -30.68 -6.45 3.39
CA GLN B 93 -31.90 -7.10 3.89
C GLN B 93 -31.65 -8.49 4.48
N ALA B 94 -32.58 -8.95 5.30
CA ALA B 94 -32.50 -10.27 5.90
C ALA B 94 -33.42 -11.25 5.19
N LEU B 95 -32.98 -12.50 5.12
CA LEU B 95 -33.75 -13.61 4.58
C LEU B 95 -33.54 -14.77 5.50
N THR B 96 -34.45 -15.73 5.49
CA THR B 96 -34.27 -16.92 6.26
C THR B 96 -33.22 -17.76 5.53
N THR B 97 -32.66 -18.74 6.21
CA THR B 97 -31.69 -19.61 5.60
C THR B 97 -32.27 -20.28 4.35
N GLY B 98 -33.50 -20.78 4.44
CA GLY B 98 -34.19 -21.43 3.33
C GLY B 98 -34.37 -20.52 2.13
N GLN B 99 -34.83 -19.30 2.38
CA GLN B 99 -34.99 -18.34 1.31
C GLN B 99 -33.65 -18.00 0.62
N TYR B 100 -32.58 -17.87 1.42
CA TYR B 100 -31.27 -17.52 0.92
C TYR B 100 -30.69 -18.66 0.06
N ILE B 101 -30.83 -19.90 0.54
CA ILE B 101 -30.37 -21.05 -0.23
C ILE B 101 -31.19 -21.13 -1.53
N ASP B 102 -32.50 -20.98 -1.44
CA ASP B 102 -33.35 -21.03 -2.63
C ASP B 102 -32.99 -19.98 -3.69
N LEU B 103 -32.77 -18.74 -3.25
CA LEU B 103 -32.36 -17.64 -4.14
C LEU B 103 -31.10 -18.01 -4.94
N ASN B 104 -30.10 -18.48 -4.22
CA ASN B 104 -28.84 -18.89 -4.81
C ASN B 104 -28.97 -20.09 -5.74
N ARG B 105 -29.73 -21.10 -5.33
CA ARG B 105 -29.96 -22.26 -6.22
C ARG B 105 -30.66 -21.80 -7.50
N ALA B 106 -31.56 -20.83 -7.38
CA ALA B 106 -32.25 -20.25 -8.53
C ALA B 106 -31.24 -19.53 -9.44
N ALA B 107 -30.30 -18.81 -8.82
CA ALA B 107 -29.27 -18.12 -9.56
C ALA B 107 -28.43 -19.12 -10.36
N VAL B 108 -27.95 -20.16 -9.69
CA VAL B 108 -27.16 -21.20 -10.32
C VAL B 108 -27.87 -21.82 -11.51
N ASP B 109 -29.13 -22.20 -11.32
CA ASP B 109 -29.92 -22.90 -12.32
C ASP B 109 -30.28 -22.01 -13.55
N SER B 110 -30.28 -20.69 -13.35
CA SER B 110 -30.63 -19.72 -14.39
C SER B 110 -29.66 -19.72 -15.57
N GLY B 111 -28.42 -20.13 -15.34
CA GLY B 111 -27.40 -20.08 -16.37
C GLY B 111 -26.92 -18.66 -16.68
N LEU B 112 -27.44 -17.67 -15.93
CA LEU B 112 -27.11 -16.25 -16.14
C LEU B 112 -25.88 -15.79 -15.36
N VAL B 113 -25.50 -16.54 -14.34
CA VAL B 113 -24.40 -16.13 -13.51
C VAL B 113 -23.23 -17.13 -13.54
N ASP B 114 -22.03 -16.57 -13.50
CA ASP B 114 -20.79 -17.34 -13.54
C ASP B 114 -20.33 -17.74 -12.15
N MET B 115 -20.69 -16.92 -11.17
N MET B 115 -20.68 -16.92 -11.17
CA MET B 115 -20.30 -17.16 -9.79
CA MET B 115 -20.30 -17.15 -9.79
C MET B 115 -21.41 -16.78 -8.84
C MET B 115 -21.42 -16.77 -8.83
N ILE B 116 -21.41 -17.37 -7.65
CA ILE B 116 -22.33 -17.01 -6.59
C ILE B 116 -21.47 -16.79 -5.35
N ASP B 117 -21.92 -15.88 -4.49
CA ASP B 117 -21.31 -15.64 -3.19
C ASP B 117 -22.12 -16.40 -2.13
N LEU B 118 -21.47 -17.21 -1.32
CA LEU B 118 -22.13 -17.87 -0.20
C LEU B 118 -21.43 -17.46 1.06
N GLU B 119 -22.18 -17.05 2.07
CA GLU B 119 -21.60 -16.64 3.35
C GLU B 119 -21.22 -17.84 4.18
N LEU B 120 -19.98 -17.82 4.68
CA LEU B 120 -19.45 -18.92 5.49
C LEU B 120 -20.37 -19.29 6.63
N PHE B 121 -20.86 -18.28 7.34
CA PHE B 121 -21.69 -18.56 8.52
C PHE B 121 -23.14 -18.90 8.22
N THR B 122 -23.44 -19.37 7.00
CA THR B 122 -24.79 -19.74 6.65
C THR B 122 -25.24 -21.07 7.31
N GLY B 123 -24.29 -21.97 7.53
CA GLY B 123 -24.55 -23.31 8.10
C GLY B 123 -23.75 -24.31 7.27
N ASP B 124 -22.93 -25.14 7.92
CA ASP B 124 -22.08 -26.08 7.18
C ASP B 124 -22.81 -26.96 6.20
N ASP B 125 -23.90 -27.60 6.64
CA ASP B 125 -24.64 -28.51 5.78
C ASP B 125 -25.24 -27.77 4.59
N GLU B 126 -25.92 -26.67 4.87
CA GLU B 126 -26.52 -25.86 3.81
C GLU B 126 -25.45 -25.38 2.80
N VAL B 127 -24.35 -24.85 3.33
CA VAL B 127 -23.25 -24.36 2.48
C VAL B 127 -22.74 -25.48 1.59
N LYS B 128 -22.32 -26.59 2.20
CA LYS B 128 -21.81 -27.76 1.45
C LYS B 128 -22.72 -28.16 0.32
N ALA B 129 -24.01 -28.32 0.63
CA ALA B 129 -24.98 -28.73 -0.37
C ALA B 129 -25.10 -27.71 -1.50
N THR B 130 -25.05 -26.43 -1.17
CA THR B 130 -25.20 -25.41 -2.22
C THR B 130 -23.91 -25.27 -3.04
N VAL B 131 -22.76 -25.51 -2.43
CA VAL B 131 -21.50 -25.50 -3.17
C VAL B 131 -21.55 -26.66 -4.19
N GLY B 132 -21.98 -27.83 -3.71
CA GLY B 132 -22.09 -28.99 -4.57
C GLY B 132 -23.01 -28.71 -5.73
N TYR B 133 -24.14 -28.09 -5.44
CA TYR B 133 -25.13 -27.74 -6.47
C TYR B 133 -24.56 -26.78 -7.53
N ALA B 134 -23.83 -25.77 -7.06
CA ALA B 134 -23.20 -24.80 -7.96
C ALA B 134 -22.26 -25.50 -8.94
N HIS B 135 -21.41 -26.36 -8.39
CA HIS B 135 -20.40 -27.06 -9.19
C HIS B 135 -20.98 -28.01 -10.24
N GLN B 136 -22.13 -28.60 -9.91
CA GLN B 136 -22.86 -29.46 -10.84
C GLN B 136 -23.43 -28.66 -12.02
N HIS B 137 -23.42 -27.33 -11.92
CA HIS B 137 -23.92 -26.47 -12.98
C HIS B 137 -22.83 -25.50 -13.51
N ASN B 138 -21.58 -25.83 -13.25
CA ASN B 138 -20.46 -25.04 -13.70
C ASN B 138 -20.46 -23.59 -13.18
N VAL B 139 -20.94 -23.40 -11.94
CA VAL B 139 -20.91 -22.09 -11.28
C VAL B 139 -19.84 -22.10 -10.18
N ALA B 140 -18.94 -21.12 -10.21
CA ALA B 140 -17.93 -21.00 -9.17
C ALA B 140 -18.53 -20.34 -7.91
N VAL B 141 -17.93 -20.62 -6.77
CA VAL B 141 -18.40 -20.07 -5.51
C VAL B 141 -17.35 -19.23 -4.81
N ILE B 142 -17.70 -17.99 -4.50
CA ILE B 142 -16.87 -17.16 -3.64
C ILE B 142 -17.54 -17.33 -2.26
N MET B 143 -16.82 -17.83 -1.27
CA MET B 143 -17.41 -17.98 0.06
C MET B 143 -16.90 -16.80 0.84
N SER B 144 -17.80 -16.09 1.51
CA SER B 144 -17.44 -14.86 2.17
C SER B 144 -17.75 -14.72 3.63
N ASN B 145 -17.05 -13.78 4.25
CA ASN B 145 -17.27 -13.41 5.63
C ASN B 145 -16.94 -11.94 5.81
N HIS B 146 -17.78 -11.22 6.56
CA HIS B 146 -17.58 -9.81 6.81
C HIS B 146 -17.66 -9.44 8.28
N ASP B 147 -16.80 -8.51 8.69
CA ASP B 147 -16.86 -7.91 10.02
C ASP B 147 -16.67 -6.40 9.83
N PHE B 148 -17.73 -5.62 10.06
CA PHE B 148 -17.72 -4.16 9.91
C PHE B 148 -17.32 -3.36 11.16
N HIS B 149 -16.95 -4.06 12.22
CA HIS B 149 -16.52 -3.37 13.44
C HIS B 149 -15.11 -3.68 13.94
N LYS B 150 -14.55 -4.83 13.60
CA LYS B 150 -13.24 -5.22 14.13
C LYS B 150 -12.55 -6.20 13.24
N THR B 151 -11.29 -6.45 13.58
CA THR B 151 -10.42 -7.37 12.88
C THR B 151 -10.09 -8.51 13.81
N PRO B 152 -10.55 -9.73 13.49
CA PRO B 152 -10.17 -10.85 14.34
C PRO B 152 -8.65 -11.09 14.30
N ALA B 153 -8.12 -11.84 15.26
CA ALA B 153 -6.70 -12.17 15.27
C ALA B 153 -6.37 -12.92 13.97
N ALA B 154 -5.12 -12.82 13.52
CA ALA B 154 -4.70 -13.46 12.27
C ALA B 154 -5.06 -14.96 12.26
N GLU B 155 -4.84 -15.62 13.40
CA GLU B 155 -5.13 -17.03 13.56
C GLU B 155 -6.59 -17.34 13.21
N GLU B 156 -7.50 -16.50 13.70
CA GLU B 156 -8.94 -16.69 13.46
C GLU B 156 -9.31 -16.39 11.99
N ILE B 157 -8.68 -15.38 11.41
CA ILE B 157 -8.89 -15.06 10.00
C ILE B 157 -8.47 -16.27 9.16
N VAL B 158 -7.30 -16.83 9.47
CA VAL B 158 -6.83 -18.00 8.73
C VAL B 158 -7.76 -19.20 8.92
N GLN B 159 -8.25 -19.40 10.15
CA GLN B 159 -9.17 -20.49 10.43
C GLN B 159 -10.43 -20.39 9.55
N ARG B 160 -10.96 -19.17 9.40
CA ARG B 160 -12.13 -18.96 8.57
C ARG B 160 -11.82 -19.27 7.10
N LEU B 161 -10.71 -18.75 6.62
CA LEU B 161 -10.28 -18.94 5.24
C LEU B 161 -10.08 -20.44 4.95
N ARG B 162 -9.45 -21.15 5.89
CA ARG B 162 -9.23 -22.57 5.71
C ARG B 162 -10.55 -23.34 5.75
N LYS B 163 -11.48 -22.93 6.59
CA LYS B 163 -12.79 -23.58 6.67
C LYS B 163 -13.52 -23.41 5.34
N MET B 164 -13.36 -22.24 4.74
CA MET B 164 -14.00 -22.00 3.43
C MET B 164 -13.45 -23.01 2.43
N GLN B 165 -12.14 -23.22 2.41
CA GLN B 165 -11.56 -24.22 1.50
C GLN B 165 -12.14 -25.60 1.76
N GLU B 166 -12.21 -25.97 3.04
CA GLU B 166 -12.76 -27.26 3.46
C GLU B 166 -14.22 -27.46 2.98
N LEU B 167 -15.01 -26.39 3.02
CA LEU B 167 -16.39 -26.41 2.54
C LEU B 167 -16.51 -26.40 1.00
N GLY B 168 -15.39 -26.28 0.31
CA GLY B 168 -15.40 -26.38 -1.16
C GLY B 168 -15.38 -25.07 -1.93
N ALA B 169 -15.11 -23.96 -1.24
CA ALA B 169 -15.06 -22.65 -1.88
C ALA B 169 -14.05 -22.64 -3.03
N ASP B 170 -14.44 -22.06 -4.16
CA ASP B 170 -13.50 -21.89 -5.26
C ASP B 170 -12.57 -20.73 -4.89
N ILE B 171 -13.13 -19.74 -4.19
CA ILE B 171 -12.38 -18.54 -3.77
C ILE B 171 -12.84 -18.08 -2.41
N PRO B 172 -12.06 -18.37 -1.38
CA PRO B 172 -12.39 -17.82 -0.06
C PRO B 172 -12.24 -16.29 -0.07
N LYS B 173 -13.14 -15.58 0.63
CA LYS B 173 -13.13 -14.14 0.73
C LYS B 173 -13.44 -13.66 2.15
N ILE B 174 -12.62 -12.75 2.66
CA ILE B 174 -12.86 -12.15 3.98
C ILE B 174 -12.60 -10.63 3.93
N ALA B 175 -13.51 -9.87 4.51
CA ALA B 175 -13.46 -8.42 4.61
C ALA B 175 -13.64 -8.06 6.09
N VAL B 176 -12.66 -7.38 6.69
CA VAL B 176 -12.71 -7.02 8.12
C VAL B 176 -12.42 -5.56 8.34
N MET B 177 -12.89 -5.01 9.45
CA MET B 177 -12.72 -3.59 9.71
C MET B 177 -11.59 -3.32 10.69
N PRO B 178 -10.63 -2.48 10.30
CA PRO B 178 -9.56 -2.15 11.25
C PRO B 178 -10.01 -1.04 12.21
N GLN B 179 -9.76 -1.24 13.51
CA GLN B 179 -10.02 -0.20 14.51
C GLN B 179 -8.74 0.61 14.70
N THR B 180 -7.60 0.04 14.30
CA THR B 180 -6.29 0.66 14.44
C THR B 180 -5.49 0.36 13.19
N LYS B 181 -4.38 1.07 12.98
CA LYS B 181 -3.51 0.81 11.84
C LYS B 181 -2.95 -0.63 11.92
N ALA B 182 -2.59 -1.08 13.12
CA ALA B 182 -2.05 -2.43 13.33
C ALA B 182 -3.01 -3.53 12.79
N ASP B 183 -4.33 -3.30 12.92
CA ASP B 183 -5.32 -4.26 12.42
C ASP B 183 -5.21 -4.45 10.91
N VAL B 184 -4.83 -3.41 10.17
CA VAL B 184 -4.69 -3.55 8.71
C VAL B 184 -3.57 -4.58 8.46
N LEU B 185 -2.51 -4.47 9.23
CA LEU B 185 -1.36 -5.34 9.11
C LEU B 185 -1.69 -6.77 9.56
N THR B 186 -2.61 -6.93 10.51
CA THR B 186 -3.08 -8.27 10.92
C THR B 186 -3.77 -8.95 9.75
N LEU B 187 -4.63 -8.21 9.05
CA LEU B 187 -5.34 -8.74 7.89
C LEU B 187 -4.36 -9.17 6.80
N LEU B 188 -3.35 -8.34 6.53
CA LEU B 188 -2.34 -8.66 5.51
C LEU B 188 -1.48 -9.86 5.91
N THR B 189 -1.19 -9.96 7.20
CA THR B 189 -0.43 -11.09 7.72
C THR B 189 -1.18 -12.40 7.49
N ALA B 190 -2.46 -12.41 7.83
CA ALA B 190 -3.30 -13.58 7.66
C ALA B 190 -3.37 -13.93 6.18
N THR B 191 -3.41 -12.90 5.33
CA THR B 191 -3.49 -13.11 3.88
C THR B 191 -2.23 -13.81 3.40
N VAL B 192 -1.06 -13.31 3.82
CA VAL B 192 0.21 -13.90 3.42
C VAL B 192 0.36 -15.35 3.94
N GLU B 193 0.05 -15.57 5.20
CA GLU B 193 0.12 -16.92 5.79
C GLU B 193 -0.79 -17.88 5.02
N MET B 194 -2.00 -17.44 4.70
CA MET B 194 -2.93 -18.30 3.94
C MET B 194 -2.42 -18.61 2.53
N GLN B 195 -2.04 -17.58 1.79
CA GLN B 195 -1.60 -17.73 0.41
C GLN B 195 -0.33 -18.57 0.29
N GLU B 196 0.59 -18.38 1.23
CA GLU B 196 1.86 -19.11 1.22
C GLU B 196 1.79 -20.54 1.71
N ARG B 197 1.03 -20.78 2.77
CA ARG B 197 1.05 -22.06 3.41
C ARG B 197 -0.15 -22.97 3.25
N TYR B 198 -1.34 -22.41 3.09
CA TYR B 198 -2.53 -23.26 3.08
C TYR B 198 -3.41 -23.23 1.87
N ALA B 199 -3.38 -22.15 1.10
CA ALA B 199 -4.28 -22.02 -0.02
C ALA B 199 -3.85 -22.84 -1.23
N ASP B 200 -4.81 -23.51 -1.85
CA ASP B 200 -4.54 -24.24 -3.08
C ASP B 200 -5.52 -23.70 -4.14
N ARG B 201 -5.95 -22.46 -3.92
CA ARG B 201 -6.85 -21.75 -4.81
C ARG B 201 -6.73 -20.25 -4.50
N PRO B 202 -7.26 -19.41 -5.39
CA PRO B 202 -7.16 -17.98 -5.10
C PRO B 202 -7.98 -17.57 -3.90
N ILE B 203 -7.56 -16.49 -3.24
CA ILE B 203 -8.30 -15.92 -2.15
C ILE B 203 -8.48 -14.40 -2.39
N ILE B 204 -9.50 -13.82 -1.77
CA ILE B 204 -9.77 -12.39 -1.81
C ILE B 204 -9.81 -11.88 -0.35
N THR B 205 -8.98 -10.90 -0.03
CA THR B 205 -9.00 -10.31 1.32
C THR B 205 -8.96 -8.80 1.28
N MET B 206 -9.50 -8.21 2.32
CA MET B 206 -9.49 -6.78 2.45
C MET B 206 -9.71 -6.32 3.86
N SER B 207 -8.97 -5.26 4.21
CA SER B 207 -9.14 -4.50 5.43
C SER B 207 -9.93 -3.29 4.91
N MET B 208 -11.13 -3.10 5.42
CA MET B 208 -12.01 -2.02 4.94
C MET B 208 -11.62 -0.63 5.47
N SER B 209 -12.33 0.38 5.00
CA SER B 209 -12.12 1.81 5.36
C SER B 209 -10.89 2.40 4.68
N LYS B 210 -10.78 3.72 4.69
CA LYS B 210 -9.61 4.41 4.13
C LYS B 210 -8.32 3.89 4.76
N THR B 211 -8.36 3.60 6.06
CA THR B 211 -7.20 3.11 6.79
C THR B 211 -6.61 1.80 6.22
N GLY B 212 -7.49 0.92 5.73
CA GLY B 212 -7.10 -0.38 5.19
C GLY B 212 -6.88 -0.41 3.69
N VAL B 213 -6.99 0.73 3.03
CA VAL B 213 -6.93 0.77 1.56
C VAL B 213 -5.74 0.07 0.92
N ILE B 214 -4.57 0.03 1.55
CA ILE B 214 -3.47 -0.67 0.88
C ILE B 214 -3.77 -2.14 0.65
N SER B 215 -4.68 -2.72 1.44
CA SER B 215 -5.08 -4.11 1.25
C SER B 215 -5.83 -4.32 -0.06
N ARG B 216 -6.40 -3.25 -0.59
CA ARG B 216 -7.12 -3.31 -1.84
C ARG B 216 -6.21 -3.00 -3.01
N LEU B 217 -5.00 -2.52 -2.73
CA LEU B 217 -4.07 -2.09 -3.77
C LEU B 217 -2.91 -3.05 -4.05
N ALA B 218 -2.43 -3.71 -3.01
CA ALA B 218 -1.24 -4.57 -3.10
C ALA B 218 -1.48 -6.08 -3.15
N GLY B 219 -2.57 -6.50 -3.77
CA GLY B 219 -2.87 -7.92 -3.91
C GLY B 219 -1.85 -8.70 -4.73
N GLU B 220 -1.21 -8.06 -5.69
CA GLU B 220 -0.28 -8.77 -6.55
C GLU B 220 0.89 -9.30 -5.69
N VAL B 221 1.39 -8.47 -4.79
CA VAL B 221 2.45 -8.92 -3.90
C VAL B 221 1.92 -9.75 -2.75
N PHE B 222 0.90 -9.26 -2.03
CA PHE B 222 0.47 -9.97 -0.82
C PHE B 222 -0.48 -11.16 -0.96
N GLY B 223 -1.11 -11.34 -2.10
CA GLY B 223 -1.93 -12.55 -2.26
C GLY B 223 -3.42 -12.48 -2.55
N SER B 224 -4.03 -11.31 -2.48
CA SER B 224 -5.45 -11.18 -2.75
C SER B 224 -5.58 -11.14 -4.27
N ALA B 225 -6.40 -12.04 -4.81
CA ALA B 225 -6.56 -12.20 -6.25
C ALA B 225 -7.52 -11.24 -6.89
N ALA B 226 -8.27 -10.52 -6.08
CA ALA B 226 -9.22 -9.55 -6.60
C ALA B 226 -9.43 -8.42 -5.63
N THR B 227 -9.96 -7.32 -6.13
CA THR B 227 -10.17 -6.14 -5.32
C THR B 227 -11.36 -5.36 -5.88
N PHE B 228 -12.14 -4.76 -4.99
CA PHE B 228 -13.34 -4.03 -5.39
C PHE B 228 -13.09 -2.55 -5.48
N GLY B 229 -13.65 -1.94 -6.50
CA GLY B 229 -13.58 -0.50 -6.68
C GLY B 229 -14.98 0.07 -6.84
N ALA B 230 -15.10 1.40 -6.76
CA ALA B 230 -16.40 2.06 -6.89
C ALA B 230 -16.56 2.77 -8.23
N VAL B 231 -17.73 2.64 -8.84
CA VAL B 231 -18.03 3.32 -10.07
C VAL B 231 -18.56 4.69 -9.66
N LYS B 232 -19.79 4.76 -9.17
CA LYS B 232 -20.38 6.01 -8.72
C LYS B 232 -20.48 6.12 -7.21
N LYS B 233 -20.80 5.02 -6.54
CA LYS B 233 -20.83 4.96 -5.09
C LYS B 233 -20.24 3.62 -4.70
N ALA B 234 -19.66 3.58 -3.52
CA ALA B 234 -19.00 2.39 -3.04
C ALA B 234 -19.99 1.35 -2.53
N SER B 235 -19.62 0.08 -2.62
CA SER B 235 -20.41 -0.99 -2.03
C SER B 235 -19.84 -1.40 -0.67
N ALA B 236 -18.80 -0.72 -0.21
CA ALA B 236 -18.16 -1.00 1.09
C ALA B 236 -17.19 0.13 1.45
N PRO B 237 -16.98 0.35 2.75
CA PRO B 237 -16.02 1.38 3.17
C PRO B 237 -14.60 1.15 2.68
N GLY B 238 -13.95 2.21 2.21
CA GLY B 238 -12.58 2.13 1.78
C GLY B 238 -12.31 1.93 0.30
N GLN B 239 -13.32 1.56 -0.48
CA GLN B 239 -13.14 1.39 -1.92
C GLN B 239 -12.86 2.74 -2.59
N ILE B 240 -11.97 2.75 -3.56
CA ILE B 240 -11.67 3.98 -4.30
C ILE B 240 -12.26 3.87 -5.71
N SER B 241 -12.25 4.96 -6.46
CA SER B 241 -12.83 5.00 -7.81
C SER B 241 -12.12 3.98 -8.65
N VAL B 242 -12.88 3.33 -9.50
CA VAL B 242 -12.34 2.28 -10.31
C VAL B 242 -11.19 2.77 -11.20
N ALA B 243 -11.27 4.00 -11.69
CA ALA B 243 -10.18 4.53 -12.56
C ALA B 243 -8.88 4.67 -11.76
N ASP B 244 -8.99 5.12 -10.53
CA ASP B 244 -7.82 5.27 -9.66
C ASP B 244 -7.26 3.92 -9.23
N LEU B 245 -8.16 2.95 -9.01
CA LEU B 245 -7.78 1.60 -8.67
C LEU B 245 -6.97 1.03 -9.82
N ARG B 246 -7.45 1.15 -11.05
CA ARG B 246 -6.73 0.64 -12.22
C ARG B 246 -5.36 1.29 -12.37
N THR B 247 -5.30 2.59 -12.08
CA THR B 247 -4.04 3.34 -12.16
C THR B 247 -3.01 2.79 -11.17
N VAL B 248 -3.41 2.60 -9.91
CA VAL B 248 -2.49 2.07 -8.92
C VAL B 248 -2.10 0.61 -9.25
N LEU B 249 -3.06 -0.22 -9.64
CA LEU B 249 -2.74 -1.62 -9.95
C LEU B 249 -1.72 -1.70 -11.09
N THR B 250 -1.94 -0.89 -12.12
CA THR B 250 -1.05 -0.82 -13.29
C THR B 250 0.36 -0.37 -12.88
N ILE B 251 0.44 0.66 -12.06
CA ILE B 251 1.74 1.15 -11.58
C ILE B 251 2.46 0.05 -10.83
N LEU B 252 1.75 -0.64 -9.93
CA LEU B 252 2.35 -1.74 -9.18
C LEU B 252 2.71 -2.94 -10.05
N HIS B 253 1.95 -3.17 -11.12
CA HIS B 253 2.19 -4.30 -11.98
C HIS B 253 3.42 -4.08 -12.88
N GLN B 254 3.69 -2.83 -13.22
CA GLN B 254 4.80 -2.48 -14.10
C GLN B 254 6.00 -1.86 -13.37
N ALA B 255 5.95 -1.77 -12.04
CA ALA B 255 7.03 -1.13 -11.25
C ALA B 255 8.33 -1.94 -11.16
N LYS C 5 6.49 18.48 17.15
CA LYS C 5 5.99 17.25 16.48
C LYS C 5 6.37 17.21 14.98
N THR C 6 6.23 18.33 14.29
CA THR C 6 6.61 18.40 12.88
C THR C 6 8.02 18.94 12.85
N VAL C 7 8.64 18.92 11.67
CA VAL C 7 9.97 19.46 11.49
C VAL C 7 9.90 20.32 10.24
N THR C 8 10.26 21.60 10.40
CA THR C 8 10.23 22.56 9.32
C THR C 8 11.65 22.75 8.77
N VAL C 9 11.82 22.37 7.50
CA VAL C 9 13.13 22.50 6.82
C VAL C 9 12.88 23.47 5.67
N ARG C 10 13.57 24.61 5.69
CA ARG C 10 13.25 25.73 4.79
C ARG C 10 11.79 26.05 5.06
N ASP C 11 10.94 26.12 4.06
CA ASP C 11 9.53 26.43 4.32
C ASP C 11 8.64 25.17 4.25
N LEU C 12 9.24 23.99 4.26
CA LEU C 12 8.49 22.73 4.18
C LEU C 12 8.23 22.11 5.55
N VAL C 13 6.98 21.83 5.86
CA VAL C 13 6.62 21.21 7.12
C VAL C 13 6.52 19.69 6.93
N VAL C 14 7.53 18.98 7.43
CA VAL C 14 7.58 17.54 7.36
C VAL C 14 6.85 16.93 8.55
N GLY C 15 5.96 15.98 8.25
CA GLY C 15 5.15 15.30 9.24
C GLY C 15 3.70 15.74 9.18
N GLU C 16 3.37 16.60 8.23
CA GLU C 16 1.99 17.08 8.05
C GLU C 16 1.52 16.79 6.62
N GLY C 17 0.27 16.38 6.47
CA GLY C 17 -0.31 16.12 5.16
C GLY C 17 0.28 14.91 4.49
N ALA C 18 0.38 14.95 3.16
CA ALA C 18 0.89 13.79 2.42
C ALA C 18 2.40 13.66 2.62
N PRO C 19 2.92 12.42 2.56
CA PRO C 19 4.36 12.24 2.66
C PRO C 19 5.12 13.07 1.60
N LYS C 20 6.27 13.58 1.98
CA LYS C 20 7.07 14.40 1.11
C LYS C 20 7.99 13.55 0.21
N ILE C 21 8.09 13.92 -1.05
CA ILE C 21 8.92 13.21 -2.02
C ILE C 21 10.37 13.74 -1.99
N ILE C 22 11.30 12.82 -1.80
CA ILE C 22 12.70 13.13 -1.82
C ILE C 22 13.25 12.41 -3.05
N VAL C 23 14.17 13.05 -3.76
CA VAL C 23 14.84 12.46 -4.90
C VAL C 23 16.31 12.69 -4.62
N SER C 24 17.14 11.73 -5.03
CA SER C 24 18.55 11.76 -4.85
C SER C 24 19.31 12.19 -6.10
N LEU C 25 20.18 13.17 -5.92
CA LEU C 25 21.06 13.64 -6.99
C LEU C 25 22.39 12.89 -6.81
N MET C 26 22.81 12.20 -7.86
CA MET C 26 24.02 11.37 -7.87
C MET C 26 24.93 11.83 -9.03
N GLY C 27 26.01 12.48 -8.68
CA GLY C 27 26.96 12.99 -9.66
C GLY C 27 28.38 12.76 -9.20
N LYS C 28 29.23 12.33 -10.13
CA LYS C 28 30.63 12.06 -9.80
C LYS C 28 31.52 13.32 -9.81
N THR C 29 31.36 14.17 -10.82
CA THR C 29 32.15 15.37 -10.95
C THR C 29 31.25 16.58 -10.79
N ILE C 30 31.85 17.75 -10.64
CA ILE C 30 31.10 18.97 -10.54
C ILE C 30 30.27 19.18 -11.83
N THR C 31 30.84 18.80 -12.97
CA THR C 31 30.13 18.91 -14.25
C THR C 31 28.87 18.01 -14.23
N ASP C 32 28.98 16.80 -13.66
CA ASP C 32 27.82 15.89 -13.53
C ASP C 32 26.78 16.48 -12.58
N VAL C 33 27.26 16.96 -11.43
CA VAL C 33 26.38 17.56 -10.45
C VAL C 33 25.56 18.72 -11.04
N LYS C 34 26.21 19.55 -11.84
CA LYS C 34 25.53 20.67 -12.49
C LYS C 34 24.48 20.22 -13.48
N SER C 35 24.81 19.27 -14.38
CA SER C 35 23.81 18.79 -15.35
C SER C 35 22.66 18.07 -14.63
N GLU C 36 22.95 17.30 -13.58
CA GLU C 36 21.88 16.60 -12.87
C GLU C 36 20.96 17.61 -12.17
N ALA C 37 21.54 18.61 -11.50
CA ALA C 37 20.72 19.61 -10.80
C ALA C 37 19.80 20.33 -11.78
N LEU C 38 20.34 20.73 -12.92
CA LEU C 38 19.55 21.40 -13.97
C LEU C 38 18.40 20.54 -14.48
N ALA C 39 18.67 19.25 -14.71
CA ALA C 39 17.66 18.29 -15.19
C ALA C 39 16.59 17.93 -14.15
N TYR C 40 16.95 18.01 -12.88
CA TYR C 40 16.01 17.71 -11.81
C TYR C 40 14.96 18.82 -11.62
N ARG C 41 15.19 20.01 -12.17
CA ARG C 41 14.17 21.07 -11.99
C ARG C 41 12.87 20.80 -12.72
N GLU C 42 12.88 19.92 -13.71
CA GLU C 42 11.65 19.56 -14.38
C GLU C 42 10.85 18.53 -13.56
N ALA C 43 11.45 17.93 -12.53
CA ALA C 43 10.79 16.89 -11.73
C ALA C 43 10.02 17.46 -10.54
N ASP C 44 8.95 16.79 -10.15
CA ASP C 44 8.09 17.23 -9.06
C ASP C 44 8.49 16.49 -7.79
N PHE C 45 9.29 17.15 -6.97
CA PHE C 45 9.73 16.57 -5.69
C PHE C 45 9.67 17.67 -4.65
N ASP C 46 9.75 17.29 -3.38
CA ASP C 46 9.66 18.24 -2.28
C ASP C 46 11.02 18.53 -1.62
N ILE C 47 11.90 17.54 -1.61
CA ILE C 47 13.23 17.66 -1.00
C ILE C 47 14.27 17.04 -1.91
N LEU C 48 15.40 17.72 -2.06
CA LEU C 48 16.49 17.21 -2.85
C LEU C 48 17.56 16.63 -1.93
N GLU C 49 17.83 15.35 -2.09
CA GLU C 49 18.94 14.73 -1.36
C GLU C 49 20.15 14.70 -2.24
N TRP C 50 21.26 15.23 -1.76
CA TRP C 50 22.49 15.13 -2.53
C TRP C 50 23.24 13.93 -1.96
N ARG C 51 23.38 12.87 -2.78
CA ARG C 51 24.15 11.68 -2.36
C ARG C 51 25.64 11.98 -2.59
N VAL C 52 26.22 12.56 -1.56
CA VAL C 52 27.59 13.02 -1.55
C VAL C 52 28.58 11.88 -1.78
N ASP C 53 28.20 10.68 -1.36
CA ASP C 53 29.09 9.52 -1.52
C ASP C 53 29.32 9.19 -3.01
N HIS C 54 28.41 9.58 -3.89
CA HIS C 54 28.63 9.35 -5.32
C HIS C 54 29.64 10.33 -5.89
N PHE C 55 29.86 11.43 -5.17
CA PHE C 55 30.78 12.48 -5.57
C PHE C 55 32.22 11.96 -5.45
N ALA C 56 32.98 12.10 -6.52
CA ALA C 56 34.34 11.55 -6.56
C ALA C 56 35.36 12.21 -5.63
N ASN C 57 35.20 13.49 -5.32
CA ASN C 57 36.21 14.20 -4.51
C ASN C 57 35.70 14.74 -3.20
N VAL C 58 35.20 13.84 -2.35
CA VAL C 58 34.61 14.27 -1.09
C VAL C 58 35.66 14.75 -0.07
N THR C 59 36.92 14.34 -0.23
CA THR C 59 37.95 14.74 0.75
C THR C 59 38.57 16.09 0.44
N THR C 60 38.20 16.68 -0.71
CA THR C 60 38.67 18.00 -1.06
C THR C 60 37.55 18.98 -0.67
N ALA C 61 37.79 19.67 0.44
CA ALA C 61 36.87 20.63 1.02
C ALA C 61 36.26 21.63 0.03
N GLU C 62 37.09 22.26 -0.80
CA GLU C 62 36.58 23.25 -1.75
C GLU C 62 35.74 22.61 -2.85
N SER C 63 36.08 21.40 -3.23
CA SER C 63 35.31 20.71 -4.24
C SER C 63 33.90 20.45 -3.75
N VAL C 64 33.79 19.93 -2.54
CA VAL C 64 32.48 19.61 -1.93
C VAL C 64 31.65 20.85 -1.78
N LEU C 65 32.27 21.91 -1.24
CA LEU C 65 31.58 23.20 -1.03
C LEU C 65 31.11 23.79 -2.36
N GLU C 66 31.95 23.73 -3.40
CA GLU C 66 31.55 24.26 -4.72
C GLU C 66 30.37 23.48 -5.31
N ALA C 67 30.39 22.16 -5.16
CA ALA C 67 29.29 21.31 -5.62
C ALA C 67 28.01 21.65 -4.84
N ALA C 68 28.14 21.81 -3.52
CA ALA C 68 26.97 22.18 -2.69
C ALA C 68 26.40 23.50 -3.19
N GLY C 69 27.28 24.47 -3.44
CA GLY C 69 26.90 25.76 -3.94
C GLY C 69 26.25 25.70 -5.30
N ALA C 70 26.75 24.84 -6.18
CA ALA C 70 26.18 24.69 -7.50
C ALA C 70 24.76 24.13 -7.41
N ILE C 71 24.53 23.17 -6.51
CA ILE C 71 23.20 22.59 -6.32
C ILE C 71 22.25 23.60 -5.69
N ARG C 72 22.70 24.27 -4.63
CA ARG C 72 21.88 25.23 -3.88
C ARG C 72 21.46 26.40 -4.73
N GLU C 73 22.36 26.77 -5.63
CA GLU C 73 22.20 27.86 -6.57
C GLU C 73 21.04 27.58 -7.52
N ILE C 74 21.02 26.35 -8.02
CA ILE C 74 20.01 25.87 -8.97
C ILE C 74 18.67 25.46 -8.32
N ILE C 75 18.73 24.65 -7.25
CA ILE C 75 17.52 24.24 -6.55
C ILE C 75 17.25 25.32 -5.49
N THR C 76 16.58 26.37 -5.93
CA THR C 76 16.29 27.54 -5.11
C THR C 76 15.12 27.41 -4.16
N ASP C 77 14.08 26.70 -4.59
CA ASP C 77 12.81 26.57 -3.83
C ASP C 77 12.56 25.23 -3.12
N LYS C 78 13.62 24.49 -2.77
CA LYS C 78 13.45 23.21 -2.12
C LYS C 78 14.51 23.04 -1.04
N PRO C 79 14.17 22.37 0.05
CA PRO C 79 15.22 22.08 1.02
C PRO C 79 16.24 21.11 0.42
N LEU C 80 17.48 21.21 0.92
CA LEU C 80 18.59 20.39 0.48
C LEU C 80 19.11 19.52 1.64
N LEU C 81 19.11 18.21 1.41
CA LEU C 81 19.60 17.23 2.37
C LEU C 81 20.96 16.72 1.90
N PHE C 82 21.94 16.80 2.79
CA PHE C 82 23.31 16.39 2.51
C PHE C 82 23.49 15.01 3.10
N THR C 83 23.64 14.03 2.20
CA THR C 83 23.80 12.66 2.63
C THR C 83 25.02 11.96 2.10
N PHE C 84 25.97 11.68 2.99
CA PHE C 84 27.08 10.83 2.62
C PHE C 84 26.70 9.44 3.12
N ARG C 85 26.32 8.55 2.19
CA ARG C 85 26.00 7.17 2.54
C ARG C 85 27.29 6.35 2.50
N SER C 86 27.75 5.90 3.67
CA SER C 86 28.98 5.15 3.77
C SER C 86 28.93 3.77 3.09
N ALA C 87 30.09 3.26 2.68
CA ALA C 87 30.17 1.93 2.05
C ALA C 87 29.57 0.86 2.97
N LYS C 88 29.88 0.94 4.26
CA LYS C 88 29.35 -0.04 5.20
C LYS C 88 27.82 -0.03 5.30
N GLU C 89 27.17 1.07 4.88
CA GLU C 89 25.72 1.16 4.90
C GLU C 89 25.14 1.04 3.47
N GLY C 90 25.94 0.51 2.55
CA GLY C 90 25.52 0.28 1.16
C GLY C 90 25.83 1.41 0.19
N GLY C 91 26.64 2.37 0.64
CA GLY C 91 27.01 3.53 -0.16
C GLY C 91 28.13 3.33 -1.15
N GLU C 92 28.53 4.43 -1.80
CA GLU C 92 29.51 4.41 -2.87
C GLU C 92 30.98 4.57 -2.51
N GLN C 93 31.32 4.90 -1.26
CA GLN C 93 32.71 4.94 -0.83
C GLN C 93 32.86 4.91 0.68
N ALA C 94 34.05 4.55 1.11
CA ALA C 94 34.37 4.46 2.52
C ALA C 94 35.18 5.66 2.97
N LEU C 95 34.90 6.13 4.17
CA LEU C 95 35.66 7.20 4.79
C LEU C 95 35.96 6.75 6.20
N THR C 96 36.99 7.32 6.81
CA THR C 96 37.24 7.05 8.24
C THR C 96 36.18 7.81 9.02
N THR C 97 35.99 7.46 10.30
CA THR C 97 35.02 8.16 11.14
C THR C 97 35.30 9.66 11.16
N GLY C 98 36.58 10.01 11.29
CA GLY C 98 37.00 11.40 11.33
C GLY C 98 36.69 12.19 10.08
N GLN C 99 36.97 11.59 8.92
CA GLN C 99 36.69 12.18 7.63
C GLN C 99 35.19 12.44 7.49
N TYR C 100 34.41 11.43 7.88
CA TYR C 100 32.97 11.48 7.84
C TYR C 100 32.40 12.60 8.71
N ILE C 101 32.87 12.69 9.95
CA ILE C 101 32.41 13.80 10.82
C ILE C 101 32.82 15.16 10.24
N ASP C 102 34.06 15.28 9.79
CA ASP C 102 34.53 16.56 9.23
C ASP C 102 33.70 16.96 8.01
N LEU C 103 33.34 15.99 7.19
CA LEU C 103 32.55 16.23 5.98
C LEU C 103 31.21 16.83 6.36
N ASN C 104 30.54 16.20 7.31
CA ASN C 104 29.25 16.66 7.77
C ASN C 104 29.32 18.03 8.47
N ARG C 105 30.35 18.28 9.27
CA ARG C 105 30.54 19.62 9.84
C ARG C 105 30.72 20.67 8.74
N ALA C 106 31.50 20.34 7.73
CA ALA C 106 31.71 21.29 6.60
C ALA C 106 30.36 21.61 5.93
N ALA C 107 29.49 20.60 5.78
CA ALA C 107 28.17 20.80 5.21
C ALA C 107 27.35 21.75 6.11
N VAL C 108 27.34 21.47 7.41
CA VAL C 108 26.63 22.34 8.34
C VAL C 108 27.18 23.77 8.24
N ASP C 109 28.52 23.91 8.30
CA ASP C 109 29.15 25.24 8.26
C ASP C 109 28.99 26.00 6.97
N SER C 110 28.68 25.27 5.89
CA SER C 110 28.57 25.91 4.58
C SER C 110 27.42 26.90 4.51
N GLY C 111 26.38 26.66 5.29
CA GLY C 111 25.19 27.50 5.24
C GLY C 111 24.39 27.22 3.98
N LEU C 112 24.71 26.14 3.29
CA LEU C 112 24.02 25.81 2.03
C LEU C 112 23.07 24.62 2.16
N VAL C 113 23.16 23.89 3.25
CA VAL C 113 22.31 22.71 3.44
C VAL C 113 21.34 22.90 4.60
N ASP C 114 20.14 22.37 4.43
CA ASP C 114 19.10 22.45 5.46
C ASP C 114 19.08 21.26 6.39
N MET C 115 19.63 20.13 5.94
CA MET C 115 19.65 18.93 6.73
C MET C 115 20.86 18.08 6.36
N ILE C 116 21.34 17.31 7.33
CA ILE C 116 22.38 16.35 7.09
C ILE C 116 21.85 14.99 7.49
N ASP C 117 22.42 13.94 6.91
CA ASP C 117 22.09 12.58 7.26
C ASP C 117 23.27 12.08 8.08
N LEU C 118 23.00 11.58 9.27
CA LEU C 118 24.04 10.94 10.08
C LEU C 118 23.63 9.49 10.31
N GLU C 119 24.57 8.58 10.16
CA GLU C 119 24.29 7.17 10.35
C GLU C 119 24.35 6.75 11.82
N LEU C 120 23.27 6.11 12.27
CA LEU C 120 23.14 5.67 13.66
C LEU C 120 24.37 4.92 14.19
N PHE C 121 24.91 3.99 13.40
CA PHE C 121 26.02 3.17 13.89
C PHE C 121 27.43 3.74 13.66
N THR C 122 27.53 5.07 13.56
CA THR C 122 28.83 5.75 13.39
C THR C 122 29.64 5.70 14.70
N GLY C 123 28.94 5.82 15.83
CA GLY C 123 29.55 5.88 17.15
C GLY C 123 28.75 6.89 17.96
N ASP C 124 28.26 6.48 19.13
CA ASP C 124 27.41 7.36 19.99
C ASP C 124 28.00 8.72 20.29
N ASP C 125 29.23 8.76 20.79
CA ASP C 125 29.90 10.04 21.13
C ASP C 125 29.99 11.00 19.93
N GLU C 126 30.42 10.48 18.79
CA GLU C 126 30.57 11.26 17.58
C GLU C 126 29.22 11.78 17.11
N VAL C 127 28.21 10.92 17.14
CA VAL C 127 26.88 11.27 16.69
C VAL C 127 26.26 12.33 17.60
N LYS C 128 26.30 12.12 18.90
CA LYS C 128 25.72 13.09 19.82
C LYS C 128 26.33 14.45 19.59
N ALA C 129 27.65 14.50 19.48
CA ALA C 129 28.34 15.75 19.29
C ALA C 129 27.99 16.42 17.95
N THR C 130 27.85 15.62 16.90
CA THR C 130 27.57 16.21 15.58
C THR C 130 26.12 16.61 15.44
N VAL C 131 25.22 15.88 16.09
CA VAL C 131 23.81 16.27 16.10
C VAL C 131 23.69 17.65 16.79
N GLY C 132 24.33 17.77 17.96
CA GLY C 132 24.31 19.04 18.71
C GLY C 132 24.91 20.16 17.89
N TYR C 133 25.95 19.84 17.16
CA TYR C 133 26.61 20.82 16.33
C TYR C 133 25.71 21.33 15.20
N ALA C 134 24.99 20.40 14.56
CA ALA C 134 24.08 20.77 13.48
C ALA C 134 22.98 21.68 14.04
N HIS C 135 22.41 21.29 15.17
CA HIS C 135 21.33 22.05 15.80
C HIS C 135 21.77 23.48 16.21
N GLN C 136 23.00 23.61 16.68
CA GLN C 136 23.51 24.94 17.04
C GLN C 136 23.62 25.82 15.83
N HIS C 137 23.65 25.22 14.65
CA HIS C 137 23.75 25.96 13.40
C HIS C 137 22.46 25.91 12.59
N ASN C 138 21.38 25.48 13.24
CA ASN C 138 20.05 25.44 12.63
C ASN C 138 19.93 24.52 11.44
N VAL C 139 20.64 23.39 11.51
CA VAL C 139 20.58 22.35 10.49
C VAL C 139 19.95 21.12 11.11
N ALA C 140 18.90 20.62 10.45
CA ALA C 140 18.16 19.48 10.92
C ALA C 140 18.96 18.21 10.64
N VAL C 141 18.65 17.14 11.38
CA VAL C 141 19.36 15.90 11.26
C VAL C 141 18.42 14.72 11.04
N ILE C 142 18.66 14.01 9.93
CA ILE C 142 17.97 12.75 9.66
C ILE C 142 19.03 11.74 10.11
N MET C 143 18.65 10.80 10.96
CA MET C 143 19.59 9.79 11.40
C MET C 143 19.12 8.51 10.75
N SER C 144 20.06 7.76 10.17
CA SER C 144 19.71 6.61 9.35
C SER C 144 20.43 5.32 9.63
N ASN C 145 19.82 4.27 9.10
CA ASN C 145 20.34 2.93 9.18
C ASN C 145 19.77 2.19 7.96
N HIS C 146 20.62 1.38 7.32
CA HIS C 146 20.27 0.63 6.13
C HIS C 146 20.66 -0.80 6.27
N ASP C 147 19.83 -1.70 5.74
CA ASP C 147 20.15 -3.13 5.67
C ASP C 147 19.69 -3.61 4.30
N PHE C 148 20.65 -3.91 3.43
CA PHE C 148 20.35 -4.34 2.05
C PHE C 148 20.14 -5.84 1.86
N HIS C 149 20.17 -6.59 2.95
CA HIS C 149 20.02 -8.06 2.88
C HIS C 149 18.85 -8.65 3.66
N LYS C 150 18.41 -7.98 4.71
CA LYS C 150 17.36 -8.56 5.53
C LYS C 150 16.56 -7.52 6.27
N THR C 151 15.52 -8.00 6.96
CA THR C 151 14.67 -7.17 7.77
C THR C 151 14.75 -7.65 9.20
N PRO C 152 15.39 -6.87 10.08
CA PRO C 152 15.47 -7.27 11.50
C PRO C 152 14.09 -7.41 12.09
N ALA C 153 13.97 -8.07 13.24
CA ALA C 153 12.68 -8.16 13.93
C ALA C 153 12.12 -6.76 14.15
N ALA C 154 10.80 -6.62 14.12
CA ALA C 154 10.16 -5.33 14.35
C ALA C 154 10.68 -4.69 15.63
N GLU C 155 10.86 -5.51 16.65
CA GLU C 155 11.36 -5.04 17.95
C GLU C 155 12.75 -4.36 17.79
N GLU C 156 13.63 -4.96 17.01
CA GLU C 156 14.95 -4.38 16.77
C GLU C 156 14.83 -3.10 15.93
N ILE C 157 13.91 -3.09 14.96
CA ILE C 157 13.68 -1.90 14.15
C ILE C 157 13.20 -0.73 15.04
N VAL C 158 12.27 -1.02 15.95
CA VAL C 158 11.75 0.02 16.86
C VAL C 158 12.87 0.49 17.78
N GLN C 159 13.70 -0.42 18.30
CA GLN C 159 14.78 0.04 19.17
C GLN C 159 15.76 0.98 18.46
N ARG C 160 16.07 0.70 17.19
CA ARG C 160 16.97 1.56 16.44
C ARG C 160 16.36 2.95 16.26
N LEU C 161 15.11 2.99 15.86
CA LEU C 161 14.40 4.23 15.67
C LEU C 161 14.35 5.04 16.98
N ARG C 162 14.10 4.35 18.10
CA ARG C 162 14.07 4.98 19.41
C ARG C 162 15.44 5.53 19.79
N LYS C 163 16.49 4.76 19.56
CA LYS C 163 17.86 5.20 19.83
C LYS C 163 18.16 6.48 19.01
N MET C 164 17.69 6.54 17.75
CA MET C 164 17.91 7.74 16.91
C MET C 164 17.32 8.97 17.58
N GLN C 165 16.09 8.82 18.01
CA GLN C 165 15.37 9.86 18.70
C GLN C 165 16.11 10.23 19.99
N GLU C 166 16.58 9.22 20.69
CA GLU C 166 17.32 9.44 21.95
C GLU C 166 18.59 10.27 21.69
N LEU C 167 19.24 10.06 20.53
CA LEU C 167 20.48 10.79 20.18
C LEU C 167 20.23 12.18 19.58
N GLY C 168 18.98 12.61 19.51
CA GLY C 168 18.62 13.95 19.07
C GLY C 168 18.18 14.09 17.61
N ALA C 169 18.06 12.98 16.91
CA ALA C 169 17.65 13.01 15.51
C ALA C 169 16.32 13.77 15.34
N ASP C 170 16.27 14.67 14.39
CA ASP C 170 15.01 15.36 14.10
C ASP C 170 14.08 14.40 13.38
N ILE C 171 14.65 13.56 12.53
CA ILE C 171 13.89 12.58 11.79
C ILE C 171 14.61 11.23 11.70
N PRO C 172 14.21 10.26 12.55
CA PRO C 172 14.78 8.92 12.41
C PRO C 172 14.37 8.29 11.07
N LYS C 173 15.28 7.53 10.48
CA LYS C 173 15.06 6.89 9.19
C LYS C 173 15.68 5.50 9.17
N ILE C 174 14.95 4.53 8.66
CA ILE C 174 15.47 3.18 8.54
C ILE C 174 14.94 2.58 7.22
N ALA C 175 15.83 1.89 6.50
CA ALA C 175 15.52 1.25 5.24
C ALA C 175 16.04 -0.15 5.35
N VAL C 176 15.16 -1.11 5.15
CA VAL C 176 15.51 -2.51 5.29
C VAL C 176 15.08 -3.27 4.04
N MET C 177 15.68 -4.44 3.83
CA MET C 177 15.37 -5.26 2.67
C MET C 177 14.52 -6.47 3.03
N PRO C 178 13.36 -6.63 2.37
CA PRO C 178 12.59 -7.82 2.65
C PRO C 178 13.16 -9.04 1.92
N GLN C 179 13.42 -10.11 2.66
CA GLN C 179 13.87 -11.34 2.01
C GLN C 179 12.66 -12.05 1.43
N THR C 180 11.50 -11.79 2.03
CA THR C 180 10.23 -12.37 1.62
C THR C 180 9.10 -11.35 1.90
N LYS C 181 7.91 -11.53 1.34
CA LYS C 181 6.86 -10.50 1.54
C LYS C 181 6.45 -10.28 3.00
N ALA C 182 6.49 -11.29 3.84
CA ALA C 182 6.16 -11.08 5.25
C ALA C 182 7.05 -9.99 5.87
N ASP C 183 8.30 -9.90 5.43
CA ASP C 183 9.24 -8.91 5.98
C ASP C 183 8.76 -7.49 5.76
N VAL C 184 7.99 -7.27 4.71
CA VAL C 184 7.48 -5.96 4.43
C VAL C 184 6.50 -5.54 5.50
N LEU C 185 5.69 -6.48 5.99
CA LEU C 185 4.72 -6.21 7.04
C LEU C 185 5.41 -5.93 8.36
N THR C 186 6.54 -6.61 8.59
CA THR C 186 7.35 -6.40 9.77
C THR C 186 7.84 -4.96 9.85
N LEU C 187 8.37 -4.45 8.73
CA LEU C 187 8.80 -3.06 8.65
C LEU C 187 7.62 -2.11 8.93
N LEU C 188 6.47 -2.36 8.31
CA LEU C 188 5.30 -1.54 8.59
C LEU C 188 4.83 -1.65 10.06
N THR C 189 4.89 -2.85 10.63
CA THR C 189 4.51 -3.06 12.03
C THR C 189 5.39 -2.21 12.93
N ALA C 190 6.70 -2.22 12.65
CA ALA C 190 7.63 -1.41 13.42
C ALA C 190 7.35 0.08 13.22
N THR C 191 6.96 0.47 12.01
CA THR C 191 6.66 1.87 11.71
C THR C 191 5.47 2.35 12.53
N VAL C 192 4.41 1.53 12.53
CA VAL C 192 3.20 1.84 13.29
C VAL C 192 3.50 1.90 14.80
N GLU C 193 4.25 0.93 15.33
CA GLU C 193 4.56 0.91 16.77
C GLU C 193 5.34 2.15 17.18
N MET C 194 6.35 2.51 16.40
CA MET C 194 7.19 3.68 16.72
C MET C 194 6.40 4.98 16.67
N GLN C 195 5.72 5.19 15.56
CA GLN C 195 4.97 6.40 15.34
C GLN C 195 3.88 6.60 16.36
N GLU C 196 3.16 5.52 16.65
CA GLU C 196 2.08 5.57 17.60
C GLU C 196 2.48 5.59 19.07
N ARG C 197 3.46 4.77 19.45
CA ARG C 197 3.86 4.70 20.86
C ARG C 197 5.07 5.48 21.36
N TYR C 198 6.07 5.73 20.51
CA TYR C 198 7.33 6.35 20.99
C TYR C 198 7.77 7.63 20.34
N ALA C 199 7.35 7.87 19.11
CA ALA C 199 7.81 9.02 18.38
C ALA C 199 7.19 10.34 18.84
N ASP C 200 8.01 11.37 18.98
CA ASP C 200 7.48 12.71 19.26
C ASP C 200 7.93 13.60 18.11
N ARG C 201 8.31 12.98 16.99
CA ARG C 201 8.79 13.66 15.80
C ARG C 201 8.52 12.77 14.56
N PRO C 202 8.67 13.33 13.34
CA PRO C 202 8.42 12.50 12.13
C PRO C 202 9.45 11.39 11.96
N ILE C 203 9.07 10.29 11.31
CA ILE C 203 10.04 9.22 11.00
C ILE C 203 9.87 8.91 9.52
N ILE C 204 10.89 8.28 8.94
CA ILE C 204 10.89 7.86 7.55
C ILE C 204 11.29 6.40 7.57
N THR C 205 10.47 5.54 6.96
CA THR C 205 10.79 4.14 6.90
C THR C 205 10.50 3.62 5.51
N MET C 206 11.20 2.56 5.15
CA MET C 206 10.98 1.90 3.89
C MET C 206 11.50 0.47 3.92
N SER C 207 10.75 -0.37 3.24
CA SER C 207 11.12 -1.75 2.94
C SER C 207 11.52 -1.64 1.48
N MET C 208 12.75 -1.98 1.18
CA MET C 208 13.26 -1.79 -0.17
C MET C 208 12.80 -2.89 -1.15
N SER C 209 13.19 -2.70 -2.40
CA SER C 209 12.90 -3.58 -3.53
C SER C 209 11.45 -3.46 -3.97
N LYS C 210 11.13 -4.02 -5.14
CA LYS C 210 9.74 -4.04 -5.65
C LYS C 210 8.74 -4.65 -4.67
N THR C 211 9.19 -5.68 -3.98
CA THR C 211 8.39 -6.38 -3.01
C THR C 211 7.92 -5.47 -1.87
N GLY C 212 8.79 -4.54 -1.47
CA GLY C 212 8.48 -3.59 -0.39
C GLY C 212 7.88 -2.25 -0.81
N VAL C 213 7.64 -2.06 -2.11
CA VAL C 213 7.17 -0.75 -2.65
C VAL C 213 5.94 -0.15 -1.97
N ILE C 214 5.05 -0.99 -1.46
CA ILE C 214 3.87 -0.44 -0.80
C ILE C 214 4.29 0.47 0.37
N SER C 215 5.44 0.16 0.98
CA SER C 215 5.94 0.94 2.14
C SER C 215 6.37 2.36 1.74
N ARG C 216 6.64 2.53 0.44
CA ARG C 216 7.02 3.81 -0.09
C ARG C 216 5.79 4.61 -0.51
N LEU C 217 4.62 3.96 -0.55
CA LEU C 217 3.39 4.59 -1.02
C LEU C 217 2.38 4.95 0.05
N ALA C 218 2.30 4.11 1.08
CA ALA C 218 1.30 4.25 2.16
C ALA C 218 1.76 4.94 3.42
N GLY C 219 2.69 5.86 3.29
CA GLY C 219 3.19 6.58 4.44
C GLY C 219 2.15 7.41 5.18
N GLU C 220 1.15 7.94 4.45
CA GLU C 220 0.16 8.79 5.08
C GLU C 220 -0.63 8.02 6.13
N VAL C 221 -0.99 6.79 5.84
CA VAL C 221 -1.69 5.98 6.82
C VAL C 221 -0.75 5.41 7.87
N PHE C 222 0.37 4.81 7.47
CA PHE C 222 1.21 4.11 8.46
C PHE C 222 2.20 4.90 9.29
N GLY C 223 2.56 6.09 8.82
CA GLY C 223 3.41 6.95 9.61
C GLY C 223 4.79 7.29 9.11
N SER C 224 5.08 7.03 7.83
CA SER C 224 6.34 7.45 7.24
C SER C 224 6.07 8.84 6.64
N ALA C 225 6.87 9.82 7.08
CA ALA C 225 6.70 11.22 6.72
C ALA C 225 7.29 11.63 5.37
N ALA C 226 8.13 10.77 4.78
CA ALA C 226 8.73 11.06 3.49
C ALA C 226 9.01 9.78 2.74
N THR C 227 9.21 9.90 1.44
CA THR C 227 9.42 8.76 0.56
C THR C 227 10.25 9.17 -0.64
N PHE C 228 11.13 8.27 -1.06
CA PHE C 228 12.01 8.50 -2.19
C PHE C 228 11.49 7.96 -3.49
N GLY C 229 11.67 8.74 -4.54
CA GLY C 229 11.31 8.34 -5.89
C GLY C 229 12.55 8.58 -6.74
N ALA C 230 12.51 8.11 -7.99
CA ALA C 230 13.62 8.21 -8.92
C ALA C 230 13.27 9.14 -10.04
N VAL C 231 14.23 9.97 -10.45
CA VAL C 231 14.03 10.87 -11.57
C VAL C 231 14.37 10.04 -12.81
N LYS C 232 15.67 9.75 -13.00
CA LYS C 232 16.13 8.90 -14.11
C LYS C 232 16.71 7.60 -13.58
N LYS C 233 17.45 7.67 -12.50
CA LYS C 233 17.98 6.46 -11.90
C LYS C 233 17.72 6.44 -10.41
N ALA C 234 17.42 5.24 -9.93
CA ALA C 234 17.10 5.00 -8.55
C ALA C 234 18.33 5.10 -7.68
N SER C 235 18.15 5.58 -6.45
CA SER C 235 19.23 5.66 -5.47
C SER C 235 19.14 4.47 -4.49
N ALA C 236 18.10 3.66 -4.66
CA ALA C 236 17.91 2.44 -3.89
C ALA C 236 16.92 1.51 -4.58
N PRO C 237 17.03 0.21 -4.29
CA PRO C 237 16.09 -0.73 -4.88
C PRO C 237 14.64 -0.46 -4.53
N GLY C 238 13.80 -0.56 -5.55
CA GLY C 238 12.36 -0.42 -5.38
C GLY C 238 11.75 0.96 -5.52
N GLN C 239 12.55 1.98 -5.77
CA GLN C 239 12.01 3.32 -5.94
C GLN C 239 11.33 3.33 -7.28
N ILE C 240 10.23 4.07 -7.39
CA ILE C 240 9.56 4.20 -8.65
C ILE C 240 9.77 5.64 -9.16
N SER C 241 9.43 5.86 -10.43
CA SER C 241 9.59 7.18 -11.03
C SER C 241 8.82 8.20 -10.21
N VAL C 242 9.38 9.39 -10.04
CA VAL C 242 8.74 10.43 -9.22
C VAL C 242 7.32 10.80 -9.67
N ALA C 243 7.06 10.79 -10.97
CA ALA C 243 5.71 11.08 -11.47
C ALA C 243 4.69 10.03 -10.98
N ASP C 244 5.07 8.76 -11.04
CA ASP C 244 4.19 7.67 -10.62
C ASP C 244 4.03 7.70 -9.11
N LEU C 245 5.09 8.07 -8.40
CA LEU C 245 5.05 8.20 -6.96
C LEU C 245 4.05 9.29 -6.60
N ARG C 246 4.16 10.44 -7.27
CA ARG C 246 3.25 11.54 -7.00
C ARG C 246 1.79 11.10 -7.27
N THR C 247 1.57 10.45 -8.40
CA THR C 247 0.25 9.93 -8.74
C THR C 247 -0.38 9.09 -7.60
N VAL C 248 0.36 8.09 -7.11
CA VAL C 248 -0.17 7.23 -6.06
C VAL C 248 -0.38 8.01 -4.76
N LEU C 249 0.59 8.82 -4.37
CA LEU C 249 0.47 9.63 -3.14
C LEU C 249 -0.76 10.54 -3.17
N THR C 250 -1.02 11.12 -4.34
CA THR C 250 -2.16 11.99 -4.50
C THR C 250 -3.45 11.19 -4.37
N ILE C 251 -3.53 10.00 -5.00
CA ILE C 251 -4.71 9.16 -4.93
C ILE C 251 -4.99 8.79 -3.48
N LEU C 252 -3.94 8.42 -2.74
CA LEU C 252 -4.09 8.04 -1.34
C LEU C 252 -4.40 9.21 -0.42
N HIS C 253 -3.90 10.38 -0.75
CA HIS C 253 -4.15 11.57 0.04
C HIS C 253 -5.61 12.05 -0.10
N GLN C 254 -6.23 11.77 -1.26
CA GLN C 254 -7.60 12.19 -1.55
C GLN C 254 -8.61 11.06 -1.49
N ALA C 255 -8.16 9.86 -1.15
CA ALA C 255 -9.03 8.65 -1.11
C ALA C 255 -10.05 8.60 0.03
N MET D 4 -40.91 14.67 28.22
CA MET D 4 -39.55 14.95 27.72
C MET D 4 -39.43 16.42 27.36
N LYS D 5 -38.19 16.91 27.33
CA LYS D 5 -37.92 18.27 26.90
C LYS D 5 -37.47 18.18 25.43
N THR D 6 -37.98 19.07 24.58
CA THR D 6 -37.60 19.10 23.17
C THR D 6 -36.21 19.70 23.07
N VAL D 7 -35.58 19.60 21.90
CA VAL D 7 -34.28 20.20 21.67
C VAL D 7 -34.37 21.09 20.45
N THR D 8 -34.01 22.36 20.60
CA THR D 8 -34.09 23.34 19.50
C THR D 8 -32.70 23.58 18.96
N VAL D 9 -32.53 23.37 17.65
CA VAL D 9 -31.27 23.61 16.95
C VAL D 9 -31.71 24.62 15.90
N ARG D 10 -31.21 25.85 16.07
CA ARG D 10 -31.63 27.01 15.32
C ARG D 10 -33.08 27.23 15.54
N ASP D 11 -33.86 27.07 14.49
CA ASP D 11 -35.26 27.32 14.56
C ASP D 11 -36.02 26.00 14.42
N LEU D 12 -35.29 24.88 14.47
CA LEU D 12 -35.90 23.56 14.36
C LEU D 12 -36.11 22.96 15.77
N VAL D 13 -37.35 22.59 16.07
CA VAL D 13 -37.67 21.97 17.36
C VAL D 13 -37.75 20.46 17.17
N VAL D 14 -36.73 19.76 17.65
CA VAL D 14 -36.67 18.31 17.55
C VAL D 14 -37.37 17.70 18.76
N GLY D 15 -38.24 16.73 18.49
CA GLY D 15 -38.98 16.03 19.53
C GLY D 15 -40.46 16.34 19.52
N GLU D 16 -40.83 17.22 18.60
CA GLU D 16 -42.21 17.68 18.47
C GLU D 16 -42.73 17.40 17.07
N GLY D 17 -43.99 16.98 16.97
CA GLY D 17 -44.61 16.70 15.67
C GLY D 17 -44.02 15.50 14.94
N ALA D 18 -44.04 15.55 13.60
CA ALA D 18 -43.50 14.47 12.78
C ALA D 18 -41.99 14.47 12.91
N PRO D 19 -41.36 13.28 12.85
CA PRO D 19 -39.92 13.19 12.94
C PRO D 19 -39.24 14.05 11.89
N LYS D 20 -38.06 14.55 12.23
CA LYS D 20 -37.29 15.40 11.35
C LYS D 20 -36.41 14.54 10.44
N ILE D 21 -36.26 14.96 9.19
CA ILE D 21 -35.48 14.25 8.23
C ILE D 21 -34.06 14.79 8.21
N ILE D 22 -33.09 13.89 8.37
CA ILE D 22 -31.69 14.21 8.34
C ILE D 22 -31.13 13.51 7.12
N VAL D 23 -30.22 14.15 6.40
CA VAL D 23 -29.53 13.52 5.27
C VAL D 23 -28.03 13.69 5.47
N SER D 24 -27.26 12.72 4.98
CA SER D 24 -25.82 12.70 5.12
C SER D 24 -25.08 13.17 3.85
N LEU D 25 -24.18 14.13 4.03
CA LEU D 25 -23.32 14.64 2.97
C LEU D 25 -22.00 13.90 3.05
N MET D 26 -21.61 13.25 1.97
CA MET D 26 -20.39 12.45 1.93
C MET D 26 -19.51 12.85 0.76
N GLY D 27 -18.37 13.47 1.04
CA GLY D 27 -17.43 13.88 0.01
C GLY D 27 -16.00 13.66 0.49
N LYS D 28 -15.12 13.22 -0.42
CA LYS D 28 -13.72 12.95 -0.06
C LYS D 28 -12.84 14.20 -0.08
N THR D 29 -12.92 14.98 -1.15
CA THR D 29 -12.13 16.18 -1.29
C THR D 29 -13.04 17.39 -1.08
N ILE D 30 -12.43 18.58 -1.01
CA ILE D 30 -13.18 19.80 -0.85
C ILE D 30 -14.05 20.03 -2.08
N THR D 31 -13.56 19.60 -3.24
CA THR D 31 -14.33 19.72 -4.49
C THR D 31 -15.58 18.82 -4.39
N ASP D 32 -15.42 17.60 -3.87
CA ASP D 32 -16.58 16.71 -3.66
C ASP D 32 -17.58 17.34 -2.69
N VAL D 33 -17.06 17.84 -1.56
CA VAL D 33 -17.92 18.47 -0.57
C VAL D 33 -18.74 19.61 -1.13
N LYS D 34 -18.10 20.46 -1.92
CA LYS D 34 -18.78 21.61 -2.51
C LYS D 34 -19.84 21.18 -3.50
N SER D 35 -19.50 20.20 -4.34
CA SER D 35 -20.40 19.66 -5.34
C SER D 35 -21.62 18.98 -4.68
N GLU D 36 -21.41 18.22 -3.63
CA GLU D 36 -22.51 17.57 -2.92
C GLU D 36 -23.37 18.60 -2.20
N ALA D 37 -22.74 19.58 -1.57
CA ALA D 37 -23.52 20.59 -0.86
C ALA D 37 -24.43 21.33 -1.87
N LEU D 38 -23.91 21.59 -3.06
CA LEU D 38 -24.68 22.28 -4.11
C LEU D 38 -25.88 21.45 -4.59
N ALA D 39 -25.67 20.14 -4.76
CA ALA D 39 -26.71 19.21 -5.16
C ALA D 39 -27.79 19.05 -4.06
N TYR D 40 -27.38 19.12 -2.80
CA TYR D 40 -28.32 18.98 -1.66
C TYR D 40 -29.20 20.21 -1.39
N ARG D 41 -28.84 21.33 -1.98
CA ARG D 41 -29.58 22.58 -1.81
C ARG D 41 -31.06 22.40 -2.20
N GLU D 42 -31.30 21.55 -3.20
CA GLU D 42 -32.65 21.28 -3.70
C GLU D 42 -33.46 20.34 -2.80
N ALA D 43 -32.75 19.48 -2.09
CA ALA D 43 -33.37 18.42 -1.29
C ALA D 43 -34.23 18.85 -0.09
N ASP D 44 -35.25 18.04 0.17
CA ASP D 44 -36.18 18.28 1.24
C ASP D 44 -35.73 17.52 2.49
N PHE D 45 -34.99 18.19 3.37
CA PHE D 45 -34.51 17.62 4.63
C PHE D 45 -34.54 18.73 5.66
N ASP D 46 -34.40 18.37 6.93
CA ASP D 46 -34.44 19.34 8.02
C ASP D 46 -33.07 19.61 8.64
N ILE D 47 -32.22 18.58 8.67
CA ILE D 47 -30.89 18.68 9.25
C ILE D 47 -29.90 18.04 8.33
N LEU D 48 -28.77 18.70 8.13
CA LEU D 48 -27.73 18.16 7.28
C LEU D 48 -26.64 17.60 8.13
N GLU D 49 -26.37 16.30 7.96
CA GLU D 49 -25.26 15.67 8.65
C GLU D 49 -24.08 15.64 7.71
N TRP D 50 -22.95 16.17 8.16
CA TRP D 50 -21.76 16.05 7.38
C TRP D 50 -21.00 14.80 7.91
N ARG D 51 -20.91 13.76 7.08
CA ARG D 51 -20.18 12.51 7.43
C ARG D 51 -18.70 12.77 7.20
N VAL D 52 -18.13 13.35 8.23
CA VAL D 52 -16.75 13.79 8.22
C VAL D 52 -15.78 12.62 7.96
N ASP D 53 -16.13 11.42 8.42
CA ASP D 53 -15.25 10.24 8.18
C ASP D 53 -15.03 9.96 6.71
N HIS D 54 -15.96 10.39 5.86
CA HIS D 54 -15.78 10.23 4.41
C HIS D 54 -14.75 11.18 3.83
N PHE D 55 -14.51 12.28 4.53
CA PHE D 55 -13.56 13.31 4.12
C PHE D 55 -12.14 12.76 4.25
N ALA D 56 -11.34 12.96 3.19
CA ALA D 56 -9.97 12.43 3.11
C ALA D 56 -8.95 13.03 4.07
N ASN D 57 -9.08 14.29 4.45
CA ASN D 57 -8.03 14.91 5.29
C ASN D 57 -8.49 15.45 6.62
N VAL D 58 -9.03 14.53 7.43
CA VAL D 58 -9.60 14.92 8.70
C VAL D 58 -8.57 15.35 9.74
N THR D 59 -7.31 14.94 9.58
CA THR D 59 -6.27 15.33 10.55
C THR D 59 -5.58 16.66 10.21
N THR D 60 -6.00 17.31 9.13
CA THR D 60 -5.47 18.62 8.78
C THR D 60 -6.61 19.62 9.10
N ALA D 61 -6.47 20.27 10.25
CA ALA D 61 -7.46 21.20 10.79
C ALA D 61 -7.95 22.22 9.78
N GLU D 62 -7.03 22.85 9.07
CA GLU D 62 -7.41 23.85 8.07
C GLU D 62 -8.33 23.26 6.98
N SER D 63 -8.06 22.03 6.55
CA SER D 63 -8.88 21.39 5.51
C SER D 63 -10.28 21.11 6.03
N VAL D 64 -10.38 20.59 7.25
CA VAL D 64 -11.70 20.30 7.85
C VAL D 64 -12.50 21.60 8.00
N LEU D 65 -11.84 22.63 8.52
N LEU D 65 -11.88 22.65 8.54
CA LEU D 65 -12.44 23.95 8.71
CA LEU D 65 -12.54 23.94 8.72
C LEU D 65 -12.96 24.58 7.40
C LEU D 65 -12.98 24.57 7.39
N GLU D 66 -12.17 24.46 6.35
CA GLU D 66 -12.56 25.01 5.04
C GLU D 66 -13.77 24.28 4.48
N ALA D 67 -13.79 22.95 4.65
CA ALA D 67 -14.88 22.12 4.19
C ALA D 67 -16.15 22.48 4.97
N ALA D 68 -16.03 22.61 6.29
CA ALA D 68 -17.17 23.01 7.11
C ALA D 68 -17.66 24.40 6.67
N GLY D 69 -16.74 25.31 6.40
CA GLY D 69 -17.14 26.64 5.92
C GLY D 69 -17.85 26.58 4.57
N ALA D 70 -17.36 25.74 3.68
CA ALA D 70 -17.94 25.59 2.35
C ALA D 70 -19.41 25.10 2.44
N ILE D 71 -19.66 24.15 3.34
CA ILE D 71 -21.00 23.60 3.54
C ILE D 71 -21.92 24.69 4.10
N ARG D 72 -21.43 25.41 5.10
CA ARG D 72 -22.21 26.45 5.76
C ARG D 72 -22.54 27.65 4.83
N GLU D 73 -21.68 27.91 3.85
CA GLU D 73 -21.89 28.97 2.87
C GLU D 73 -22.91 28.59 1.83
N ILE D 74 -23.04 27.28 1.55
CA ILE D 74 -23.95 26.78 0.54
C ILE D 74 -25.30 26.41 1.14
N ILE D 75 -25.28 25.77 2.31
CA ILE D 75 -26.51 25.38 3.02
C ILE D 75 -26.60 26.29 4.24
N THR D 76 -27.37 27.36 4.12
CA THR D 76 -27.39 28.38 5.18
C THR D 76 -28.52 28.35 6.19
N ASP D 77 -29.61 27.69 5.84
CA ASP D 77 -30.84 27.69 6.64
C ASP D 77 -31.22 26.36 7.30
N LYS D 78 -30.29 25.41 7.37
CA LYS D 78 -30.57 24.13 7.98
C LYS D 78 -29.51 23.91 9.05
N PRO D 79 -29.88 23.32 10.18
CA PRO D 79 -28.82 23.02 11.15
C PRO D 79 -27.83 22.04 10.57
N LEU D 80 -26.58 22.14 11.03
CA LEU D 80 -25.49 21.27 10.57
C LEU D 80 -24.97 20.40 11.72
N LEU D 81 -24.96 19.10 11.44
CA LEU D 81 -24.48 18.08 12.34
C LEU D 81 -23.18 17.57 11.80
N PHE D 82 -22.14 17.67 12.62
CA PHE D 82 -20.79 17.20 12.30
C PHE D 82 -20.64 15.79 12.90
N THR D 83 -20.52 14.81 12.02
CA THR D 83 -20.39 13.43 12.45
C THR D 83 -19.19 12.71 11.86
N PHE D 84 -18.23 12.37 12.73
CA PHE D 84 -17.15 11.51 12.33
C PHE D 84 -17.58 10.12 12.79
N ARG D 85 -17.95 9.26 11.86
CA ARG D 85 -18.29 7.90 12.23
C ARG D 85 -16.98 7.09 12.23
N SER D 86 -16.54 6.64 13.40
CA SER D 86 -15.28 5.87 13.52
C SER D 86 -15.34 4.51 12.83
N ALA D 87 -14.18 4.01 12.41
CA ALA D 87 -14.09 2.69 11.80
C ALA D 87 -14.68 1.65 12.74
N LYS D 88 -14.40 1.75 14.03
CA LYS D 88 -14.91 0.73 14.97
C LYS D 88 -16.44 0.67 15.01
N GLU D 89 -17.10 1.75 14.61
CA GLU D 89 -18.57 1.83 14.60
C GLU D 89 -19.11 1.73 13.16
N GLY D 90 -18.34 1.15 12.25
CA GLY D 90 -18.78 0.98 10.85
C GLY D 90 -18.48 2.15 9.91
N GLY D 91 -17.64 3.09 10.37
CA GLY D 91 -17.29 4.28 9.58
C GLY D 91 -16.21 4.09 8.53
N GLU D 92 -15.78 5.21 7.93
CA GLU D 92 -14.87 5.16 6.78
C GLU D 92 -13.40 5.28 7.06
N GLN D 93 -13.02 5.53 8.31
CA GLN D 93 -11.61 5.58 8.67
C GLN D 93 -11.43 5.52 10.17
N ALA D 94 -10.23 5.16 10.57
CA ALA D 94 -9.89 5.03 11.98
C ALA D 94 -9.08 6.22 12.52
N LEU D 95 -9.38 6.64 13.74
CA LEU D 95 -8.60 7.70 14.40
C LEU D 95 -8.36 7.19 15.80
N THR D 96 -7.31 7.69 16.43
CA THR D 96 -7.07 7.34 17.83
C THR D 96 -8.13 8.13 18.59
N THR D 97 -8.25 7.83 19.87
CA THR D 97 -9.21 8.53 20.73
C THR D 97 -8.89 10.03 20.76
N GLY D 98 -7.61 10.35 20.92
CA GLY D 98 -7.17 11.75 20.98
C GLY D 98 -7.44 12.53 19.70
N GLN D 99 -7.22 11.92 18.55
CA GLN D 99 -7.49 12.60 17.27
C GLN D 99 -8.99 12.85 17.10
N TYR D 100 -9.80 11.88 17.52
CA TYR D 100 -11.25 11.96 17.41
C TYR D 100 -11.81 13.08 18.29
N ILE D 101 -11.30 13.17 19.53
CA ILE D 101 -11.69 14.20 20.46
C ILE D 101 -11.23 15.57 19.96
N ASP D 102 -9.97 15.68 19.50
CA ASP D 102 -9.48 16.97 18.95
C ASP D 102 -10.30 17.43 17.73
N LEU D 103 -10.71 16.47 16.91
CA LEU D 103 -11.49 16.75 15.73
C LEU D 103 -12.82 17.35 16.12
N ASN D 104 -13.51 16.70 17.04
CA ASN D 104 -14.78 17.20 17.49
C ASN D 104 -14.69 18.55 18.18
N ARG D 105 -13.61 18.78 18.92
CA ARG D 105 -13.39 20.07 19.57
C ARG D 105 -13.14 21.16 18.52
N ALA D 106 -12.42 20.84 17.47
CA ALA D 106 -12.21 21.77 16.35
C ALA D 106 -13.57 22.17 15.74
N ALA D 107 -14.47 21.19 15.61
CA ALA D 107 -15.83 21.44 15.10
C ALA D 107 -16.56 22.39 16.03
N VAL D 108 -16.50 22.11 17.33
CA VAL D 108 -17.14 22.99 18.30
C VAL D 108 -16.55 24.41 18.18
N ASP D 109 -15.23 24.49 18.21
CA ASP D 109 -14.53 25.79 18.12
C ASP D 109 -14.74 26.58 16.84
N SER D 110 -15.10 25.92 15.74
CA SER D 110 -15.29 26.61 14.46
C SER D 110 -16.44 27.61 14.47
N GLY D 111 -17.41 27.36 15.34
CA GLY D 111 -18.64 28.17 15.37
C GLY D 111 -19.50 27.93 14.13
N LEU D 112 -19.16 26.90 13.36
CA LEU D 112 -19.85 26.59 12.10
C LEU D 112 -20.85 25.44 12.15
N VAL D 113 -20.83 24.66 13.23
CA VAL D 113 -21.73 23.52 13.33
C VAL D 113 -22.62 23.68 14.55
N ASP D 114 -23.87 23.24 14.40
CA ASP D 114 -24.87 23.35 15.45
C ASP D 114 -24.87 22.14 16.35
N MET D 115 -24.37 21.02 15.83
N MET D 115 -24.38 21.01 15.83
CA MET D 115 -24.36 19.74 16.53
CA MET D 115 -24.39 19.76 16.56
C MET D 115 -23.13 18.90 16.21
C MET D 115 -23.17 18.90 16.22
N ILE D 116 -22.75 18.07 17.17
CA ILE D 116 -21.68 17.10 16.95
C ILE D 116 -22.24 15.76 17.38
N ASP D 117 -21.71 14.71 16.76
CA ASP D 117 -22.04 13.35 17.08
C ASP D 117 -20.84 12.80 17.85
N LEU D 118 -21.12 12.28 19.05
CA LEU D 118 -20.11 11.65 19.88
C LEU D 118 -20.56 10.22 20.14
N GLU D 119 -19.66 9.28 19.91
CA GLU D 119 -19.95 7.88 20.10
C GLU D 119 -19.91 7.46 21.57
N LEU D 120 -21.02 6.87 22.03
CA LEU D 120 -21.13 6.41 23.42
C LEU D 120 -19.91 5.66 23.97
N PHE D 121 -19.36 4.74 23.19
CA PHE D 121 -18.25 3.92 23.70
C PHE D 121 -16.83 4.42 23.44
N THR D 122 -16.69 5.73 23.28
CA THR D 122 -15.39 6.38 23.10
C THR D 122 -14.53 6.37 24.38
N GLY D 123 -15.17 6.37 25.53
CA GLY D 123 -14.48 6.43 26.84
C GLY D 123 -15.22 7.46 27.65
N ASP D 124 -15.72 7.07 28.83
CA ASP D 124 -16.55 7.97 29.65
C ASP D 124 -15.92 9.32 29.96
N ASP D 125 -14.69 9.32 30.48
CA ASP D 125 -14.01 10.58 30.80
C ASP D 125 -13.98 11.53 29.60
N GLU D 126 -13.52 11.02 28.46
CA GLU D 126 -13.44 11.81 27.22
C GLU D 126 -14.81 12.32 26.77
N VAL D 127 -15.83 11.44 26.81
CA VAL D 127 -17.15 11.83 26.39
C VAL D 127 -17.73 12.94 27.28
N LYS D 128 -17.64 12.80 28.61
CA LYS D 128 -18.16 13.83 29.53
C LYS D 128 -17.48 15.17 29.36
N ALA D 129 -16.15 15.14 29.24
CA ALA D 129 -15.38 16.39 29.06
C ALA D 129 -15.79 17.06 27.74
N THR D 130 -15.91 16.25 26.69
CA THR D 130 -16.26 16.80 25.38
C THR D 130 -17.70 17.30 25.32
N VAL D 131 -18.62 16.60 25.98
CA VAL D 131 -20.03 17.03 26.03
C VAL D 131 -20.12 18.38 26.74
N GLY D 132 -19.43 18.52 27.88
CA GLY D 132 -19.41 19.77 28.61
C GLY D 132 -18.82 20.90 27.76
N TYR D 133 -17.79 20.61 26.99
CA TYR D 133 -17.15 21.61 26.18
C TYR D 133 -18.05 22.10 25.05
N ALA D 134 -18.76 21.16 24.42
CA ALA D 134 -19.70 21.46 23.34
C ALA D 134 -20.78 22.38 23.89
N HIS D 135 -21.32 22.00 25.05
CA HIS D 135 -22.37 22.79 25.67
C HIS D 135 -21.93 24.21 26.05
N GLN D 136 -20.74 24.33 26.61
CA GLN D 136 -20.19 25.64 26.97
C GLN D 136 -20.12 26.54 25.73
N HIS D 137 -19.95 25.93 24.56
CA HIS D 137 -19.89 26.67 23.30
C HIS D 137 -21.18 26.63 22.48
N ASN D 138 -22.28 26.23 23.12
CA ASN D 138 -23.60 26.22 22.49
C ASN D 138 -23.75 25.24 21.31
N VAL D 139 -23.10 24.10 21.41
CA VAL D 139 -23.21 23.05 20.40
C VAL D 139 -23.93 21.86 21.03
N ALA D 140 -25.00 21.40 20.39
CA ALA D 140 -25.76 20.26 20.91
C ALA D 140 -25.01 18.96 20.59
N VAL D 141 -25.28 17.92 21.37
CA VAL D 141 -24.64 16.63 21.17
C VAL D 141 -25.63 15.50 20.92
N ILE D 142 -25.49 14.82 19.78
CA ILE D 142 -26.21 13.59 19.51
C ILE D 142 -25.19 12.56 19.93
N MET D 143 -25.55 11.63 20.80
CA MET D 143 -24.61 10.60 21.22
C MET D 143 -25.08 9.33 20.57
N SER D 144 -24.14 8.57 20.04
CA SER D 144 -24.50 7.44 19.21
C SER D 144 -23.78 6.15 19.44
N ASN D 145 -24.40 5.13 18.89
CA ASN D 145 -23.92 3.77 18.92
C ASN D 145 -24.53 3.04 17.72
N HIS D 146 -23.72 2.22 17.07
CA HIS D 146 -24.08 1.50 15.89
C HIS D 146 -23.59 0.07 15.94
N ASP D 147 -24.44 -0.82 15.45
CA ASP D 147 -24.09 -2.23 15.32
C ASP D 147 -24.58 -2.68 13.94
N PHE D 148 -23.66 -2.99 13.05
CA PHE D 148 -24.03 -3.38 11.67
C PHE D 148 -24.25 -4.86 11.46
N HIS D 149 -24.17 -5.64 12.54
CA HIS D 149 -24.35 -7.08 12.44
C HIS D 149 -25.50 -7.68 13.20
N LYS D 150 -25.90 -7.06 14.30
CA LYS D 150 -26.93 -7.64 15.13
C LYS D 150 -27.70 -6.60 15.93
N THR D 151 -28.75 -7.08 16.60
CA THR D 151 -29.57 -6.25 17.46
C THR D 151 -29.40 -6.75 18.88
N PRO D 152 -28.83 -5.92 19.76
CA PRO D 152 -28.71 -6.33 21.17
C PRO D 152 -30.09 -6.57 21.82
N ALA D 153 -30.12 -7.15 23.02
CA ALA D 153 -31.37 -7.36 23.73
C ALA D 153 -32.01 -6.00 23.98
N ALA D 154 -33.34 -5.92 23.95
CA ALA D 154 -34.03 -4.65 24.18
C ALA D 154 -33.52 -3.96 25.43
N GLU D 155 -33.29 -4.73 26.50
CA GLU D 155 -32.82 -4.15 27.75
C GLU D 155 -31.40 -3.52 27.61
N GLU D 156 -30.56 -4.08 26.75
CA GLU D 156 -29.22 -3.52 26.52
C GLU D 156 -29.34 -2.25 25.69
N ILE D 157 -30.26 -2.25 24.73
CA ILE D 157 -30.49 -1.07 23.90
C ILE D 157 -30.95 0.11 24.78
N VAL D 158 -31.93 -0.13 25.63
CA VAL D 158 -32.42 0.87 26.58
C VAL D 158 -31.29 1.33 27.52
N GLN D 159 -30.47 0.41 28.04
CA GLN D 159 -29.35 0.79 28.92
C GLN D 159 -28.36 1.74 28.20
N ARG D 160 -28.15 1.51 26.91
CA ARG D 160 -27.25 2.35 26.15
C ARG D 160 -27.85 3.73 25.98
N LEU D 161 -29.13 3.80 25.65
CA LEU D 161 -29.80 5.10 25.50
C LEU D 161 -29.81 5.86 26.83
N ARG D 162 -30.05 5.13 27.92
CA ARG D 162 -30.03 5.75 29.24
C ARG D 162 -28.63 6.22 29.64
N LYS D 163 -27.59 5.45 29.32
CA LYS D 163 -26.23 5.87 29.64
C LYS D 163 -25.90 7.16 28.87
N MET D 164 -26.42 7.25 27.66
CA MET D 164 -26.22 8.44 26.84
C MET D 164 -26.78 9.69 27.54
N GLN D 165 -27.99 9.55 28.08
CA GLN D 165 -28.63 10.63 28.85
C GLN D 165 -27.76 10.93 30.04
N GLU D 166 -27.36 9.90 30.76
CA GLU D 166 -26.50 10.09 31.94
C GLU D 166 -25.23 10.88 31.61
N LEU D 167 -24.67 10.67 30.42
CA LEU D 167 -23.46 11.35 30.00
C LEU D 167 -23.66 12.75 29.43
N GLY D 168 -24.88 13.26 29.43
CA GLY D 168 -25.16 14.62 28.94
C GLY D 168 -25.64 14.77 27.49
N ALA D 169 -25.89 13.67 26.79
CA ALA D 169 -26.38 13.73 25.39
C ALA D 169 -27.65 14.57 25.27
N ASP D 170 -27.72 15.43 24.28
CA ASP D 170 -28.96 16.17 24.04
C ASP D 170 -29.91 15.23 23.37
N ILE D 171 -29.37 14.35 22.52
CA ILE D 171 -30.19 13.39 21.77
C ILE D 171 -29.48 12.04 21.60
N PRO D 172 -29.85 11.07 22.45
CA PRO D 172 -29.37 9.71 22.33
C PRO D 172 -29.78 9.13 20.98
N LYS D 173 -28.90 8.37 20.34
CA LYS D 173 -29.17 7.78 19.04
C LYS D 173 -28.60 6.38 18.98
N ILE D 174 -29.37 5.41 18.49
CA ILE D 174 -28.83 4.06 18.34
C ILE D 174 -29.32 3.43 17.05
N ALA D 175 -28.41 2.79 16.32
CA ALA D 175 -28.73 2.13 15.05
C ALA D 175 -28.25 0.71 15.16
N VAL D 176 -29.16 -0.23 14.92
CA VAL D 176 -28.84 -1.64 15.02
C VAL D 176 -29.32 -2.38 13.78
N MET D 177 -28.74 -3.56 13.56
CA MET D 177 -29.00 -4.37 12.39
C MET D 177 -29.80 -5.64 12.74
N PRO D 178 -30.92 -5.85 12.04
CA PRO D 178 -31.74 -7.04 12.31
C PRO D 178 -31.24 -8.27 11.56
N GLN D 179 -31.11 -9.39 12.28
CA GLN D 179 -30.75 -10.65 11.67
C GLN D 179 -32.07 -11.31 11.24
N THR D 180 -33.11 -11.10 12.05
CA THR D 180 -34.44 -11.67 11.84
C THR D 180 -35.51 -10.56 11.90
N LYS D 181 -36.73 -10.83 11.44
CA LYS D 181 -37.85 -9.85 11.51
C LYS D 181 -38.06 -9.44 12.98
N ALA D 182 -38.06 -10.42 13.87
CA ALA D 182 -38.29 -10.16 15.28
C ALA D 182 -37.31 -9.13 15.84
N ASP D 183 -36.07 -9.13 15.34
CA ASP D 183 -35.09 -8.14 15.79
C ASP D 183 -35.56 -6.71 15.54
N VAL D 184 -36.32 -6.50 14.48
CA VAL D 184 -36.81 -5.16 14.19
C VAL D 184 -37.76 -4.75 15.31
N LEU D 185 -38.62 -5.69 15.71
CA LEU D 185 -39.59 -5.43 16.76
C LEU D 185 -38.91 -5.18 18.10
N THR D 186 -37.77 -5.83 18.33
CA THR D 186 -36.98 -5.62 19.54
C THR D 186 -36.47 -4.19 19.61
N LEU D 187 -36.03 -3.66 18.47
CA LEU D 187 -35.56 -2.28 18.40
C LEU D 187 -36.72 -1.32 18.71
N LEU D 188 -37.89 -1.61 18.16
CA LEU D 188 -39.07 -0.78 18.43
C LEU D 188 -39.55 -0.88 19.88
N THR D 189 -39.49 -2.08 20.45
CA THR D 189 -39.85 -2.26 21.85
C THR D 189 -38.94 -1.41 22.73
N ALA D 190 -37.64 -1.46 22.45
CA ALA D 190 -36.65 -0.68 23.21
C ALA D 190 -36.96 0.81 23.08
N THR D 191 -37.38 1.21 21.88
CA THR D 191 -37.70 2.61 21.63
C THR D 191 -38.90 3.05 22.49
N VAL D 192 -39.98 2.27 22.46
CA VAL D 192 -41.15 2.57 23.25
C VAL D 192 -40.84 2.59 24.76
N GLU D 193 -40.09 1.60 25.24
CA GLU D 193 -39.74 1.51 26.66
C GLU D 193 -38.91 2.73 27.07
N MET D 194 -37.92 3.07 26.26
CA MET D 194 -37.07 4.21 26.56
C MET D 194 -37.88 5.49 26.59
N GLN D 195 -38.62 5.74 25.52
CA GLN D 195 -39.37 6.97 25.41
C GLN D 195 -40.42 7.14 26.49
N GLU D 196 -41.13 6.06 26.81
CA GLU D 196 -42.19 6.12 27.78
C GLU D 196 -41.74 6.04 29.25
N ARG D 197 -40.65 5.35 29.55
CA ARG D 197 -40.27 5.22 30.96
C ARG D 197 -39.03 5.94 31.42
N TYR D 198 -38.07 6.16 30.52
CA TYR D 198 -36.79 6.73 30.94
C TYR D 198 -36.35 8.04 30.29
N ALA D 199 -36.78 8.29 29.07
CA ALA D 199 -36.31 9.46 28.34
C ALA D 199 -36.87 10.77 28.85
N ASP D 200 -36.00 11.76 29.03
CA ASP D 200 -36.45 13.12 29.42
C ASP D 200 -36.01 14.09 28.32
N ARG D 201 -35.73 13.54 27.14
CA ARG D 201 -35.25 14.30 25.98
C ARG D 201 -35.51 13.45 24.73
N PRO D 202 -35.42 14.04 23.52
CA PRO D 202 -35.69 13.24 22.33
C PRO D 202 -34.64 12.17 22.09
N ILE D 203 -35.04 11.10 21.42
CA ILE D 203 -34.10 10.02 21.08
C ILE D 203 -34.25 9.69 19.59
N ILE D 204 -33.20 9.13 19.01
CA ILE D 204 -33.23 8.70 17.63
C ILE D 204 -32.86 7.21 17.62
N THR D 205 -33.69 6.40 16.97
CA THR D 205 -33.44 4.98 16.88
C THR D 205 -33.82 4.47 15.50
N MET D 206 -33.11 3.44 15.08
CA MET D 206 -33.39 2.81 13.82
C MET D 206 -32.88 1.38 13.78
N SER D 207 -33.65 0.54 13.11
CA SER D 207 -33.27 -0.84 12.77
C SER D 207 -32.87 -0.68 11.30
N MET D 208 -31.63 -0.97 10.97
CA MET D 208 -31.14 -0.76 9.61
C MET D 208 -31.59 -1.89 8.63
N SER D 209 -31.27 -1.68 7.36
CA SER D 209 -31.63 -2.53 6.22
C SER D 209 -33.10 -2.35 5.82
N LYS D 210 -33.47 -2.83 4.64
CA LYS D 210 -34.86 -2.77 4.19
C LYS D 210 -35.80 -3.42 5.21
N THR D 211 -35.33 -4.51 5.81
CA THR D 211 -36.15 -5.25 6.78
C THR D 211 -36.58 -4.42 7.99
N GLY D 212 -35.73 -3.47 8.39
CA GLY D 212 -36.04 -2.61 9.54
C GLY D 212 -36.59 -1.24 9.16
N VAL D 213 -36.88 -1.03 7.87
CA VAL D 213 -37.29 0.30 7.39
C VAL D 213 -38.49 0.91 8.11
N ILE D 214 -39.37 0.08 8.63
CA ILE D 214 -40.55 0.58 9.35
C ILE D 214 -40.11 1.48 10.54
N SER D 215 -38.94 1.18 11.11
CA SER D 215 -38.38 1.95 12.23
C SER D 215 -37.99 3.38 11.81
N ARG D 216 -37.72 3.55 10.51
CA ARG D 216 -37.35 4.84 9.93
C ARG D 216 -38.61 5.61 9.54
N LEU D 217 -39.75 4.94 9.53
CA LEU D 217 -41.00 5.59 9.11
C LEU D 217 -41.97 5.92 10.24
N ALA D 218 -41.98 5.05 11.25
CA ALA D 218 -42.95 5.12 12.36
C ALA D 218 -42.52 5.84 13.63
N GLY D 219 -41.55 6.74 13.52
CA GLY D 219 -41.06 7.48 14.67
C GLY D 219 -42.09 8.30 15.42
N GLU D 220 -43.09 8.83 14.72
CA GLU D 220 -44.06 9.67 15.39
C GLU D 220 -44.85 8.88 16.43
N VAL D 221 -45.25 7.66 16.09
CA VAL D 221 -45.98 6.82 17.03
C VAL D 221 -45.04 6.16 18.06
N PHE D 222 -43.92 5.61 17.61
CA PHE D 222 -43.05 4.86 18.53
C PHE D 222 -42.05 5.67 19.36
N GLY D 223 -41.74 6.89 18.94
CA GLY D 223 -40.86 7.74 19.75
C GLY D 223 -39.51 8.13 19.21
N SER D 224 -39.21 7.85 17.96
CA SER D 224 -37.95 8.29 17.38
C SER D 224 -38.21 9.69 16.81
N ALA D 225 -37.42 10.67 17.27
CA ALA D 225 -37.59 12.10 16.91
C ALA D 225 -37.01 12.52 15.54
N ALA D 226 -36.15 11.71 14.96
CA ALA D 226 -35.56 12.01 13.67
C ALA D 226 -35.28 10.73 12.91
N THR D 227 -35.11 10.87 11.60
CA THR D 227 -34.93 9.75 10.69
C THR D 227 -34.11 10.18 9.46
N PHE D 228 -33.25 9.28 9.01
CA PHE D 228 -32.35 9.52 7.91
C PHE D 228 -32.91 9.00 6.63
N GLY D 229 -32.83 9.83 5.61
CA GLY D 229 -33.21 9.46 4.25
C GLY D 229 -31.99 9.70 3.36
N ALA D 230 -32.07 9.27 2.12
CA ALA D 230 -30.95 9.42 1.18
C ALA D 230 -31.31 10.37 0.07
N VAL D 231 -30.35 11.19 -0.38
CA VAL D 231 -30.61 12.13 -1.49
C VAL D 231 -30.41 11.33 -2.75
N LYS D 232 -29.21 10.80 -2.93
CA LYS D 232 -28.88 9.95 -4.07
C LYS D 232 -28.17 8.68 -3.58
N LYS D 233 -27.24 8.83 -2.65
CA LYS D 233 -26.56 7.69 -2.07
C LYS D 233 -26.80 7.62 -0.55
N ALA D 234 -27.14 6.42 -0.09
CA ALA D 234 -27.42 6.19 1.32
C ALA D 234 -26.14 6.26 2.15
N SER D 235 -26.28 6.72 3.39
CA SER D 235 -25.20 6.71 4.36
C SER D 235 -25.35 5.50 5.30
N ALA D 236 -26.37 4.67 5.07
CA ALA D 236 -26.54 3.43 5.84
C ALA D 236 -27.59 2.55 5.19
N PRO D 237 -27.51 1.24 5.45
CA PRO D 237 -28.46 0.31 4.87
C PRO D 237 -29.91 0.60 5.26
N GLY D 238 -30.78 0.55 4.26
CA GLY D 238 -32.21 0.70 4.44
C GLY D 238 -32.79 2.09 4.33
N GLN D 239 -31.95 3.11 4.19
CA GLN D 239 -32.48 4.47 4.03
C GLN D 239 -33.22 4.52 2.71
N ILE D 240 -34.30 5.28 2.65
CA ILE D 240 -35.02 5.47 1.40
C ILE D 240 -34.84 6.92 0.98
N SER D 241 -35.25 7.26 -0.24
CA SER D 241 -35.08 8.62 -0.74
C SER D 241 -35.85 9.61 0.10
N VAL D 242 -35.32 10.82 0.20
CA VAL D 242 -35.95 11.84 0.99
C VAL D 242 -37.35 12.13 0.49
N ALA D 243 -37.58 12.12 -0.82
CA ALA D 243 -38.92 12.38 -1.33
C ALA D 243 -39.93 11.36 -0.76
N ASP D 244 -39.57 10.09 -0.80
CA ASP D 244 -40.44 9.03 -0.33
C ASP D 244 -40.58 9.03 1.21
N LEU D 245 -39.50 9.39 1.89
CA LEU D 245 -39.53 9.46 3.34
C LEU D 245 -40.52 10.55 3.74
N ARG D 246 -40.44 11.71 3.08
CA ARG D 246 -41.35 12.82 3.42
C ARG D 246 -42.79 12.41 3.20
N THR D 247 -43.04 11.75 2.08
CA THR D 247 -44.39 11.26 1.73
C THR D 247 -44.95 10.35 2.80
N VAL D 248 -44.17 9.35 3.24
CA VAL D 248 -44.63 8.43 4.27
C VAL D 248 -44.88 9.15 5.62
N LEU D 249 -43.92 9.98 6.03
CA LEU D 249 -44.04 10.71 7.31
C LEU D 249 -45.30 11.58 7.34
N THR D 250 -45.57 12.25 6.23
CA THR D 250 -46.77 13.11 6.11
C THR D 250 -48.01 12.25 6.21
N ILE D 251 -48.05 11.15 5.48
CA ILE D 251 -49.19 10.22 5.53
C ILE D 251 -49.45 9.73 6.96
N LEU D 252 -48.39 9.34 7.68
CA LEU D 252 -48.54 8.84 9.06
C LEU D 252 -48.93 9.94 10.02
N HIS D 253 -48.45 11.15 9.76
CA HIS D 253 -48.83 12.28 10.58
C HIS D 253 -50.32 12.59 10.45
N GLN D 254 -50.85 12.44 9.24
CA GLN D 254 -52.26 12.74 8.95
C GLN D 254 -53.17 11.49 8.92
N ALA D 255 -52.72 10.38 9.50
CA ALA D 255 -53.51 9.14 9.50
C ALA D 255 -54.75 9.25 10.42
N LYS E 5 48.17 16.72 5.83
CA LYS E 5 48.54 18.06 5.31
C LYS E 5 49.18 17.90 3.91
N THR E 6 49.39 19.02 3.22
CA THR E 6 49.92 19.00 1.87
C THR E 6 51.28 19.67 1.83
N VAL E 7 51.94 19.57 0.68
CA VAL E 7 53.23 20.21 0.43
C VAL E 7 53.12 20.95 -0.88
N THR E 8 53.31 22.26 -0.82
CA THR E 8 53.25 23.09 -2.01
C THR E 8 54.63 23.37 -2.54
N VAL E 9 54.89 23.00 -3.78
CA VAL E 9 56.18 23.26 -4.39
C VAL E 9 55.83 24.11 -5.59
N ARG E 10 56.25 25.36 -5.52
CA ARG E 10 55.81 26.36 -6.49
C ARG E 10 54.27 26.42 -6.37
N ASP E 11 53.53 26.23 -7.45
N ASP E 11 53.56 26.20 -7.46
CA ASP E 11 52.06 26.25 -7.35
CA ASP E 11 52.10 26.24 -7.48
C ASP E 11 51.45 24.83 -7.32
C ASP E 11 51.46 24.83 -7.36
N LEU E 12 52.30 23.80 -7.28
CA LEU E 12 51.82 22.40 -7.22
C LEU E 12 51.56 21.99 -5.77
N VAL E 13 50.34 21.52 -5.51
CA VAL E 13 49.98 21.08 -4.16
C VAL E 13 49.99 19.56 -4.10
N VAL E 14 51.07 19.00 -3.55
CA VAL E 14 51.17 17.56 -3.45
C VAL E 14 50.38 17.14 -2.20
N GLY E 15 49.56 16.10 -2.33
CA GLY E 15 48.75 15.61 -1.20
C GLY E 15 47.31 16.04 -1.32
N GLU E 16 46.99 16.73 -2.40
CA GLU E 16 45.63 17.18 -2.68
C GLU E 16 45.28 16.76 -4.08
N GLY E 17 44.04 16.34 -4.30
CA GLY E 17 43.58 15.96 -5.64
C GLY E 17 44.20 14.66 -6.12
N ALA E 18 44.39 14.57 -7.44
CA ALA E 18 44.94 13.37 -8.06
C ALA E 18 46.44 13.24 -7.75
N PRO E 19 46.95 12.00 -7.71
CA PRO E 19 48.38 11.86 -7.50
C PRO E 19 49.19 12.62 -8.56
N LYS E 20 50.32 13.19 -8.17
CA LYS E 20 51.15 13.94 -9.10
C LYS E 20 52.13 13.01 -9.83
N ILE E 21 52.42 13.37 -11.06
CA ILE E 21 53.34 12.59 -11.87
C ILE E 21 54.74 13.17 -11.83
N ILE E 22 55.71 12.29 -11.57
CA ILE E 22 57.10 12.64 -11.55
C ILE E 22 57.75 11.81 -12.67
N VAL E 23 58.72 12.39 -13.35
CA VAL E 23 59.47 11.67 -14.37
C VAL E 23 60.93 11.94 -14.10
N SER E 24 61.79 10.96 -14.37
CA SER E 24 63.23 11.08 -14.15
C SER E 24 64.02 11.40 -15.43
N LEU E 25 64.92 12.37 -15.32
CA LEU E 25 65.79 12.75 -16.42
C LEU E 25 67.11 12.09 -16.09
N MET E 26 67.65 11.36 -17.07
CA MET E 26 68.90 10.59 -16.92
C MET E 26 69.87 10.96 -18.03
N GLY E 27 70.97 11.60 -17.66
CA GLY E 27 71.99 12.04 -18.61
C GLY E 27 73.40 11.87 -18.07
N LYS E 28 74.31 11.38 -18.92
CA LYS E 28 75.71 11.14 -18.53
C LYS E 28 76.54 12.40 -18.49
N THR E 29 76.39 13.22 -19.52
CA THR E 29 77.11 14.48 -19.66
C THR E 29 76.15 15.68 -19.66
N ILE E 30 76.72 16.88 -19.60
CA ILE E 30 75.90 18.09 -19.65
C ILE E 30 75.13 18.19 -20.99
N THR E 31 75.77 17.74 -22.06
CA THR E 31 75.15 17.77 -23.38
C THR E 31 73.98 16.79 -23.44
N ASP E 32 74.15 15.62 -22.85
CA ASP E 32 73.09 14.63 -22.75
C ASP E 32 71.96 15.17 -21.88
N VAL E 33 72.32 15.83 -20.78
CA VAL E 33 71.31 16.38 -19.88
C VAL E 33 70.42 17.37 -20.63
N LYS E 34 71.04 18.26 -21.42
CA LYS E 34 70.31 19.25 -22.21
C LYS E 34 69.41 18.63 -23.27
N SER E 35 69.90 17.59 -23.94
CA SER E 35 69.13 16.94 -24.98
C SER E 35 67.90 16.28 -24.38
N GLU E 36 68.06 15.65 -23.22
CA GLU E 36 66.94 14.99 -22.54
C GLU E 36 65.93 16.01 -22.00
N ALA E 37 66.41 17.07 -21.34
CA ALA E 37 65.51 18.08 -20.80
C ALA E 37 64.63 18.61 -21.93
N LEU E 38 65.26 18.99 -23.03
CA LEU E 38 64.52 19.51 -24.18
C LEU E 38 63.52 18.45 -24.70
N ALA E 39 63.92 17.18 -24.71
CA ALA E 39 63.04 16.10 -25.18
C ALA E 39 61.82 15.85 -24.25
N TYR E 40 61.93 16.30 -22.99
CA TYR E 40 60.87 16.17 -21.97
C TYR E 40 59.87 17.36 -21.93
N ARG E 41 60.18 18.44 -22.64
N ARG E 41 60.16 18.43 -22.65
CA ARG E 41 59.35 19.66 -22.64
CA ARG E 41 59.35 19.66 -22.62
C ARG E 41 57.87 19.43 -23.00
C ARG E 41 57.88 19.50 -23.05
N GLU E 42 57.59 18.53 -23.91
CA GLU E 42 56.21 18.28 -24.34
C GLU E 42 55.46 17.26 -23.47
N ALA E 43 56.17 16.50 -22.65
CA ALA E 43 55.55 15.46 -21.82
C ALA E 43 54.67 16.03 -20.72
N ASP E 44 53.64 15.28 -20.36
CA ASP E 44 52.69 15.70 -19.34
C ASP E 44 53.05 15.09 -17.99
N PHE E 45 53.80 15.87 -17.19
CA PHE E 45 54.19 15.46 -15.84
C PHE E 45 54.11 16.71 -14.96
N ASP E 46 54.27 16.53 -13.65
CA ASP E 46 54.17 17.63 -12.68
C ASP E 46 55.49 18.01 -12.02
N ILE E 47 56.36 17.02 -11.82
CA ILE E 47 57.64 17.20 -11.19
C ILE E 47 58.74 16.52 -12.02
N LEU E 48 59.84 17.23 -12.24
CA LEU E 48 60.97 16.68 -12.95
C LEU E 48 62.03 16.22 -11.95
N GLU E 49 62.29 14.92 -11.90
CA GLU E 49 63.35 14.39 -11.05
C GLU E 49 64.66 14.28 -11.86
N TRP E 50 65.74 14.91 -11.39
CA TRP E 50 67.02 14.71 -12.06
C TRP E 50 67.75 13.61 -11.28
N ARG E 51 67.99 12.50 -11.95
CA ARG E 51 68.75 11.38 -11.37
C ARG E 51 70.22 11.68 -11.57
N VAL E 52 70.75 12.38 -10.59
CA VAL E 52 72.11 12.85 -10.57
C VAL E 52 73.11 11.70 -10.61
N ASP E 53 72.73 10.54 -10.05
CA ASP E 53 73.63 9.35 -10.06
C ASP E 53 73.97 8.83 -11.46
N HIS E 54 73.19 9.21 -12.46
CA HIS E 54 73.50 8.84 -13.84
C HIS E 54 74.52 9.80 -14.48
N PHE E 55 74.77 10.93 -13.82
CA PHE E 55 75.70 11.96 -14.33
C PHE E 55 77.13 11.55 -14.00
N ALA E 56 77.99 11.54 -15.02
CA ALA E 56 79.39 11.08 -14.84
C ALA E 56 80.27 11.98 -13.95
N ASN E 57 80.07 13.29 -13.99
CA ASN E 57 80.91 14.22 -13.22
C ASN E 57 80.29 14.68 -11.87
N VAL E 58 79.74 13.74 -11.12
CA VAL E 58 79.08 14.03 -9.85
C VAL E 58 79.98 14.56 -8.73
N THR E 59 81.23 14.08 -8.66
CA THR E 59 82.17 14.51 -7.62
C THR E 59 82.64 15.97 -7.76
N THR E 60 82.40 16.60 -8.92
CA THR E 60 82.74 18.00 -9.10
C THR E 60 81.46 18.82 -8.91
N ALA E 61 81.30 19.45 -7.75
CA ALA E 61 80.08 20.21 -7.46
C ALA E 61 79.72 21.23 -8.57
N GLU E 62 80.71 21.97 -9.02
CA GLU E 62 80.47 22.99 -10.06
C GLU E 62 79.87 22.39 -11.34
N SER E 63 80.35 21.22 -11.75
CA SER E 63 79.83 20.55 -12.94
C SER E 63 78.37 20.14 -12.72
N VAL E 64 78.06 19.69 -11.51
CA VAL E 64 76.71 19.27 -11.15
C VAL E 64 75.75 20.47 -11.23
N LEU E 65 76.14 21.60 -10.64
CA LEU E 65 75.29 22.78 -10.62
C LEU E 65 75.10 23.38 -12.03
N GLU E 66 76.10 23.28 -12.89
CA GLU E 66 75.92 23.77 -14.28
C GLU E 66 74.86 22.93 -14.98
N ALA E 67 74.83 21.62 -14.70
CA ALA E 67 73.83 20.74 -15.28
C ALA E 67 72.45 21.08 -14.71
N ALA E 68 72.38 21.34 -13.41
CA ALA E 68 71.12 21.74 -12.77
C ALA E 68 70.59 23.00 -13.49
N GLY E 69 71.50 23.95 -13.74
CA GLY E 69 71.19 25.18 -14.43
C GLY E 69 70.67 24.93 -15.83
N ALA E 70 71.34 24.04 -16.54
CA ALA E 70 70.94 23.69 -17.91
C ALA E 70 69.50 23.16 -17.93
N ILE E 71 69.14 22.34 -16.94
CA ILE E 71 67.79 21.79 -16.84
C ILE E 71 66.77 22.92 -16.55
N ARG E 72 67.13 23.78 -15.61
CA ARG E 72 66.28 24.91 -15.22
C ARG E 72 65.98 25.88 -16.34
N GLU E 73 66.83 25.95 -17.34
CA GLU E 73 66.62 26.88 -18.42
C GLU E 73 65.93 26.23 -19.62
N ILE E 74 65.57 24.96 -19.48
CA ILE E 74 64.80 24.26 -20.48
C ILE E 74 63.42 24.03 -19.86
N ILE E 75 63.41 23.51 -18.64
CA ILE E 75 62.18 23.22 -17.87
C ILE E 75 61.98 24.35 -16.87
N THR E 76 61.25 25.36 -17.31
CA THR E 76 61.06 26.55 -16.50
C THR E 76 59.80 26.57 -15.66
N ASP E 77 58.84 25.70 -15.99
CA ASP E 77 57.52 25.69 -15.35
C ASP E 77 57.20 24.57 -14.37
N LYS E 78 58.19 23.71 -14.06
CA LYS E 78 57.97 22.57 -13.17
C LYS E 78 58.97 22.53 -12.02
N PRO E 79 58.53 22.03 -10.87
CA PRO E 79 59.47 21.88 -9.77
C PRO E 79 60.57 20.88 -10.15
N LEU E 80 61.79 21.16 -9.72
CA LEU E 80 62.94 20.30 -10.00
C LEU E 80 63.37 19.60 -8.73
N LEU E 81 63.36 18.27 -8.79
CA LEU E 81 63.75 17.42 -7.68
C LEU E 81 65.14 16.89 -7.99
N PHE E 82 66.05 17.07 -7.03
CA PHE E 82 67.45 16.67 -7.16
C PHE E 82 67.60 15.36 -6.42
N THR E 83 67.90 14.30 -7.15
CA THR E 83 68.04 12.98 -6.54
C THR E 83 69.29 12.23 -6.95
N PHE E 84 70.18 12.00 -5.98
CA PHE E 84 71.31 11.12 -6.19
C PHE E 84 70.88 9.81 -5.52
N ARG E 85 70.60 8.79 -6.34
CA ARG E 85 70.20 7.50 -5.85
C ARG E 85 71.49 6.71 -5.69
N SER E 86 71.85 6.37 -4.47
CA SER E 86 73.12 5.68 -4.23
C SER E 86 73.08 4.22 -4.68
N ALA E 87 74.26 3.69 -5.05
CA ALA E 87 74.42 2.29 -5.48
C ALA E 87 73.77 1.34 -4.46
N LYS E 88 73.99 1.66 -3.19
CA LYS E 88 73.47 0.96 -2.05
C LYS E 88 71.96 0.76 -2.19
N GLU E 89 71.25 1.77 -2.73
CA GLU E 89 69.80 1.69 -2.90
C GLU E 89 69.32 1.57 -4.35
N GLY E 90 70.10 0.87 -5.16
CA GLY E 90 69.75 0.63 -6.55
C GLY E 90 70.17 1.69 -7.55
N GLY E 91 70.95 2.68 -7.11
CA GLY E 91 71.44 3.74 -7.99
C GLY E 91 72.61 3.32 -8.86
N GLU E 92 73.12 4.22 -9.69
CA GLU E 92 74.21 3.91 -10.61
C GLU E 92 75.62 3.97 -10.00
N GLN E 93 75.83 4.79 -8.98
CA GLN E 93 77.17 4.91 -8.41
C GLN E 93 77.18 5.25 -6.94
N ALA E 94 78.34 5.11 -6.33
CA ALA E 94 78.49 5.31 -4.91
C ALA E 94 79.32 6.50 -4.55
N LEU E 95 78.94 7.15 -3.45
CA LEU E 95 79.68 8.27 -2.88
C LEU E 95 79.82 7.98 -1.38
N THR E 96 80.78 8.62 -0.74
CA THR E 96 80.90 8.47 0.69
C THR E 96 79.74 9.27 1.26
N THR E 97 79.41 9.01 2.51
CA THR E 97 78.35 9.72 3.20
C THR E 97 78.62 11.22 3.13
N GLY E 98 79.84 11.64 3.47
CA GLY E 98 80.23 13.05 3.42
C GLY E 98 80.00 13.69 2.04
N GLN E 99 80.44 13.00 1.00
CA GLN E 99 80.29 13.50 -0.37
C GLN E 99 78.81 13.64 -0.76
N TYR E 100 78.02 12.64 -0.40
CA TYR E 100 76.58 12.63 -0.69
C TYR E 100 75.89 13.82 0.01
N ILE E 101 76.24 14.05 1.26
CA ILE E 101 75.66 15.17 2.00
C ILE E 101 76.07 16.52 1.39
N ASP E 102 77.35 16.65 1.05
CA ASP E 102 77.83 17.91 0.48
C ASP E 102 77.23 18.18 -0.89
N LEU E 103 77.01 17.11 -1.64
CA LEU E 103 76.39 17.21 -2.96
C LEU E 103 74.99 17.80 -2.79
N ASN E 104 74.21 17.25 -1.85
CA ASN E 104 72.86 17.75 -1.60
C ASN E 104 72.83 19.18 -1.03
N ARG E 105 73.76 19.49 -0.14
CA ARG E 105 73.84 20.85 0.41
C ARG E 105 74.18 21.84 -0.68
N ALA E 106 75.06 21.44 -1.59
CA ALA E 106 75.42 22.27 -2.74
C ALA E 106 74.19 22.56 -3.59
N ALA E 107 73.37 21.53 -3.83
CA ALA E 107 72.14 21.68 -4.61
C ALA E 107 71.19 22.67 -3.92
N VAL E 108 71.04 22.49 -2.62
CA VAL E 108 70.18 23.36 -1.80
C VAL E 108 70.64 24.81 -1.89
N ASP E 109 71.94 25.04 -1.68
CA ASP E 109 72.51 26.39 -1.68
C ASP E 109 72.41 27.10 -3.04
N SER E 110 72.45 26.34 -4.13
CA SER E 110 72.42 26.92 -5.47
C SER E 110 71.15 27.69 -5.84
N GLY E 111 70.04 27.36 -5.19
CA GLY E 111 68.74 27.98 -5.52
C GLY E 111 68.13 27.45 -6.80
N LEU E 112 68.78 26.44 -7.39
CA LEU E 112 68.31 25.87 -8.64
C LEU E 112 67.36 24.69 -8.49
N VAL E 113 67.22 24.13 -7.27
CA VAL E 113 66.34 22.98 -7.10
C VAL E 113 65.26 23.30 -6.07
N ASP E 114 64.07 22.80 -6.34
CA ASP E 114 62.89 23.01 -5.49
C ASP E 114 62.79 21.95 -4.42
N MET E 115 63.41 20.80 -4.66
CA MET E 115 63.37 19.69 -3.73
C MET E 115 64.61 18.83 -3.84
N ILE E 116 64.93 18.12 -2.78
CA ILE E 116 66.01 17.16 -2.80
C ILE E 116 65.49 15.86 -2.24
N ASP E 117 66.16 14.75 -2.60
CA ASP E 117 65.84 13.42 -2.11
C ASP E 117 66.94 13.04 -1.16
N LEU E 118 66.59 12.61 0.06
CA LEU E 118 67.59 12.15 1.05
C LEU E 118 67.21 10.74 1.46
N GLU E 119 68.15 9.81 1.34
CA GLU E 119 67.88 8.43 1.70
C GLU E 119 67.81 8.25 3.23
N LEU E 120 66.72 7.63 3.67
CA LEU E 120 66.45 7.41 5.10
C LEU E 120 67.63 6.85 5.87
N PHE E 121 68.26 5.82 5.32
CA PHE E 121 69.34 5.13 6.02
C PHE E 121 70.75 5.69 5.84
N THR E 122 70.85 6.97 5.52
CA THR E 122 72.14 7.63 5.32
C THR E 122 72.91 7.83 6.63
N GLY E 123 72.17 8.08 7.72
CA GLY E 123 72.75 8.36 9.04
C GLY E 123 71.83 9.39 9.66
N ASP E 124 71.28 9.12 10.84
CA ASP E 124 70.33 10.04 11.47
C ASP E 124 70.83 11.46 11.60
N ASP E 125 71.97 11.66 12.24
CA ASP E 125 72.52 13.02 12.40
C ASP E 125 72.71 13.73 11.05
N GLU E 126 73.23 13.00 10.06
CA GLU E 126 73.42 13.55 8.73
C GLU E 126 72.08 13.98 8.10
N VAL E 127 71.10 13.09 8.15
CA VAL E 127 69.81 13.38 7.56
C VAL E 127 69.19 14.59 8.24
N LYS E 128 69.15 14.58 9.57
CA LYS E 128 68.57 15.68 10.36
C LYS E 128 69.19 17.04 10.02
N ALA E 129 70.51 17.10 9.96
CA ALA E 129 71.20 18.37 9.67
C ALA E 129 70.86 18.87 8.27
N THR E 130 70.78 17.94 7.31
CA THR E 130 70.52 18.30 5.92
C THR E 130 69.05 18.69 5.70
N VAL E 131 68.14 18.01 6.38
CA VAL E 131 66.72 18.37 6.33
C VAL E 131 66.66 19.83 6.78
N GLY E 132 67.27 20.12 7.94
CA GLY E 132 67.31 21.50 8.47
C GLY E 132 67.85 22.52 7.49
N TYR E 133 68.97 22.20 6.85
CA TYR E 133 69.61 23.09 5.89
C TYR E 133 68.68 23.33 4.70
N ALA E 134 68.09 22.25 4.19
CA ALA E 134 67.15 22.36 3.08
C ALA E 134 66.03 23.29 3.50
N HIS E 135 65.42 23.03 4.64
CA HIS E 135 64.30 23.89 5.10
C HIS E 135 64.68 25.37 5.26
N GLN E 136 65.88 25.65 5.78
CA GLN E 136 66.33 27.05 5.92
C GLN E 136 66.34 27.79 4.57
N HIS E 137 66.56 27.04 3.48
CA HIS E 137 66.62 27.58 2.11
C HIS E 137 65.32 27.39 1.32
N ASN E 138 64.26 26.99 2.02
CA ASN E 138 62.95 26.77 1.43
C ASN E 138 62.98 25.65 0.37
N VAL E 139 63.73 24.59 0.65
CA VAL E 139 63.81 23.43 -0.24
C VAL E 139 63.15 22.24 0.45
N ALA E 140 62.19 21.62 -0.23
CA ALA E 140 61.47 20.46 0.28
C ALA E 140 62.30 19.18 0.22
N VAL E 141 62.05 18.28 1.15
CA VAL E 141 62.78 17.02 1.21
C VAL E 141 61.88 15.79 1.03
N ILE E 142 62.18 14.99 0.01
CA ILE E 142 61.56 13.71 -0.18
C ILE E 142 62.57 12.78 0.49
N MET E 143 62.15 12.03 1.51
CA MET E 143 63.06 11.12 2.19
C MET E 143 62.70 9.77 1.66
N SER E 144 63.68 9.01 1.22
CA SER E 144 63.39 7.76 0.56
C SER E 144 64.11 6.53 1.06
N ASN E 145 63.55 5.40 0.64
CA ASN E 145 64.09 4.08 0.92
C ASN E 145 63.67 3.17 -0.22
N HIS E 146 64.61 2.37 -0.73
CA HIS E 146 64.36 1.44 -1.82
C HIS E 146 64.86 0.06 -1.51
N ASP E 147 64.08 -0.95 -1.89
CA ASP E 147 64.51 -2.34 -1.79
C ASP E 147 64.21 -2.97 -3.13
N PHE E 148 65.26 -3.25 -3.88
CA PHE E 148 65.12 -3.81 -5.22
C PHE E 148 65.07 -5.32 -5.32
N HIS E 149 65.08 -6.00 -4.17
CA HIS E 149 65.13 -7.46 -4.16
C HIS E 149 63.89 -8.12 -3.55
N LYS E 150 63.32 -7.48 -2.53
CA LYS E 150 62.17 -8.02 -1.83
C LYS E 150 61.23 -6.94 -1.37
N THR E 151 60.14 -7.40 -0.76
CA THR E 151 59.15 -6.55 -0.13
C THR E 151 59.16 -6.90 1.36
N PRO E 152 59.67 -5.99 2.20
CA PRO E 152 59.62 -6.28 3.63
C PRO E 152 58.19 -6.40 4.16
N ALA E 153 58.08 -6.82 5.43
CA ALA E 153 56.80 -6.93 6.10
C ALA E 153 56.13 -5.58 6.11
N ALA E 154 54.81 -5.57 5.90
CA ALA E 154 54.06 -4.34 5.94
C ALA E 154 54.45 -3.47 7.14
N GLU E 155 54.65 -4.08 8.31
CA GLU E 155 54.98 -3.28 9.51
C GLU E 155 56.34 -2.61 9.41
N GLU E 156 57.29 -3.25 8.75
CA GLU E 156 58.65 -2.66 8.56
C GLU E 156 58.56 -1.44 7.64
N ILE E 157 57.77 -1.60 6.58
CA ILE E 157 57.54 -0.51 5.62
C ILE E 157 56.95 0.69 6.34
N VAL E 158 55.92 0.44 7.16
CA VAL E 158 55.26 1.48 7.93
C VAL E 158 56.22 2.19 8.89
N GLN E 159 57.02 1.40 9.63
CA GLN E 159 57.96 1.99 10.59
C GLN E 159 59.04 2.83 9.88
N ARG E 160 59.42 2.45 8.66
CA ARG E 160 60.39 3.25 7.90
C ARG E 160 59.76 4.58 7.48
N LEU E 161 58.53 4.53 6.95
CA LEU E 161 57.81 5.75 6.58
C LEU E 161 57.62 6.64 7.81
N ARG E 162 57.23 6.04 8.94
CA ARG E 162 57.05 6.79 10.19
C ARG E 162 58.33 7.51 10.62
N LYS E 163 59.46 6.80 10.53
N LYS E 163 59.45 6.80 10.53
CA LYS E 163 60.75 7.37 10.92
CA LYS E 163 60.76 7.32 10.90
C LYS E 163 61.09 8.56 10.03
C LYS E 163 61.12 8.53 10.03
N MET E 164 60.75 8.47 8.75
CA MET E 164 60.98 9.57 7.82
C MET E 164 60.26 10.81 8.31
N GLN E 165 59.04 10.65 8.83
CA GLN E 165 58.32 11.81 9.39
C GLN E 165 59.05 12.36 10.62
N GLU E 166 59.49 11.45 11.50
N GLU E 166 59.49 11.45 11.50
CA GLU E 166 60.20 11.83 12.72
CA GLU E 166 60.22 11.83 12.72
C GLU E 166 61.48 12.62 12.35
C GLU E 166 61.49 12.60 12.37
N LEU E 167 62.13 12.23 11.26
CA LEU E 167 63.36 12.90 10.80
C LEU E 167 63.09 14.19 10.00
N GLY E 168 61.82 14.60 9.89
CA GLY E 168 61.45 15.86 9.24
C GLY E 168 61.20 15.87 7.73
N ALA E 169 61.07 14.68 7.13
CA ALA E 169 60.77 14.58 5.69
C ALA E 169 59.52 15.38 5.36
N ASP E 170 59.50 16.07 4.24
CA ASP E 170 58.28 16.76 3.82
C ASP E 170 57.39 15.69 3.19
N ILE E 171 58.03 14.79 2.44
CA ILE E 171 57.35 13.69 1.78
C ILE E 171 58.11 12.34 1.91
N PRO E 172 57.65 11.46 2.81
CA PRO E 172 58.25 10.12 2.89
C PRO E 172 57.99 9.32 1.61
N LYS E 173 58.95 8.52 1.19
CA LYS E 173 58.84 7.72 0.01
C LYS E 173 59.46 6.34 0.17
N ILE E 174 58.76 5.30 -0.29
CA ILE E 174 59.30 3.95 -0.25
C ILE E 174 58.94 3.16 -1.51
N ALA E 175 59.94 2.46 -2.03
CA ALA E 175 59.77 1.67 -3.23
C ALA E 175 60.31 0.28 -2.93
N VAL E 176 59.49 -0.73 -3.19
CA VAL E 176 59.89 -2.08 -2.90
C VAL E 176 59.61 -2.96 -4.09
N MET E 177 60.30 -4.11 -4.14
CA MET E 177 60.18 -5.04 -5.25
C MET E 177 59.37 -6.27 -4.85
N PRO E 178 58.30 -6.58 -5.60
CA PRO E 178 57.53 -7.76 -5.28
C PRO E 178 58.09 -9.00 -5.98
N GLN E 179 58.06 -10.14 -5.31
CA GLN E 179 58.44 -11.40 -5.93
C GLN E 179 57.16 -12.19 -6.23
N THR E 180 56.12 -11.91 -5.44
CA THR E 180 54.82 -12.54 -5.60
C THR E 180 53.73 -11.45 -5.72
N LYS E 181 52.54 -11.88 -6.12
CA LYS E 181 51.39 -10.98 -6.20
C LYS E 181 51.04 -10.45 -4.80
N ALA E 182 51.20 -11.31 -3.78
CA ALA E 182 50.92 -10.95 -2.37
C ALA E 182 51.82 -9.82 -1.90
N ASP E 183 53.05 -9.76 -2.40
CA ASP E 183 53.95 -8.67 -2.05
C ASP E 183 53.36 -7.32 -2.50
N VAL E 184 52.67 -7.31 -3.64
CA VAL E 184 52.04 -6.06 -4.13
C VAL E 184 51.00 -5.59 -3.12
N LEU E 185 50.17 -6.53 -2.68
CA LEU E 185 49.15 -6.24 -1.69
C LEU E 185 49.77 -5.79 -0.36
N THR E 186 50.90 -6.36 0.01
CA THR E 186 51.59 -5.92 1.25
C THR E 186 52.04 -4.46 1.18
N LEU E 187 52.58 -4.04 0.04
CA LEU E 187 53.00 -2.65 -0.13
C LEU E 187 51.76 -1.73 0.04
N LEU E 188 50.66 -2.11 -0.59
CA LEU E 188 49.42 -1.32 -0.46
C LEU E 188 48.87 -1.30 0.97
N THR E 189 49.01 -2.42 1.69
CA THR E 189 48.58 -2.46 3.10
C THR E 189 49.41 -1.48 3.92
N ALA E 190 50.72 -1.50 3.69
CA ALA E 190 51.62 -0.58 4.37
C ALA E 190 51.21 0.86 4.13
N THR E 191 50.88 1.18 2.89
CA THR E 191 50.45 2.52 2.53
C THR E 191 49.21 2.94 3.31
N VAL E 192 48.22 2.04 3.34
CA VAL E 192 46.94 2.31 4.02
C VAL E 192 47.17 2.51 5.53
N GLU E 193 47.97 1.62 6.12
CA GLU E 193 48.23 1.71 7.55
C GLU E 193 48.98 2.98 7.92
N MET E 194 49.98 3.35 7.12
CA MET E 194 50.74 4.57 7.37
C MET E 194 49.77 5.76 7.31
N GLN E 195 48.96 5.82 6.26
CA GLN E 195 48.00 6.91 6.12
C GLN E 195 47.08 7.11 7.31
N GLU E 196 46.48 6.03 7.78
CA GLU E 196 45.52 6.09 8.87
C GLU E 196 46.14 6.18 10.25
N ARG E 197 47.28 5.51 10.44
CA ARG E 197 47.94 5.49 11.73
C ARG E 197 48.89 6.63 12.05
N TYR E 198 49.62 7.16 11.05
CA TYR E 198 50.66 8.18 11.35
C TYR E 198 50.77 9.41 10.45
N ALA E 199 50.42 9.26 9.18
CA ALA E 199 50.63 10.35 8.23
C ALA E 199 50.00 11.69 8.58
N ASP E 200 50.81 12.75 8.57
CA ASP E 200 50.34 14.12 8.72
C ASP E 200 50.96 14.95 7.58
N ARG E 201 51.29 14.26 6.49
CA ARG E 201 51.92 14.87 5.32
C ARG E 201 51.80 13.86 4.19
N PRO E 202 52.06 14.30 2.95
CA PRO E 202 51.90 13.35 1.84
C PRO E 202 52.96 12.26 1.89
N ILE E 203 52.64 11.08 1.35
CA ILE E 203 53.58 9.98 1.25
C ILE E 203 53.57 9.41 -0.18
N ILE E 204 54.70 8.84 -0.59
CA ILE E 204 54.83 8.21 -1.91
C ILE E 204 55.22 6.79 -1.69
N THR E 205 54.50 5.88 -2.33
CA THR E 205 54.81 4.47 -2.18
C THR E 205 54.60 3.79 -3.49
N MET E 206 55.38 2.74 -3.73
CA MET E 206 55.23 1.94 -4.94
C MET E 206 55.80 0.53 -4.83
N SER E 207 55.19 -0.36 -5.61
CA SER E 207 55.64 -1.73 -5.80
C SER E 207 56.13 -1.76 -7.25
N MET E 208 57.43 -2.03 -7.41
CA MET E 208 58.07 -2.02 -8.73
C MET E 208 57.72 -3.24 -9.63
N SER E 209 58.18 -3.16 -10.88
CA SER E 209 58.03 -4.18 -11.95
C SER E 209 56.62 -4.19 -12.49
N LYS E 210 56.43 -4.93 -13.60
CA LYS E 210 55.14 -5.06 -14.24
C LYS E 210 54.11 -5.61 -13.26
N THR E 211 54.53 -6.55 -12.41
CA THR E 211 53.63 -7.14 -11.41
C THR E 211 53.07 -6.10 -10.44
N GLY E 212 53.89 -5.11 -10.10
CA GLY E 212 53.45 -4.06 -9.16
C GLY E 212 52.85 -2.80 -9.77
N VAL E 213 52.71 -2.77 -11.10
CA VAL E 213 52.24 -1.54 -11.77
C VAL E 213 50.91 -0.96 -11.27
N ILE E 214 50.03 -1.81 -10.75
CA ILE E 214 48.76 -1.34 -10.24
C ILE E 214 48.99 -0.37 -9.07
N SER E 215 50.10 -0.53 -8.33
CA SER E 215 50.40 0.35 -7.20
C SER E 215 50.76 1.76 -7.66
N ARG E 216 51.13 1.88 -8.92
CA ARG E 216 51.49 3.19 -9.49
C ARG E 216 50.27 3.90 -10.07
N LEU E 217 49.16 3.16 -10.18
CA LEU E 217 47.93 3.69 -10.77
C LEU E 217 46.84 3.96 -9.78
N ALA E 218 46.84 3.23 -8.65
CA ALA E 218 45.80 3.34 -7.60
C ALA E 218 46.17 4.06 -6.33
N GLY E 219 47.06 5.02 -6.42
CA GLY E 219 47.50 5.75 -5.24
C GLY E 219 46.51 6.72 -4.64
N GLU E 220 45.49 7.11 -5.40
CA GLU E 220 44.57 8.06 -4.84
C GLU E 220 43.76 7.42 -3.70
N VAL E 221 43.24 6.22 -3.91
CA VAL E 221 42.44 5.56 -2.89
C VAL E 221 43.31 5.13 -1.72
N PHE E 222 44.44 4.52 -2.00
CA PHE E 222 45.28 3.99 -0.93
C PHE E 222 46.19 4.95 -0.18
N GLY E 223 46.48 6.12 -0.75
CA GLY E 223 47.26 7.13 -0.06
C GLY E 223 48.62 7.51 -0.60
N SER E 224 48.96 7.13 -1.83
CA SER E 224 50.25 7.51 -2.43
C SER E 224 49.97 8.82 -3.18
N ALA E 225 50.68 9.89 -2.82
CA ALA E 225 50.44 11.25 -3.38
C ALA E 225 51.13 11.57 -4.70
N ALA E 226 52.07 10.74 -5.10
CA ALA E 226 52.76 10.97 -6.36
C ALA E 226 53.16 9.64 -6.91
N THR E 227 53.37 9.59 -8.22
CA THR E 227 53.71 8.37 -8.92
C THR E 227 54.63 8.65 -10.11
N PHE E 228 55.54 7.72 -10.39
CA PHE E 228 56.49 7.90 -11.48
C PHE E 228 56.07 7.27 -12.79
N GLY E 229 56.23 8.04 -13.85
CA GLY E 229 55.96 7.59 -15.22
C GLY E 229 57.27 7.69 -16.00
N ALA E 230 57.26 7.21 -17.23
CA ALA E 230 58.44 7.26 -18.08
C ALA E 230 58.14 8.03 -19.35
N VAL E 231 59.10 8.84 -19.81
CA VAL E 231 58.92 9.56 -21.06
C VAL E 231 59.30 8.56 -22.15
N LYS E 232 60.60 8.27 -22.31
CA LYS E 232 61.02 7.27 -23.30
C LYS E 232 61.67 6.08 -22.61
N LYS E 233 62.32 6.32 -21.48
CA LYS E 233 62.94 5.21 -20.76
C LYS E 233 62.72 5.31 -19.26
N ALA E 234 62.34 4.19 -18.67
CA ALA E 234 62.06 4.12 -17.24
C ALA E 234 63.31 4.30 -16.38
N SER E 235 63.11 4.88 -15.21
CA SER E 235 64.16 5.04 -14.21
C SER E 235 64.08 3.95 -13.15
N ALA E 236 63.04 3.13 -13.23
CA ALA E 236 62.85 1.99 -12.36
C ALA E 236 61.84 1.06 -13.03
N PRO E 237 61.91 -0.23 -12.72
CA PRO E 237 61.01 -1.18 -13.37
C PRO E 237 59.54 -0.93 -13.06
N GLY E 238 58.70 -1.07 -14.07
CA GLY E 238 57.25 -0.94 -13.86
C GLY E 238 56.63 0.36 -14.31
N GLN E 239 57.44 1.40 -14.44
CA GLN E 239 56.94 2.68 -14.88
C GLN E 239 56.35 2.55 -16.28
N ILE E 240 55.22 3.21 -16.50
CA ILE E 240 54.57 3.21 -17.82
C ILE E 240 54.67 4.61 -18.40
N SER E 241 54.31 4.76 -19.68
CA SER E 241 54.42 6.07 -20.34
C SER E 241 53.61 7.10 -19.58
N VAL E 242 54.09 8.33 -19.52
CA VAL E 242 53.41 9.38 -18.77
C VAL E 242 52.02 9.67 -19.28
N ALA E 243 51.81 9.62 -20.59
CA ALA E 243 50.49 9.89 -21.14
C ALA E 243 49.48 8.83 -20.66
N ASP E 244 49.87 7.55 -20.68
CA ASP E 244 48.98 6.50 -20.19
C ASP E 244 48.79 6.59 -18.68
N LEU E 245 49.84 6.99 -17.97
CA LEU E 245 49.73 7.17 -16.54
C LEU E 245 48.66 8.26 -16.26
N ARG E 246 48.78 9.42 -16.91
CA ARG E 246 47.84 10.50 -16.67
C ARG E 246 46.42 10.06 -16.98
N THR E 247 46.24 9.34 -18.09
CA THR E 247 44.94 8.84 -18.50
C THR E 247 44.28 8.05 -17.39
N VAL E 248 45.01 7.11 -16.77
CA VAL E 248 44.43 6.30 -15.72
C VAL E 248 44.15 7.12 -14.47
N LEU E 249 45.08 7.99 -14.07
CA LEU E 249 44.89 8.81 -12.86
C LEU E 249 43.67 9.72 -12.97
N THR E 250 43.45 10.30 -14.14
CA THR E 250 42.31 11.18 -14.34
C THR E 250 41.03 10.37 -14.26
N ILE E 251 41.02 9.18 -14.83
CA ILE E 251 39.83 8.29 -14.77
C ILE E 251 39.50 7.96 -13.31
N LEU E 252 40.51 7.54 -12.54
CA LEU E 252 40.30 7.18 -11.14
C LEU E 252 40.01 8.38 -10.26
N HIS E 253 40.55 9.53 -10.61
CA HIS E 253 40.28 10.75 -9.83
C HIS E 253 38.81 11.17 -9.96
N GLN E 254 38.16 10.81 -11.07
CA GLN E 254 36.76 11.19 -11.30
C GLN E 254 35.80 9.99 -11.27
N ALA E 255 36.26 8.85 -10.81
CA ALA E 255 35.45 7.63 -10.84
C ALA E 255 34.38 7.55 -9.76
N LYS F 5 42.12 -23.36 -16.63
CA LYS F 5 41.07 -23.74 -17.64
C LYS F 5 40.20 -22.51 -17.99
N THR F 6 39.57 -22.58 -19.15
CA THR F 6 38.73 -21.48 -19.66
C THR F 6 37.28 -21.89 -19.86
N VAL F 7 36.44 -20.90 -20.14
CA VAL F 7 35.04 -21.08 -20.42
C VAL F 7 34.74 -20.30 -21.68
N THR F 8 34.20 -20.99 -22.69
CA THR F 8 33.92 -20.32 -23.95
C THR F 8 32.43 -20.11 -24.11
N VAL F 9 32.05 -18.86 -24.36
CA VAL F 9 30.66 -18.51 -24.51
C VAL F 9 30.55 -17.84 -25.86
N ARG F 10 29.79 -18.46 -26.75
CA ARG F 10 29.68 -18.02 -28.13
C ARG F 10 31.11 -17.95 -28.65
N ASP F 11 31.60 -16.80 -29.08
CA ASP F 11 32.98 -16.83 -29.55
C ASP F 11 33.98 -16.24 -28.55
N LEU F 12 33.53 -16.05 -27.32
CA LEU F 12 34.35 -15.42 -26.30
C LEU F 12 34.97 -16.41 -25.34
N VAL F 13 36.27 -16.31 -25.14
CA VAL F 13 36.98 -17.18 -24.23
C VAL F 13 37.30 -16.44 -22.95
N VAL F 14 36.60 -16.83 -21.89
CA VAL F 14 36.76 -16.26 -20.57
C VAL F 14 37.84 -17.06 -19.88
N GLY F 15 38.82 -16.35 -19.32
CA GLY F 15 39.94 -16.97 -18.64
C GLY F 15 41.23 -16.78 -19.43
N GLU F 16 41.14 -16.20 -20.62
CA GLU F 16 42.28 -15.94 -21.48
C GLU F 16 42.39 -14.45 -21.78
N GLY F 17 43.62 -13.95 -21.81
CA GLY F 17 43.90 -12.54 -22.12
C GLY F 17 43.40 -11.55 -21.08
N ALA F 18 42.90 -10.41 -21.55
CA ALA F 18 42.40 -9.36 -20.67
C ALA F 18 41.04 -9.72 -20.06
N PRO F 19 40.78 -9.25 -18.83
CA PRO F 19 39.49 -9.55 -18.24
C PRO F 19 38.38 -9.07 -19.19
N LYS F 20 37.29 -9.83 -19.27
CA LYS F 20 36.20 -9.47 -20.14
C LYS F 20 35.25 -8.47 -19.45
N ILE F 21 34.71 -7.56 -20.23
CA ILE F 21 33.78 -6.55 -19.70
C ILE F 21 32.34 -6.99 -19.84
N ILE F 22 31.62 -6.92 -18.71
CA ILE F 22 30.23 -7.25 -18.67
C ILE F 22 29.49 -5.96 -18.29
N VAL F 23 28.36 -5.70 -18.94
CA VAL F 23 27.50 -4.55 -18.60
C VAL F 23 26.12 -5.13 -18.31
N SER F 24 25.37 -4.49 -17.40
CA SER F 24 24.06 -4.96 -17.00
C SER F 24 22.96 -4.12 -17.62
N LEU F 25 21.98 -4.80 -18.24
CA LEU F 25 20.81 -4.14 -18.83
C LEU F 25 19.70 -4.25 -17.78
N MET F 26 19.09 -3.10 -17.47
CA MET F 26 18.06 -3.03 -16.46
C MET F 26 16.85 -2.32 -17.05
N GLY F 27 15.77 -3.07 -17.22
CA GLY F 27 14.52 -2.53 -17.76
C GLY F 27 13.34 -3.15 -17.04
N LYS F 28 12.31 -2.34 -16.76
CA LYS F 28 11.10 -2.82 -16.07
C LYS F 28 10.10 -3.55 -16.97
N THR F 29 9.93 -3.04 -18.18
CA THR F 29 8.98 -3.60 -19.14
C THR F 29 9.68 -3.93 -20.46
N ILE F 30 8.95 -4.58 -21.36
CA ILE F 30 9.50 -4.92 -22.67
C ILE F 30 9.93 -3.67 -23.39
N THR F 31 9.14 -2.61 -23.31
CA THR F 31 9.48 -1.33 -23.92
C THR F 31 10.85 -0.80 -23.42
N ASP F 32 11.04 -0.81 -22.11
CA ASP F 32 12.30 -0.37 -21.50
C ASP F 32 13.43 -1.30 -21.94
N VAL F 33 13.15 -2.60 -21.93
CA VAL F 33 14.18 -3.57 -22.33
C VAL F 33 14.64 -3.28 -23.75
N LYS F 34 13.69 -3.01 -24.66
CA LYS F 34 14.07 -2.75 -26.05
C LYS F 34 14.89 -1.48 -26.22
N SER F 35 14.44 -0.37 -25.65
CA SER F 35 15.18 0.90 -25.78
C SER F 35 16.56 0.81 -25.13
N GLU F 36 16.68 0.12 -24.01
CA GLU F 36 17.99 -0.04 -23.40
C GLU F 36 18.91 -0.89 -24.29
N ALA F 37 18.39 -1.98 -24.85
CA ALA F 37 19.20 -2.85 -25.72
C ALA F 37 19.71 -2.06 -26.95
N LEU F 38 18.84 -1.22 -27.51
CA LEU F 38 19.22 -0.37 -28.65
C LEU F 38 20.30 0.62 -28.22
N ALA F 39 20.15 1.19 -27.03
CA ALA F 39 21.14 2.12 -26.53
C ALA F 39 22.47 1.43 -26.30
N TYR F 40 22.44 0.17 -25.88
CA TYR F 40 23.65 -0.58 -25.58
C TYR F 40 24.46 -1.02 -26.81
N ARG F 41 23.85 -1.05 -28.00
CA ARG F 41 24.60 -1.42 -29.22
C ARG F 41 25.83 -0.55 -29.48
N GLU F 42 25.80 0.69 -29.00
CA GLU F 42 26.92 1.61 -29.20
C GLU F 42 28.07 1.44 -28.19
N ALA F 43 27.89 0.59 -27.17
CA ALA F 43 28.92 0.42 -26.14
C ALA F 43 29.88 -0.74 -26.40
N ASP F 44 31.10 -0.59 -25.89
CA ASP F 44 32.15 -1.60 -26.05
C ASP F 44 32.22 -2.52 -24.86
N PHE F 45 31.54 -3.66 -24.94
CA PHE F 45 31.54 -4.67 -23.87
C PHE F 45 31.61 -6.06 -24.49
N ASP F 46 31.89 -7.05 -23.67
CA ASP F 46 32.07 -8.42 -24.13
C ASP F 46 30.89 -9.36 -23.83
N ILE F 47 30.22 -9.13 -22.70
CA ILE F 47 29.08 -9.94 -22.26
C ILE F 47 27.99 -9.01 -21.77
N LEU F 48 26.76 -9.29 -22.18
CA LEU F 48 25.62 -8.53 -21.73
C LEU F 48 24.90 -9.32 -20.65
N GLU F 49 24.82 -8.75 -19.44
CA GLU F 49 24.04 -9.36 -18.38
C GLU F 49 22.67 -8.70 -18.33
N TRP F 50 21.60 -9.49 -18.44
CA TRP F 50 20.28 -8.96 -18.27
C TRP F 50 19.91 -9.12 -16.80
N ARG F 51 19.78 -8.01 -16.09
CA ARG F 51 19.37 -8.05 -14.67
C ARG F 51 17.87 -8.21 -14.64
N VAL F 52 17.47 -9.47 -14.66
CA VAL F 52 16.08 -9.87 -14.74
C VAL F 52 15.28 -9.43 -13.52
N ASP F 53 15.92 -9.31 -12.36
CA ASP F 53 15.19 -8.83 -11.17
C ASP F 53 14.64 -7.42 -11.35
N HIS F 54 15.20 -6.60 -12.25
CA HIS F 54 14.66 -5.25 -12.50
C HIS F 54 13.38 -5.34 -13.33
N PHE F 55 13.16 -6.49 -13.95
CA PHE F 55 11.97 -6.70 -14.81
C PHE F 55 10.75 -6.90 -13.92
N ALA F 56 9.66 -6.22 -14.30
CA ALA F 56 8.44 -6.19 -13.49
C ALA F 56 7.63 -7.48 -13.44
N ASN F 57 7.62 -8.28 -14.50
CA ASN F 57 6.79 -9.51 -14.51
C ASN F 57 7.58 -10.77 -14.74
N VAL F 58 8.44 -11.09 -13.78
CA VAL F 58 9.31 -12.23 -13.93
C VAL F 58 8.59 -13.55 -13.79
N THR F 59 7.42 -13.57 -13.16
CA THR F 59 6.69 -14.82 -13.05
C THR F 59 5.75 -15.07 -14.24
N THR F 60 5.69 -14.17 -15.22
CA THR F 60 4.87 -14.41 -16.43
C THR F 60 5.87 -14.87 -17.50
N ALA F 61 5.87 -16.18 -17.75
CA ALA F 61 6.83 -16.80 -18.67
C ALA F 61 6.89 -16.11 -20.02
N GLU F 62 5.71 -15.84 -20.57
CA GLU F 62 5.61 -15.24 -21.90
C GLU F 62 6.29 -13.87 -21.97
N SER F 63 6.20 -13.08 -20.89
CA SER F 63 6.82 -11.76 -20.85
C SER F 63 8.34 -11.85 -20.80
N VAL F 64 8.84 -12.70 -19.90
CA VAL F 64 10.27 -12.91 -19.75
C VAL F 64 10.89 -13.37 -21.09
N LEU F 65 10.22 -14.33 -21.75
N LEU F 65 10.27 -14.34 -21.77
CA LEU F 65 10.65 -14.86 -23.05
CA LEU F 65 10.83 -14.82 -23.03
C LEU F 65 10.73 -13.80 -24.13
C LEU F 65 10.75 -13.78 -24.15
N GLU F 66 9.70 -12.96 -24.17
CA GLU F 66 9.59 -11.88 -25.15
C GLU F 66 10.74 -10.89 -24.96
N ALA F 67 10.99 -10.51 -23.70
CA ALA F 67 12.08 -9.57 -23.39
C ALA F 67 13.41 -10.16 -23.80
N ALA F 68 13.66 -11.40 -23.41
CA ALA F 68 14.90 -12.10 -23.79
C ALA F 68 15.04 -12.16 -25.32
N GLY F 69 13.97 -12.50 -26.02
CA GLY F 69 13.97 -12.53 -27.48
C GLY F 69 14.32 -11.16 -28.08
N ALA F 70 13.73 -10.09 -27.53
CA ALA F 70 13.98 -8.73 -28.00
C ALA F 70 15.45 -8.37 -27.86
N ILE F 71 16.04 -8.74 -26.73
CA ILE F 71 17.46 -8.50 -26.46
C ILE F 71 18.33 -9.21 -27.49
N ARG F 72 18.07 -10.50 -27.69
CA ARG F 72 18.78 -11.32 -28.69
C ARG F 72 18.66 -10.81 -30.12
N GLU F 73 17.51 -10.23 -30.48
CA GLU F 73 17.35 -9.69 -31.83
C GLU F 73 18.21 -8.47 -32.02
N ILE F 74 18.28 -7.65 -30.98
CA ILE F 74 19.00 -6.38 -31.04
C ILE F 74 20.51 -6.55 -30.89
N ILE F 75 20.94 -7.37 -29.94
CA ILE F 75 22.36 -7.63 -29.69
C ILE F 75 22.60 -9.09 -30.12
N THR F 76 23.11 -9.29 -31.31
CA THR F 76 23.30 -10.63 -31.87
C THR F 76 24.73 -11.17 -31.80
N ASP F 77 25.68 -10.29 -31.53
N ASP F 77 25.71 -10.36 -31.40
CA ASP F 77 27.10 -10.65 -31.50
CA ASP F 77 27.08 -10.87 -31.30
C ASP F 77 27.72 -10.63 -30.11
C ASP F 77 27.43 -11.40 -29.90
N LYS F 78 26.93 -10.98 -29.09
N LYS F 78 27.22 -10.56 -28.90
CA LYS F 78 27.41 -10.98 -27.72
CA LYS F 78 27.60 -10.83 -27.53
C LYS F 78 26.75 -12.07 -26.85
C LYS F 78 26.82 -11.93 -26.81
N PRO F 79 27.54 -12.70 -25.96
CA PRO F 79 26.93 -13.69 -25.09
C PRO F 79 25.95 -12.98 -24.15
N LEU F 80 24.85 -13.66 -23.82
CA LEU F 80 23.83 -13.12 -22.94
C LEU F 80 23.79 -13.91 -21.62
N LEU F 81 24.02 -13.20 -20.52
CA LEU F 81 23.99 -13.76 -19.19
C LEU F 81 22.66 -13.36 -18.56
N PHE F 82 21.90 -14.35 -18.11
CA PHE F 82 20.58 -14.18 -17.48
C PHE F 82 20.83 -14.19 -15.99
N THR F 83 20.57 -13.05 -15.34
CA THR F 83 20.78 -12.90 -13.90
C THR F 83 19.60 -12.31 -13.14
N PHE F 84 18.97 -13.14 -12.29
CA PHE F 84 17.97 -12.68 -11.39
C PHE F 84 18.67 -12.56 -10.03
N ARG F 85 18.95 -11.32 -9.62
CA ARG F 85 19.55 -11.03 -8.33
C ARG F 85 18.44 -10.88 -7.32
N SER F 86 18.38 -11.82 -6.37
CA SER F 86 17.33 -11.81 -5.37
C SER F 86 17.47 -10.64 -4.38
N ALA F 87 16.32 -10.17 -3.86
CA ALA F 87 16.27 -9.10 -2.86
C ALA F 87 17.24 -9.37 -1.70
N LYS F 88 17.25 -10.61 -1.24
CA LYS F 88 18.13 -11.01 -0.11
C LYS F 88 19.61 -10.87 -0.43
N GLU F 89 19.95 -10.73 -1.72
CA GLU F 89 21.35 -10.51 -2.09
C GLU F 89 21.58 -9.14 -2.69
N GLY F 90 20.70 -8.20 -2.32
CA GLY F 90 20.76 -6.84 -2.79
C GLY F 90 20.04 -6.54 -4.09
N GLY F 91 19.24 -7.49 -4.56
CA GLY F 91 18.50 -7.36 -5.82
C GLY F 91 17.18 -6.60 -5.76
N GLU F 92 16.45 -6.57 -6.86
CA GLU F 92 15.24 -5.73 -6.96
C GLU F 92 13.92 -6.36 -6.54
N GLN F 93 13.90 -7.66 -6.25
CA GLN F 93 12.64 -8.31 -5.83
C GLN F 93 12.88 -9.68 -5.28
N ALA F 94 11.92 -10.16 -4.48
CA ALA F 94 12.02 -11.46 -3.83
C ALA F 94 11.17 -12.49 -4.55
N LEU F 95 11.67 -13.71 -4.61
CA LEU F 95 10.93 -14.81 -5.18
C LEU F 95 11.08 -15.98 -4.25
N THR F 96 10.18 -16.95 -4.34
CA THR F 96 10.32 -18.17 -3.57
C THR F 96 11.43 -18.98 -4.27
N THR F 97 12.02 -19.94 -3.58
CA THR F 97 13.04 -20.79 -4.16
C THR F 97 12.53 -21.45 -5.46
N GLY F 98 11.31 -21.96 -5.42
CA GLY F 98 10.67 -22.61 -6.58
C GLY F 98 10.48 -21.71 -7.79
N GLN F 99 10.06 -20.47 -7.56
CA GLN F 99 9.88 -19.51 -8.63
C GLN F 99 11.23 -19.16 -9.25
N TYR F 100 12.24 -19.02 -8.39
CA TYR F 100 13.60 -18.67 -8.82
C TYR F 100 14.21 -19.77 -9.69
N ILE F 101 14.06 -21.01 -9.25
CA ILE F 101 14.58 -22.15 -10.00
C ILE F 101 13.82 -22.28 -11.31
N ASP F 102 12.49 -22.18 -11.25
CA ASP F 102 11.68 -22.28 -12.47
C ASP F 102 12.03 -21.18 -13.47
N LEU F 103 12.30 -19.99 -12.98
CA LEU F 103 12.68 -18.86 -13.84
C LEU F 103 13.96 -19.17 -14.61
N ASN F 104 14.97 -19.65 -13.88
CA ASN F 104 16.23 -19.99 -14.48
C ASN F 104 16.11 -21.17 -15.45
N ARG F 105 15.26 -22.15 -15.12
CA ARG F 105 15.07 -23.30 -15.99
C ARG F 105 14.41 -22.88 -17.31
N ALA F 106 13.49 -21.92 -17.25
CA ALA F 106 12.82 -21.39 -18.43
C ALA F 106 13.85 -20.67 -19.33
N ALA F 107 14.77 -19.91 -18.70
CA ALA F 107 15.83 -19.22 -19.43
C ALA F 107 16.69 -20.24 -20.17
N VAL F 108 17.08 -21.31 -19.48
CA VAL F 108 17.91 -22.34 -20.06
C VAL F 108 17.22 -22.99 -21.27
N ASP F 109 15.96 -23.37 -21.10
CA ASP F 109 15.22 -24.09 -22.15
C ASP F 109 14.87 -23.21 -23.37
N SER F 110 14.88 -21.89 -23.19
CA SER F 110 14.52 -20.95 -24.25
C SER F 110 15.52 -20.91 -25.41
N GLY F 111 16.78 -21.26 -25.13
CA GLY F 111 17.81 -21.19 -26.13
C GLY F 111 18.26 -19.77 -26.43
N LEU F 112 17.78 -18.81 -25.63
CA LEU F 112 18.11 -17.39 -25.84
C LEU F 112 19.28 -16.90 -24.98
N VAL F 113 19.66 -17.67 -23.97
CA VAL F 113 20.72 -17.25 -23.08
C VAL F 113 21.88 -18.22 -23.11
N ASP F 114 23.09 -17.66 -23.04
CA ASP F 114 24.31 -18.42 -23.08
C ASP F 114 24.80 -18.79 -21.67
N MET F 115 24.33 -18.04 -20.68
CA MET F 115 24.75 -18.25 -19.32
C MET F 115 23.65 -17.86 -18.36
N ILE F 116 23.68 -18.45 -17.18
CA ILE F 116 22.78 -18.06 -16.12
C ILE F 116 23.59 -17.82 -14.85
N ASP F 117 23.09 -16.92 -14.02
CA ASP F 117 23.68 -16.66 -12.70
C ASP F 117 22.82 -17.37 -11.67
N LEU F 118 23.45 -18.20 -10.84
CA LEU F 118 22.80 -18.91 -9.75
C LEU F 118 23.46 -18.51 -8.44
N GLU F 119 22.66 -18.08 -7.49
CA GLU F 119 23.19 -17.68 -6.19
C GLU F 119 23.62 -18.88 -5.35
N LEU F 120 24.88 -18.88 -4.90
CA LEU F 120 25.43 -19.97 -4.10
C LEU F 120 24.50 -20.40 -2.96
N PHE F 121 23.95 -19.44 -2.23
CA PHE F 121 23.09 -19.76 -1.07
C PHE F 121 21.60 -19.79 -1.47
N THR F 122 21.30 -20.67 -2.40
CA THR F 122 19.95 -20.91 -2.88
C THR F 122 19.41 -22.23 -2.32
N GLY F 123 20.31 -23.17 -2.06
CA GLY F 123 19.95 -24.53 -1.59
C GLY F 123 20.81 -25.51 -2.41
N ASP F 124 21.64 -26.29 -1.73
CA ASP F 124 22.57 -27.21 -2.44
C ASP F 124 21.88 -28.12 -3.44
N ASP F 125 20.76 -28.73 -3.06
CA ASP F 125 20.02 -29.63 -3.96
C ASP F 125 19.50 -28.89 -5.18
N GLU F 126 18.91 -27.73 -4.95
CA GLU F 126 18.35 -26.95 -6.03
C GLU F 126 19.47 -26.46 -6.97
N VAL F 127 20.59 -26.02 -6.38
CA VAL F 127 21.72 -25.51 -7.19
C VAL F 127 22.31 -26.62 -8.07
N LYS F 128 22.62 -27.76 -7.48
CA LYS F 128 23.15 -28.90 -8.27
C LYS F 128 22.20 -29.31 -9.39
N ALA F 129 20.93 -29.46 -9.06
CA ALA F 129 19.96 -29.86 -10.05
C ALA F 129 19.90 -28.83 -11.20
N THR F 130 19.95 -27.55 -10.86
CA THR F 130 19.87 -26.54 -11.89
C THR F 130 21.19 -26.39 -12.67
N VAL F 131 22.33 -26.60 -12.00
CA VAL F 131 23.61 -26.59 -12.72
C VAL F 131 23.64 -27.72 -13.75
N GLY F 132 23.15 -28.90 -13.35
CA GLY F 132 23.10 -30.04 -14.26
C GLY F 132 22.17 -29.75 -15.41
N TYR F 133 21.05 -29.11 -15.13
CA TYR F 133 20.10 -28.82 -16.18
C TYR F 133 20.67 -27.81 -17.20
N ALA F 134 21.32 -26.76 -16.72
CA ALA F 134 21.92 -25.78 -17.60
C ALA F 134 22.96 -26.47 -18.50
N HIS F 135 23.82 -27.30 -17.89
CA HIS F 135 24.85 -28.00 -18.65
C HIS F 135 24.27 -28.96 -19.72
N GLN F 136 23.12 -29.58 -19.47
CA GLN F 136 22.48 -30.46 -20.47
C GLN F 136 21.93 -29.69 -21.65
N HIS F 137 21.80 -28.38 -21.50
CA HIS F 137 21.29 -27.52 -22.56
C HIS F 137 22.34 -26.55 -23.09
N ASN F 138 23.60 -26.83 -22.77
CA ASN F 138 24.74 -26.02 -23.24
C ASN F 138 24.71 -24.58 -22.73
N VAL F 139 24.32 -24.40 -21.45
CA VAL F 139 24.28 -23.09 -20.82
C VAL F 139 25.27 -23.13 -19.66
N ALA F 140 26.17 -22.15 -19.64
CA ALA F 140 27.18 -22.03 -18.59
C ALA F 140 26.57 -21.37 -17.34
N VAL F 141 27.16 -21.63 -16.18
CA VAL F 141 26.67 -21.06 -14.94
C VAL F 141 27.71 -20.21 -14.20
N ILE F 142 27.34 -18.97 -13.89
CA ILE F 142 28.12 -18.13 -13.01
C ILE F 142 27.41 -18.35 -11.68
N MET F 143 28.14 -18.70 -10.64
CA MET F 143 27.51 -18.90 -9.33
C MET F 143 28.00 -17.76 -8.48
N SER F 144 27.07 -17.05 -7.86
CA SER F 144 27.39 -15.82 -7.20
C SER F 144 27.03 -15.67 -5.71
N ASN F 145 27.66 -14.69 -5.08
CA ASN F 145 27.41 -14.34 -3.70
C ASN F 145 27.74 -12.84 -3.54
N HIS F 146 26.86 -12.12 -2.89
CA HIS F 146 27.02 -10.70 -2.66
C HIS F 146 26.91 -10.32 -1.20
N ASP F 147 27.70 -9.33 -0.81
CA ASP F 147 27.63 -8.75 0.53
C ASP F 147 27.79 -7.25 0.37
N PHE F 148 26.70 -6.52 0.57
CA PHE F 148 26.67 -5.05 0.39
C PHE F 148 27.03 -4.24 1.64
N HIS F 149 27.40 -4.91 2.73
CA HIS F 149 27.78 -4.21 3.95
C HIS F 149 29.18 -4.46 4.49
N LYS F 150 29.76 -5.63 4.19
CA LYS F 150 31.05 -6.00 4.74
C LYS F 150 31.82 -6.97 3.86
N THR F 151 33.06 -7.18 4.26
CA THR F 151 33.97 -8.07 3.58
C THR F 151 34.33 -9.16 4.56
N PRO F 152 33.94 -10.41 4.26
CA PRO F 152 34.32 -11.50 5.17
C PRO F 152 35.82 -11.75 5.14
N ALA F 153 36.33 -12.48 6.12
CA ALA F 153 37.74 -12.81 6.16
C ALA F 153 38.11 -13.51 4.85
N ALA F 154 39.37 -13.34 4.44
CA ALA F 154 39.85 -13.97 3.22
C ALA F 154 39.55 -15.47 3.20
N GLU F 155 39.80 -16.16 4.31
N GLU F 155 39.78 -16.16 4.32
CA GLU F 155 39.58 -17.59 4.37
CA GLU F 155 39.55 -17.62 4.37
C GLU F 155 38.11 -17.96 4.14
C GLU F 155 38.10 -17.94 4.08
N GLU F 156 37.19 -17.10 4.56
CA GLU F 156 35.76 -17.35 4.33
C GLU F 156 35.40 -17.10 2.84
N ILE F 157 35.97 -16.04 2.25
CA ILE F 157 35.73 -15.77 0.81
C ILE F 157 36.19 -16.97 -0.02
N VAL F 158 37.38 -17.48 0.30
CA VAL F 158 37.95 -18.64 -0.39
C VAL F 158 37.04 -19.85 -0.22
N GLN F 159 36.54 -20.08 1.01
CA GLN F 159 35.66 -21.21 1.26
C GLN F 159 34.42 -21.15 0.37
N ARG F 160 33.85 -19.95 0.21
CA ARG F 160 32.66 -19.77 -0.64
C ARG F 160 32.99 -20.10 -2.11
N LEU F 161 34.10 -19.54 -2.57
CA LEU F 161 34.56 -19.76 -3.94
C LEU F 161 34.82 -21.25 -4.20
N ARG F 162 35.44 -21.93 -3.23
CA ARG F 162 35.70 -23.36 -3.37
C ARG F 162 34.37 -24.12 -3.40
N LYS F 163 33.41 -23.70 -2.59
CA LYS F 163 32.11 -24.38 -2.61
C LYS F 163 31.40 -24.22 -3.97
N MET F 164 31.51 -23.04 -4.57
CA MET F 164 30.92 -22.83 -5.90
C MET F 164 31.53 -23.83 -6.91
N GLN F 165 32.84 -24.04 -6.84
CA GLN F 165 33.48 -25.07 -7.70
C GLN F 165 32.94 -26.46 -7.38
N GLU F 166 32.77 -26.78 -6.11
CA GLU F 166 32.23 -28.09 -5.74
C GLU F 166 30.82 -28.29 -6.28
N LEU F 167 30.03 -27.23 -6.34
CA LEU F 167 28.67 -27.29 -6.87
C LEU F 167 28.56 -27.24 -8.40
N GLY F 168 29.69 -27.14 -9.09
CA GLY F 168 29.69 -27.18 -10.56
C GLY F 168 29.64 -25.86 -11.29
N ALA F 169 29.88 -24.74 -10.58
CA ALA F 169 29.87 -23.45 -11.25
C ALA F 169 30.93 -23.46 -12.35
N ASP F 170 30.59 -22.91 -13.50
CA ASP F 170 31.59 -22.76 -14.56
C ASP F 170 32.50 -21.60 -14.15
N ILE F 171 31.89 -20.56 -13.58
CA ILE F 171 32.64 -19.38 -13.13
C ILE F 171 32.15 -18.92 -11.74
N PRO F 172 32.91 -19.24 -10.67
CA PRO F 172 32.52 -18.68 -9.35
C PRO F 172 32.63 -17.14 -9.38
N LYS F 173 31.76 -16.47 -8.65
CA LYS F 173 31.72 -15.01 -8.57
C LYS F 173 31.39 -14.51 -7.15
N ILE F 174 32.20 -13.58 -6.65
CA ILE F 174 31.89 -12.98 -5.34
C ILE F 174 32.14 -11.46 -5.35
N ALA F 175 31.17 -10.73 -4.81
CA ALA F 175 31.23 -9.28 -4.73
C ALA F 175 30.99 -8.92 -3.27
N VAL F 176 31.93 -8.19 -2.67
CA VAL F 176 31.83 -7.80 -1.26
C VAL F 176 32.05 -6.32 -1.08
N MET F 177 31.63 -5.79 0.07
CA MET F 177 31.72 -4.37 0.30
C MET F 177 32.80 -4.03 1.31
N PRO F 178 33.74 -3.17 0.92
CA PRO F 178 34.74 -2.77 1.88
C PRO F 178 34.19 -1.74 2.84
N GLN F 179 34.40 -1.93 4.14
CA GLN F 179 34.03 -0.90 5.12
C GLN F 179 35.23 0.04 5.28
N THR F 180 36.42 -0.49 4.97
CA THR F 180 37.67 0.23 5.11
C THR F 180 38.51 -0.10 3.89
N LYS F 181 39.61 0.64 3.72
CA LYS F 181 40.52 0.37 2.60
C LYS F 181 41.18 -1.00 2.75
N ALA F 182 41.51 -1.41 3.97
CA ALA F 182 42.09 -2.73 4.19
C ALA F 182 41.16 -3.87 3.68
N ASP F 183 39.86 -3.65 3.72
CA ASP F 183 38.90 -4.66 3.26
C ASP F 183 39.08 -4.92 1.78
N VAL F 184 39.45 -3.89 1.02
CA VAL F 184 39.63 -4.04 -0.42
C VAL F 184 40.80 -5.01 -0.64
N LEU F 185 41.83 -4.86 0.17
CA LEU F 185 43.02 -5.68 0.06
C LEU F 185 42.77 -7.13 0.50
N THR F 186 41.84 -7.31 1.44
CA THR F 186 41.41 -8.62 1.90
C THR F 186 40.75 -9.35 0.74
N LEU F 187 39.93 -8.65 -0.02
CA LEU F 187 39.26 -9.26 -1.17
C LEU F 187 40.27 -9.71 -2.25
N LEU F 188 41.25 -8.85 -2.51
CA LEU F 188 42.30 -9.14 -3.46
C LEU F 188 43.16 -10.30 -2.95
N THR F 189 43.42 -10.35 -1.64
CA THR F 189 44.18 -11.49 -1.07
C THR F 189 43.47 -12.84 -1.31
N ALA F 190 42.16 -12.86 -1.09
CA ALA F 190 41.39 -14.08 -1.27
C ALA F 190 41.38 -14.47 -2.74
N THR F 191 41.31 -13.47 -3.62
CA THR F 191 41.29 -13.70 -5.08
C THR F 191 42.58 -14.40 -5.49
N VAL F 192 43.71 -13.82 -5.08
CA VAL F 192 45.04 -14.40 -5.32
C VAL F 192 45.17 -15.83 -4.75
N GLU F 193 44.77 -16.02 -3.49
N GLU F 193 44.78 -16.02 -3.49
CA GLU F 193 44.85 -17.34 -2.83
CA GLU F 193 44.88 -17.34 -2.85
C GLU F 193 44.04 -18.35 -3.64
C GLU F 193 44.03 -18.37 -3.59
N MET F 194 42.80 -17.99 -3.96
CA MET F 194 41.91 -18.89 -4.72
C MET F 194 42.43 -19.21 -6.13
N GLN F 195 42.89 -18.18 -6.84
CA GLN F 195 43.36 -18.40 -8.20
C GLN F 195 44.62 -19.24 -8.18
N GLU F 196 45.55 -18.96 -7.25
CA GLU F 196 46.81 -19.70 -7.19
C GLU F 196 46.74 -21.11 -6.62
N ARG F 197 45.92 -21.32 -5.59
CA ARG F 197 45.88 -22.62 -4.92
C ARG F 197 44.72 -23.56 -5.28
N TYR F 198 43.53 -23.02 -5.50
CA TYR F 198 42.37 -23.88 -5.66
C TYR F 198 41.59 -23.82 -6.94
N ALA F 199 41.67 -22.71 -7.68
CA ALA F 199 40.87 -22.58 -8.89
C ALA F 199 41.33 -23.48 -10.05
N ASP F 200 40.37 -24.14 -10.70
CA ASP F 200 40.62 -24.93 -11.91
C ASP F 200 39.72 -24.43 -13.06
N ARG F 201 39.18 -23.22 -12.87
CA ARG F 201 38.31 -22.56 -13.83
C ARG F 201 38.41 -21.04 -13.55
N PRO F 202 37.78 -20.23 -14.41
CA PRO F 202 37.86 -18.79 -14.16
C PRO F 202 37.00 -18.36 -12.97
N ILE F 203 37.45 -17.33 -12.26
CA ILE F 203 36.70 -16.74 -11.16
C ILE F 203 36.53 -15.23 -11.43
N ILE F 204 35.46 -14.67 -10.88
CA ILE F 204 35.17 -13.24 -10.95
C ILE F 204 35.08 -12.74 -9.51
N THR F 205 35.85 -11.73 -9.17
CA THR F 205 35.77 -11.16 -7.82
C THR F 205 35.78 -9.65 -7.88
N MET F 206 35.16 -9.02 -6.90
CA MET F 206 35.16 -7.58 -6.81
C MET F 206 34.89 -7.07 -5.39
N SER F 207 35.59 -6.01 -5.03
CA SER F 207 35.34 -5.24 -3.84
C SER F 207 34.54 -4.05 -4.42
N MET F 208 33.31 -3.87 -3.96
CA MET F 208 32.44 -2.84 -4.49
C MET F 208 32.77 -1.45 -3.94
N SER F 209 32.09 -0.45 -4.48
CA SER F 209 32.24 0.97 -4.15
C SER F 209 33.45 1.58 -4.84
N LYS F 210 33.54 2.90 -4.82
CA LYS F 210 34.70 3.61 -5.40
C LYS F 210 35.98 3.17 -4.73
N THR F 211 35.90 2.92 -3.42
CA THR F 211 37.04 2.50 -2.63
C THR F 211 37.64 1.18 -3.13
N GLY F 212 36.80 0.27 -3.63
CA GLY F 212 37.29 -1.02 -4.13
C GLY F 212 37.57 -1.10 -5.62
N VAL F 213 37.49 0.03 -6.32
CA VAL F 213 37.60 0.03 -7.79
C VAL F 213 38.85 -0.68 -8.35
N ILE F 214 39.97 -0.62 -7.63
CA ILE F 214 41.18 -1.36 -8.06
C ILE F 214 40.84 -2.84 -8.37
N SER F 215 39.88 -3.44 -7.64
CA SER F 215 39.52 -4.85 -7.88
C SER F 215 38.78 -5.04 -9.19
N ARG F 216 38.20 -3.98 -9.71
CA ARG F 216 37.51 -4.05 -11.00
C ARG F 216 38.49 -3.81 -12.17
N LEU F 217 39.71 -3.34 -11.85
CA LEU F 217 40.70 -3.00 -12.87
C LEU F 217 41.86 -3.98 -13.00
N ALA F 218 42.24 -4.59 -11.89
CA ALA F 218 43.42 -5.45 -11.83
C ALA F 218 43.15 -6.95 -11.85
N GLY F 219 42.14 -7.37 -12.63
CA GLY F 219 41.83 -8.79 -12.71
C GLY F 219 42.97 -9.60 -13.34
N GLU F 220 43.63 -9.01 -14.32
CA GLU F 220 44.70 -9.71 -15.04
C GLU F 220 45.85 -10.08 -14.12
N VAL F 221 46.21 -9.21 -13.21
CA VAL F 221 47.30 -9.51 -12.31
C VAL F 221 46.86 -10.29 -11.08
N PHE F 222 45.68 -10.01 -10.51
CA PHE F 222 45.27 -10.71 -9.29
C PHE F 222 44.40 -11.97 -9.50
N GLY F 223 43.82 -12.10 -10.68
CA GLY F 223 43.04 -13.31 -11.02
C GLY F 223 41.59 -13.24 -11.45
N SER F 224 40.94 -12.09 -11.35
CA SER F 224 39.52 -12.02 -11.75
C SER F 224 39.44 -12.02 -13.28
N ALA F 225 38.60 -12.89 -13.84
CA ALA F 225 38.50 -13.05 -15.30
C ALA F 225 37.50 -12.14 -16.00
N ALA F 226 36.66 -11.46 -15.23
CA ALA F 226 35.70 -10.55 -15.79
C ALA F 226 35.42 -9.39 -14.82
N THR F 227 34.92 -8.30 -15.37
CA THR F 227 34.65 -7.09 -14.62
C THR F 227 33.45 -6.34 -15.19
N PHE F 228 32.68 -5.71 -14.31
CA PHE F 228 31.48 -5.00 -14.73
C PHE F 228 31.73 -3.53 -14.88
N GLY F 229 31.20 -2.96 -15.96
CA GLY F 229 31.28 -1.54 -16.21
C GLY F 229 29.86 -1.04 -16.33
N ALA F 230 29.69 0.28 -16.31
CA ALA F 230 28.40 0.92 -16.41
C ALA F 230 28.23 1.63 -17.78
N VAL F 231 27.05 1.49 -18.38
CA VAL F 231 26.74 2.18 -19.62
C VAL F 231 26.21 3.57 -19.26
N LYS F 232 24.95 3.67 -18.85
CA LYS F 232 24.36 4.94 -18.44
C LYS F 232 24.20 5.04 -16.93
N LYS F 233 23.88 3.91 -16.29
CA LYS F 233 23.78 3.83 -14.83
C LYS F 233 24.38 2.51 -14.36
N ALA F 234 25.02 2.54 -13.19
CA ALA F 234 25.67 1.36 -12.63
C ALA F 234 24.66 0.34 -12.13
N SER F 235 25.03 -0.94 -12.17
CA SER F 235 24.23 -2.01 -11.60
C SER F 235 24.76 -2.41 -10.22
N ALA F 236 25.82 -1.75 -9.77
CA ALA F 236 26.39 -1.99 -8.46
C ALA F 236 27.34 -0.85 -8.12
N PRO F 237 27.55 -0.59 -6.82
CA PRO F 237 28.44 0.50 -6.48
C PRO F 237 29.85 0.28 -6.95
N GLY F 238 30.49 1.36 -7.39
CA GLY F 238 31.89 1.31 -7.79
C GLY F 238 32.19 1.08 -9.25
N GLN F 239 31.19 0.71 -10.03
CA GLN F 239 31.40 0.49 -11.47
C GLN F 239 31.72 1.80 -12.17
N ILE F 240 32.67 1.78 -13.10
CA ILE F 240 32.99 3.00 -13.86
C ILE F 240 32.44 2.83 -15.30
N SER F 241 32.38 3.91 -16.07
CA SER F 241 31.83 3.85 -17.41
C SER F 241 32.61 2.84 -18.24
N VAL F 242 31.92 2.08 -19.07
CA VAL F 242 32.53 1.04 -19.90
C VAL F 242 33.70 1.51 -20.76
N ALA F 243 33.59 2.71 -21.34
CA ALA F 243 34.66 3.25 -22.18
C ALA F 243 35.93 3.41 -21.33
N ASP F 244 35.79 3.98 -20.15
CA ASP F 244 36.95 4.19 -19.26
C ASP F 244 37.49 2.86 -18.77
N LEU F 245 36.59 1.91 -18.49
CA LEU F 245 37.01 0.59 -18.03
C LEU F 245 37.85 -0.07 -19.11
N ARG F 246 37.40 -0.01 -20.36
CA ARG F 246 38.16 -0.60 -21.48
C ARG F 246 39.54 0.07 -21.61
N THR F 247 39.55 1.39 -21.49
CA THR F 247 40.82 2.16 -21.55
C THR F 247 41.82 1.67 -20.52
N VAL F 248 41.37 1.52 -19.27
CA VAL F 248 42.27 1.09 -18.18
C VAL F 248 42.71 -0.38 -18.33
N LEU F 249 41.78 -1.27 -18.67
CA LEU F 249 42.11 -2.67 -18.89
C LEU F 249 43.17 -2.78 -20.01
N THR F 250 42.99 -2.00 -21.08
CA THR F 250 43.93 -2.01 -22.20
C THR F 250 45.31 -1.56 -21.73
N ILE F 251 45.38 -0.45 -21.01
CA ILE F 251 46.64 0.06 -20.47
C ILE F 251 47.32 -0.97 -19.57
N LEU F 252 46.52 -1.64 -18.74
CA LEU F 252 47.08 -2.67 -17.87
C LEU F 252 47.46 -3.94 -18.65
N HIS F 253 46.69 -4.27 -19.68
CA HIS F 253 46.95 -5.46 -20.52
C HIS F 253 48.21 -5.31 -21.39
N GLN F 254 48.67 -4.07 -21.57
CA GLN F 254 49.85 -3.77 -22.42
C GLN F 254 50.98 -3.10 -21.63
N ALA F 255 50.88 -3.16 -20.31
CA ALA F 255 51.86 -2.56 -19.42
C ALA F 255 53.09 -3.49 -19.32
C1 DQA G . -61.26 -4.67 9.64
C2 DQA G . -62.22 -4.18 8.56
C3 DQA G . -63.40 -5.15 8.44
O3 DQA G . -64.38 -4.65 7.55
C4 DQA G . -62.92 -6.49 7.90
O4 DQA G . -63.99 -7.45 7.86
C5 DQA G . -61.78 -7.07 8.74
C6 DQA G . -60.76 -6.07 9.33
C DQA G . -60.04 -3.78 9.77
O1 DQA G . -59.55 -3.28 8.75
O2 DQA G . -59.55 -3.58 10.92
O6 DQA G . -61.94 -4.66 10.92
C1 GOL H . -47.69 -2.68 -4.14
O1 GOL H . -48.34 -1.43 -4.25
C2 GOL H . -47.02 -3.01 -5.46
O2 GOL H . -46.17 -1.97 -5.85
C3 GOL H . -48.09 -3.22 -6.53
O3 GOL H . -47.53 -3.90 -7.61
C1 DQA I . -16.84 -5.71 -0.10
C2 DQA I . -17.83 -5.28 -1.17
C3 DQA I . -19.00 -6.25 -1.25
O3 DQA I . -19.98 -5.83 -2.23
C4 DQA I . -18.47 -7.61 -1.67
O4 DQA I . -19.54 -8.57 -1.64
C5 DQA I . -17.36 -8.14 -0.79
C6 DQA I . -16.32 -7.13 -0.34
C DQA I . -15.61 -4.84 -0.09
O1 DQA I . -15.12 -4.44 -1.16
O2 DQA I . -15.10 -4.56 1.03
O6 DQA I . -17.41 -5.66 1.22
C1 GOL J . -1.63 -3.36 -15.67
O1 GOL J . -1.31 -3.56 -17.03
C2 GOL J . -2.58 -4.45 -15.18
O2 GOL J . -3.55 -4.67 -16.18
C3 GOL J . -3.24 -4.08 -13.85
O3 GOL J . -4.10 -2.98 -13.99
C1 GOL K . -22.13 -1.73 5.95
O1 GOL K . -23.39 -2.28 6.26
C2 GOL K . -22.29 -0.25 5.63
O2 GOL K . -22.68 -0.10 4.27
C3 GOL K . -20.99 0.50 5.91
O3 GOL K . -20.69 0.42 7.28
C1 DQA L . 17.06 5.09 0.34
C2 DQA L . 17.60 6.13 -0.66
C3 DQA L . 18.85 6.79 -0.12
O3 DQA L . 19.46 7.68 -1.05
C4 DQA L . 18.48 7.59 1.11
O4 DQA L . 19.67 8.09 1.68
C5 DQA L . 17.76 6.78 2.17
C6 DQA L . 16.79 5.74 1.68
C DQA L . 15.76 4.48 -0.15
O1 DQA L . 14.94 5.15 -0.81
O2 DQA L . 15.56 3.29 0.12
O6 DQA L . 17.96 3.96 0.52
C1 GOL M . 31.95 6.63 8.27
O1 GOL M . 31.80 6.70 6.86
C2 GOL M . 31.82 5.20 8.77
O2 GOL M . 31.14 5.18 10.01
C3 GOL M . 33.20 4.55 8.98
O3 GOL M . 33.03 3.15 9.09
C1 GOL N . 22.41 -2.72 -3.65
O1 GOL N . 21.17 -3.23 -3.24
C2 GOL N . 22.22 -1.30 -4.16
O2 GOL N . 22.00 -1.37 -5.56
C3 GOL N . 23.44 -0.47 -3.82
O3 GOL N . 23.76 -0.54 -2.45
C1 GOL O . 0.20 14.12 -2.42
O1 GOL O . 0.85 14.11 -3.66
C2 GOL O . -0.63 15.39 -2.28
O2 GOL O . -1.68 15.43 -3.24
C3 GOL O . 0.28 16.61 -2.44
O3 GOL O . -0.29 17.70 -1.73
C1 GOL P . 8.53 -14.06 -1.91
O1 GOL P . 8.05 -12.85 -1.35
C2 GOL P . 7.37 -15.04 -2.02
O2 GOL P . 6.18 -14.45 -2.54
C3 GOL P . 7.06 -15.65 -0.66
O3 GOL P . 5.88 -16.44 -0.77
C1 DQA Q . -27.26 5.97 10.19
C2 DQA Q . -26.69 6.97 9.18
C3 DQA Q . -25.48 7.68 9.73
O3 DQA Q . -24.87 8.48 8.74
C4 DQA Q . -25.87 8.54 10.92
O4 DQA Q . -24.70 9.06 11.55
C5 DQA Q . -26.66 7.80 11.98
C6 DQA Q . -27.58 6.69 11.52
C DQA Q . -28.58 5.41 9.72
O1 DQA Q . -29.42 6.12 9.11
O2 DQA Q . -28.82 4.21 9.97
O6 DQA Q . -26.38 4.82 10.40
C1 GOL R . -12.46 7.10 17.91
O1 GOL R . -12.24 7.21 16.51
C2 GOL R . -12.57 5.65 18.34
O2 GOL R . -13.14 5.61 19.64
C3 GOL R . -11.17 5.04 18.38
O3 GOL R . -11.25 3.64 18.40
C1 GOL S . -23.86 28.31 15.62
O1 GOL S . -23.74 27.65 14.38
C2 GOL S . -23.12 27.52 16.69
O2 GOL S . -21.77 27.94 16.79
C3 GOL S . -23.77 27.72 18.06
O3 GOL S . -24.51 26.56 18.36
C1 DQA T . 61.56 4.96 -8.46
C2 DQA T . 62.25 5.85 -9.52
C3 DQA T . 63.42 6.63 -8.90
O3 DQA T . 64.09 7.42 -9.87
C4 DQA T . 62.92 7.58 -7.83
O4 DQA T . 64.03 8.20 -7.14
C5 DQA T . 62.04 6.91 -6.77
C6 DQA T . 61.14 5.78 -7.24
C DQA T . 60.29 4.28 -9.00
O1 DQA T . 59.48 4.89 -9.72
O2 DQA T . 60.07 3.09 -8.69
O6 DQA T . 62.47 3.91 -8.02
C1 GOL U . 58.09 23.98 2.37
O1 GOL U . 57.40 23.44 1.25
C2 GOL U . 59.37 23.17 2.57
O2 GOL U . 59.31 22.48 3.80
C3 GOL U . 60.58 24.08 2.56
O3 GOL U . 60.76 24.65 3.84
C1 GOL V . 76.37 5.59 -0.50
O1 GOL V . 76.51 6.11 -1.80
C2 GOL V . 75.45 6.48 0.30
O2 GOL V . 75.93 7.81 0.28
C3 GOL V . 75.38 5.95 1.71
O3 GOL V . 74.54 6.79 2.46
C1 GOL W . 65.53 8.62 -25.43
O1 GOL W . 66.46 7.84 -24.71
C2 GOL W . 66.23 9.80 -26.12
O2 GOL W . 65.78 11.04 -25.60
C3 GOL W . 66.01 9.72 -27.62
O3 GOL W . 65.32 10.86 -28.11
C1 DQA X . 27.85 -6.69 -9.47
C2 DQA X . 26.86 -6.29 -10.55
C3 DQA X . 25.73 -7.30 -10.74
O3 DQA X . 24.80 -6.85 -11.75
C4 DQA X . 26.27 -8.62 -11.20
O4 DQA X . 25.24 -9.62 -11.22
C5 DQA X . 27.39 -9.13 -10.32
C6 DQA X . 28.34 -8.13 -9.67
C DQA X . 29.09 -5.80 -9.46
O1 DQA X . 29.53 -5.33 -10.54
O2 DQA X . 29.63 -5.54 -8.37
O6 DQA X . 27.26 -6.58 -8.16
C1 GOL Y . 34.72 -8.20 8.35
O1 GOL Y . 33.70 -9.16 8.10
C2 GOL Y . 34.15 -6.79 8.51
O2 GOL Y . 34.37 -6.38 9.84
C3 GOL Y . 34.80 -5.78 7.58
O3 GOL Y . 34.08 -5.58 6.38
C1 GOL Z . 50.59 -9.66 -15.68
O1 GOL Z . 51.26 -9.00 -14.62
C2 GOL Z . 50.20 -8.64 -16.75
O2 GOL Z . 48.82 -8.43 -16.72
C3 GOL Z . 50.60 -9.15 -18.14
O3 GOL Z . 50.05 -8.31 -19.14
#